data_4IIE
#
_entry.id   4IIE
#
_cell.length_a   82.130
_cell.length_b   122.147
_cell.length_c   222.091
_cell.angle_alpha   90.00
_cell.angle_beta   90.00
_cell.angle_gamma   90.00
#
_symmetry.space_group_name_H-M   'P 21 21 21'
#
loop_
_entity.id
_entity.type
_entity.pdbx_description
1 polymer 'Beta-glucosidase 1'
2 branched alpha-D-mannopyranose-(1-6)-beta-D-mannopyranose-(1-4)-2-acetamido-2-deoxy-beta-D-glucopyranose-(1-4)-2-acetamido-2-deoxy-beta-D-glucopyranose
3 branched beta-D-mannopyranose-(1-4)-2-acetamido-2-deoxy-beta-D-glucopyranose-(1-4)-2-acetamido-2-deoxy-beta-D-glucopyranose
4 branched 2-acetamido-2-deoxy-beta-D-glucopyranose-(1-4)-2-acetamido-2-deoxy-beta-D-glucopyranose
5 branched alpha-D-mannopyranose-(1-2)-alpha-D-mannopyranose-(1-3)-[alpha-D-mannopyranose-(1-2)-alpha-D-mannopyranose-(1-6)]alpha-D-mannopyranose-(1-6)-[alpha-D-mannopyranose-(1-2)-alpha-D-mannopyranose-(1-3)]beta-D-mannopyranose-(1-4)-2-acetamido-2-deoxy-beta-D-glucopyranose-(1-4)-2-acetamido-2-deoxy-beta-D-glucopyranose
6 branched alpha-D-mannopyranose-(1-2)-alpha-D-mannopyranose-(1-6)-alpha-D-mannopyranose-(1-6)-[alpha-D-mannopyranose-(1-3)]beta-D-mannopyranose-(1-4)-2-acetamido-2-deoxy-beta-D-glucopyranose-(1-4)-2-acetamido-2-deoxy-beta-D-glucopyranose
7 branched alpha-D-mannopyranose-(1-2)-alpha-D-mannopyranose-(1-3)-[alpha-D-mannopyranose-(1-6)]alpha-D-mannopyranose-(1-6)-beta-D-mannopyranose-(1-4)-2-acetamido-2-deoxy-beta-D-glucopyranose-(1-4)-2-acetamido-2-deoxy-beta-D-glucopyranose
8 branched alpha-D-mannopyranose-(1-2)-alpha-D-mannopyranose-(1-2)-alpha-D-mannopyranose-(1-3)-[alpha-D-mannopyranose-(1-6)]beta-D-mannopyranose-(1-4)-2-acetamido-2-deoxy-beta-D-glucopyranose-(1-4)-2-acetamido-2-deoxy-beta-D-glucopyranose
9 branched alpha-D-mannopyranose-(1-3)-alpha-D-mannopyranose-(1-6)-[alpha-D-mannopyranose-(1-3)]beta-D-mannopyranose-(1-4)-2-acetamido-2-deoxy-beta-D-glucopyranose-(1-4)-2-acetamido-2-deoxy-beta-D-glucopyranose
10 branched alpha-D-mannopyranose-(1-2)-alpha-D-mannopyranose-(1-3)-[alpha-D-mannopyranose-(1-6)]alpha-D-mannopyranose-(1-6)-[alpha-D-mannopyranose-(1-3)]beta-D-mannopyranose-(1-4)-2-acetamido-2-deoxy-beta-D-glucopyranose-(1-4)-2-acetamido-2-deoxy-beta-D-glucopyranose
11 non-polymer 2-acetamido-2-deoxy-beta-D-glucopyranose
12 non-polymer (4R)-2-METHYLPENTANE-2,4-DIOL
13 non-polymer 'SODIUM ION'
14 non-polymer 'CALYSTEGINE B2'
15 water water
#
_entity_poly.entity_id   1
_entity_poly.type   'polypeptide(L)'
_entity_poly.pdbx_seq_one_letter_code
;DELAFSPPFYPSPWANGQGEWAEAYQRAVAIVSQMTLDEKVNLTTGTGWELEKCVGQTGGVPRLNIGGMCLQDSPLGIRD
SDYNSAFPAGVNVAATWDKNLAYLRGQAMGQEFSDKGIDVQLGPAAGPLGRSPDGGRNWEGFSPDPALTGVLFAETIKGI
QDAGVVATAKHYILNEQEHFRQVAEAAGYGFNISDTISSNVDDKTIHEMYLWPFADAVRAGVGAIMCSYNQINNSYGCQN
SYTLNKLLKAELGFQGFVMSDWGAHHSGVGSALAGLDMSMPGDITFDSATSFWGTNLTIAVLNGTVPQWRVDDMAVRIMA
AYYKVGRDRLYQPPNFSSWTRDEYGFKYFYPQEGPYEKVNHFVNVQRNHSEVIRKLGADSTVLLKNNNALPLTGKERKVA
ILGEDAGSNSYGANGCSDRGCDNGTLAMAWGSGTAEFPYLVTPEQAIQAEVLKHKGSVYAITDNWALSQVETLAKQASVS
LVFVNSDAGEGYISVDGNEGDRNNLTLWKNGDNLIKAAANNCNNTIVVIHSVGPVLVDEWYDHPNVTAILWAGLPGQESG
NSLADVLYGRVNPGAKSPFTWGKTREAYGDYLVRELNNGNGAPQDDFSEGVFIDYRGFDKRNETPIYEFGHGLSYTTFNY
SGLHIQVLNASSNAQVATETGAAPTFGQVGNASDYVYPEGLTRISKFIYPWLNSTDLKASSGDPYYGVDTAEHVPEGATD
GSPQPVLPAGGGSGGNPRLYDELIRVSVTVKNTGRVAGDAVPQLYVSLGGPNEPKVVLRKFDRLTLKPSEETVWTTTLTR
RDLSNWDVAAQDWVITSYPKKVHVGSSSRQLPLHAALPKVQ
;
_entity_poly.pdbx_strand_id   A,B
#
# COMPACT_ATOMS: atom_id res chain seq x y z
N LEU A 3 21.87 3.86 50.65
CA LEU A 3 21.04 3.14 49.60
C LEU A 3 19.60 3.07 50.12
N ALA A 4 18.64 3.46 49.29
CA ALA A 4 17.20 3.30 49.62
C ALA A 4 16.94 1.94 50.24
N PHE A 5 16.08 1.91 51.25
CA PHE A 5 15.79 0.69 52.02
C PHE A 5 14.23 0.52 52.02
N SER A 6 13.77 -0.71 51.93
CA SER A 6 12.39 -0.96 51.96
C SER A 6 12.00 -1.64 53.29
N PRO A 7 11.30 -0.90 54.20
CA PRO A 7 10.93 -1.47 55.55
C PRO A 7 9.99 -2.68 55.44
N PRO A 8 10.07 -3.64 56.39
CA PRO A 8 9.30 -4.90 56.34
C PRO A 8 7.85 -4.66 56.71
N PHE A 9 6.92 -5.45 56.23
CA PHE A 9 5.59 -5.41 56.73
C PHE A 9 5.10 -6.84 56.65
N TYR A 10 4.81 -7.43 57.82
CA TYR A 10 4.41 -8.82 57.96
C TYR A 10 3.39 -8.88 59.09
N PRO A 11 2.49 -9.86 59.08
CA PRO A 11 2.34 -10.95 58.17
C PRO A 11 1.60 -10.49 56.87
N SER A 12 1.65 -11.39 55.89
CA SER A 12 0.97 -11.24 54.61
C SER A 12 -0.55 -11.34 54.85
N PRO A 13 -1.28 -10.22 54.72
CA PRO A 13 -2.73 -10.26 55.07
C PRO A 13 -3.49 -11.35 54.36
N TRP A 14 -4.41 -11.99 55.10
CA TRP A 14 -5.22 -13.09 54.48
C TRP A 14 -6.54 -12.54 53.98
N ALA A 15 -7.10 -13.21 52.94
CA ALA A 15 -8.41 -12.86 52.39
C ALA A 15 -9.50 -12.90 53.44
N ASN A 16 -10.56 -12.14 53.28
CA ASN A 16 -11.64 -12.15 54.28
C ASN A 16 -13.03 -12.05 53.65
N GLY A 17 -13.20 -12.24 52.35
CA GLY A 17 -14.58 -12.01 51.80
C GLY A 17 -15.05 -10.54 51.77
N GLN A 18 -14.11 -9.60 51.70
CA GLN A 18 -14.41 -8.16 51.70
C GLN A 18 -15.43 -7.73 50.62
N GLY A 19 -16.46 -6.98 50.99
CA GLY A 19 -17.45 -6.36 50.02
C GLY A 19 -17.99 -7.30 48.94
N GLU A 20 -17.67 -7.03 47.67
CA GLU A 20 -18.25 -7.81 46.56
C GLU A 20 -17.57 -9.16 46.41
N TRP A 21 -16.54 -9.43 47.23
CA TRP A 21 -15.91 -10.77 47.22
C TRP A 21 -16.53 -11.83 48.13
N ALA A 22 -17.61 -11.51 48.85
CA ALA A 22 -18.17 -12.47 49.86
C ALA A 22 -18.47 -13.85 49.26
N GLU A 23 -19.26 -13.87 48.21
CA GLU A 23 -19.65 -15.13 47.64
C GLU A 23 -18.46 -15.92 47.06
N ALA A 24 -17.59 -15.25 46.27
CA ALA A 24 -16.47 -15.91 45.63
C ALA A 24 -15.54 -16.50 46.75
N TYR A 25 -15.34 -15.76 47.85
CA TYR A 25 -14.41 -16.22 48.93
C TYR A 25 -14.98 -17.52 49.57
N GLN A 26 -16.32 -17.56 49.72
CA GLN A 26 -17.00 -18.68 50.38
C GLN A 26 -16.84 -19.87 49.48
N ARG A 27 -17.03 -19.66 48.19
CA ARG A 27 -16.84 -20.80 47.25
C ARG A 27 -15.40 -21.26 47.14
N ALA A 28 -14.48 -20.31 47.15
CA ALA A 28 -13.05 -20.62 47.16
C ALA A 28 -12.67 -21.44 48.40
N VAL A 29 -13.13 -20.99 49.58
CA VAL A 29 -12.92 -21.69 50.86
C VAL A 29 -13.41 -23.15 50.82
N ALA A 30 -14.61 -23.35 50.26
CA ALA A 30 -15.24 -24.64 50.23
C ALA A 30 -14.44 -25.62 49.39
N ILE A 31 -13.87 -25.13 48.27
CA ILE A 31 -13.08 -26.03 47.40
C ILE A 31 -11.64 -26.21 47.88
N VAL A 32 -11.03 -25.12 48.36
CA VAL A 32 -9.63 -25.23 48.79
C VAL A 32 -9.58 -26.21 50.03
N SER A 33 -10.64 -26.18 50.86
CA SER A 33 -10.82 -27.09 52.01
C SER A 33 -10.75 -28.58 51.60
N GLN A 34 -11.16 -28.90 50.36
CA GLN A 34 -11.08 -30.26 49.81
C GLN A 34 -9.71 -30.66 49.20
N MET A 35 -8.73 -29.77 49.22
CA MET A 35 -7.55 -30.00 48.42
C MET A 35 -6.38 -30.51 49.24
N THR A 36 -5.52 -31.30 48.61
CA THR A 36 -4.25 -31.70 49.21
C THR A 36 -3.22 -30.60 49.05
N LEU A 37 -2.13 -30.66 49.83
CA LEU A 37 -1.06 -29.65 49.76
C LEU A 37 -0.52 -29.48 48.35
N ASP A 38 -0.24 -30.61 47.66
CA ASP A 38 0.34 -30.56 46.33
C ASP A 38 -0.68 -29.99 45.30
N GLU A 39 -1.98 -30.24 45.49
CA GLU A 39 -3.00 -29.59 44.66
C GLU A 39 -3.03 -28.04 44.83
N LYS A 40 -2.99 -27.52 46.08
CA LYS A 40 -2.87 -26.09 46.35
C LYS A 40 -1.62 -25.52 45.71
N VAL A 41 -0.52 -26.26 45.81
CA VAL A 41 0.74 -25.82 45.21
C VAL A 41 0.61 -25.70 43.68
N ASN A 42 -0.11 -26.65 43.08
CA ASN A 42 -0.36 -26.61 41.65
C ASN A 42 -0.98 -25.27 41.22
N LEU A 43 -1.91 -24.74 41.99
CA LEU A 43 -2.65 -23.51 41.67
C LEU A 43 -1.72 -22.34 41.65
N THR A 44 -0.67 -22.37 42.52
CA THR A 44 0.28 -21.26 42.66
C THR A 44 1.44 -21.19 41.69
N THR A 45 1.71 -22.25 40.96
CA THR A 45 2.96 -22.30 40.19
C THR A 45 2.73 -22.67 38.75
N GLY A 46 3.28 -21.85 37.83
CA GLY A 46 3.17 -22.21 36.42
C GLY A 46 3.92 -23.49 36.09
N THR A 47 3.68 -24.09 34.92
CA THR A 47 4.26 -25.37 34.60
C THR A 47 5.60 -25.26 33.86
N GLY A 48 6.09 -24.06 33.56
CA GLY A 48 7.35 -24.01 32.82
C GLY A 48 7.20 -23.23 31.52
N TRP A 49 8.24 -22.49 31.13
CA TRP A 49 8.18 -21.68 29.90
C TRP A 49 7.84 -22.57 28.67
N GLU A 50 6.68 -22.30 28.06
CA GLU A 50 6.26 -22.97 26.80
C GLU A 50 6.09 -24.45 26.97
N LEU A 51 5.68 -24.85 28.18
CA LEU A 51 5.33 -26.26 28.40
C LEU A 51 3.90 -26.57 27.93
N GLU A 52 3.01 -25.58 28.00
CA GLU A 52 1.63 -25.89 27.63
C GLU A 52 1.15 -24.87 26.50
N LYS A 53 -0.08 -24.32 26.55
CA LYS A 53 -0.56 -23.49 25.40
C LYS A 53 -0.33 -21.99 25.59
N CYS A 54 -0.52 -21.49 26.84
CA CYS A 54 -0.59 -20.06 27.14
C CYS A 54 0.73 -19.48 27.59
N VAL A 55 0.91 -18.15 27.46
CA VAL A 55 2.17 -17.58 27.90
C VAL A 55 2.47 -17.87 29.37
N GLY A 56 1.43 -17.96 30.19
CA GLY A 56 1.56 -18.55 31.55
C GLY A 56 0.49 -19.62 31.69
N GLN A 57 0.78 -20.74 32.38
CA GLN A 57 -0.26 -21.77 32.51
C GLN A 57 0.03 -22.54 33.80
N THR A 58 -0.98 -22.68 34.68
CA THR A 58 -0.81 -23.61 35.86
C THR A 58 -1.33 -25.02 35.54
N GLY A 59 -1.05 -26.02 36.38
CA GLY A 59 -1.50 -27.38 36.09
C GLY A 59 -2.91 -27.67 36.55
N GLY A 60 -3.50 -26.77 37.33
CA GLY A 60 -4.86 -26.97 37.81
C GLY A 60 -4.92 -28.10 38.86
N VAL A 61 -6.16 -28.55 39.13
CA VAL A 61 -6.46 -29.52 40.19
C VAL A 61 -7.39 -30.56 39.52
N PRO A 62 -6.78 -31.53 38.82
CA PRO A 62 -7.67 -32.42 38.02
C PRO A 62 -8.59 -33.32 38.87
N ARG A 63 -8.18 -33.73 40.07
CA ARG A 63 -9.10 -34.48 40.93
C ARG A 63 -10.32 -33.67 41.19
N LEU A 64 -10.23 -32.35 41.30
CA LEU A 64 -11.44 -31.55 41.59
C LEU A 64 -12.06 -30.86 40.35
N ASN A 65 -11.61 -31.32 39.18
CA ASN A 65 -12.15 -30.85 37.92
C ASN A 65 -11.85 -29.34 37.76
N ILE A 66 -10.68 -28.88 38.22
CA ILE A 66 -10.26 -27.50 38.01
C ILE A 66 -9.23 -27.53 36.88
N GLY A 67 -9.57 -27.00 35.68
CA GLY A 67 -8.65 -26.96 34.54
C GLY A 67 -7.46 -26.08 34.92
N GLY A 68 -6.28 -26.41 34.40
CA GLY A 68 -5.12 -25.49 34.47
C GLY A 68 -5.53 -24.07 34.03
N MET A 69 -4.97 -23.07 34.72
CA MET A 69 -5.27 -21.65 34.43
C MET A 69 -4.42 -21.17 33.31
N CYS A 70 -5.10 -20.69 32.27
CA CYS A 70 -4.41 -20.18 31.07
C CYS A 70 -4.39 -18.63 31.19
N LEU A 71 -3.18 -18.10 31.25
CA LEU A 71 -2.89 -16.60 31.36
C LEU A 71 -2.27 -16.20 30.03
N GLN A 72 -2.78 -15.15 29.40
CA GLN A 72 -2.34 -14.76 28.05
C GLN A 72 -2.21 -13.25 27.93
N ASP A 73 -1.11 -12.80 27.35
CA ASP A 73 -1.00 -11.37 26.91
C ASP A 73 -2.09 -11.11 25.79
N SER A 74 -2.42 -9.84 25.42
CA SER A 74 -1.87 -8.59 25.92
C SER A 74 -2.99 -7.64 26.38
N PRO A 75 -2.65 -6.40 26.84
CA PRO A 75 -3.65 -5.40 27.23
C PRO A 75 -4.45 -4.88 26.05
N LEU A 76 -4.05 -5.19 24.80
CA LEU A 76 -4.86 -4.69 23.66
C LEU A 76 -5.38 -5.77 22.71
N GLY A 77 -5.40 -7.05 23.13
CA GLY A 77 -5.82 -8.12 22.24
C GLY A 77 -5.03 -9.38 22.51
N ILE A 78 -5.60 -10.53 22.09
CA ILE A 78 -4.91 -11.82 22.38
C ILE A 78 -3.57 -11.91 21.64
N ARG A 79 -2.48 -12.17 22.38
CA ARG A 79 -1.16 -12.27 21.80
C ARG A 79 -0.94 -13.72 21.25
N ASP A 80 -0.14 -13.86 20.17
CA ASP A 80 0.44 -15.17 19.79
C ASP A 80 -0.65 -16.17 19.44
N SER A 81 -1.67 -15.65 18.78
CA SER A 81 -2.82 -16.50 18.52
C SER A 81 -3.33 -16.32 17.11
N ASP A 82 -4.58 -16.68 16.84
CA ASP A 82 -5.05 -16.41 15.46
C ASP A 82 -6.49 -16.10 15.42
N TYR A 83 -6.97 -15.43 14.32
CA TYR A 83 -8.34 -15.00 14.18
C TYR A 83 -8.85 -14.23 15.42
N ASN A 84 -8.02 -13.32 15.94
CA ASN A 84 -8.36 -12.43 17.04
C ASN A 84 -8.29 -11.01 16.47
N SER A 85 -8.82 -10.04 17.16
CA SER A 85 -8.64 -8.64 16.81
C SER A 85 -7.44 -7.97 17.45
N ALA A 86 -7.06 -6.81 16.91
CA ALA A 86 -5.99 -5.98 17.44
C ALA A 86 -6.58 -4.62 17.75
N PHE A 87 -6.84 -4.35 19.03
CA PHE A 87 -7.45 -3.13 19.46
C PHE A 87 -6.47 -1.96 19.54
N PRO A 88 -6.96 -0.71 19.72
CA PRO A 88 -6.00 0.38 19.85
C PRO A 88 -5.33 0.25 21.23
N ALA A 89 -4.17 0.84 21.40
CA ALA A 89 -3.42 0.71 22.66
C ALA A 89 -4.11 1.44 23.80
N GLY A 90 -3.68 1.15 25.04
CA GLY A 90 -4.26 1.84 26.20
C GLY A 90 -4.10 3.37 26.08
N VAL A 91 -3.00 3.86 25.52
CA VAL A 91 -2.87 5.34 25.41
C VAL A 91 -3.99 5.96 24.53
N ASN A 92 -4.41 5.29 23.46
CA ASN A 92 -5.63 5.77 22.75
C ASN A 92 -6.82 5.79 23.66
N VAL A 93 -7.04 4.72 24.44
CA VAL A 93 -8.16 4.76 25.42
C VAL A 93 -8.14 6.06 26.27
N ALA A 94 -6.97 6.40 26.84
CA ALA A 94 -6.81 7.65 27.54
C ALA A 94 -7.25 8.90 26.72
N ALA A 95 -6.78 8.99 25.46
CA ALA A 95 -7.07 10.12 24.59
C ALA A 95 -8.57 10.20 24.39
N THR A 96 -9.33 9.10 24.55
CA THR A 96 -10.81 9.22 24.24
C THR A 96 -11.45 9.94 25.42
N TRP A 97 -10.80 9.88 26.60
CA TRP A 97 -11.45 10.44 27.82
C TRP A 97 -12.89 9.87 28.02
N ASP A 98 -13.12 8.63 27.57
CA ASP A 98 -14.46 8.06 27.43
C ASP A 98 -14.58 6.76 28.21
N LYS A 99 -15.18 6.85 29.41
CA LYS A 99 -15.36 5.71 30.33
C LYS A 99 -16.13 4.62 29.62
N ASN A 100 -17.15 5.01 28.84
CA ASN A 100 -17.97 4.01 28.14
C ASN A 100 -17.13 3.23 27.08
N LEU A 101 -16.37 3.93 26.26
CA LEU A 101 -15.48 3.23 25.29
C LEU A 101 -14.44 2.37 25.99
N ALA A 102 -13.89 2.87 27.14
CA ALA A 102 -12.95 2.04 27.89
C ALA A 102 -13.61 0.67 28.30
N TYR A 103 -14.82 0.75 28.85
CA TYR A 103 -15.62 -0.45 29.21
C TYR A 103 -15.89 -1.35 27.99
N LEU A 104 -16.34 -0.75 26.89
CA LEU A 104 -16.69 -1.57 25.68
C LEU A 104 -15.48 -2.24 25.05
N ARG A 105 -14.33 -1.55 25.08
CA ARG A 105 -13.07 -2.19 24.66
C ARG A 105 -12.75 -3.39 25.56
N GLY A 106 -12.96 -3.24 26.87
CA GLY A 106 -12.57 -4.32 27.82
C GLY A 106 -13.55 -5.49 27.57
N GLN A 107 -14.85 -5.15 27.40
CA GLN A 107 -15.80 -6.23 27.09
C GLN A 107 -15.51 -7.01 25.82
N ALA A 108 -15.22 -6.30 24.73
CA ALA A 108 -14.94 -7.01 23.43
C ALA A 108 -13.63 -7.84 23.61
N MET A 109 -12.57 -7.30 24.23
CA MET A 109 -11.38 -8.13 24.54
C MET A 109 -11.74 -9.36 25.39
N GLY A 110 -12.48 -9.17 26.50
CA GLY A 110 -12.84 -10.34 27.33
C GLY A 110 -13.63 -11.40 26.56
N GLN A 111 -14.61 -11.03 25.73
CA GLN A 111 -15.28 -12.03 24.90
C GLN A 111 -14.27 -12.82 24.07
N GLU A 112 -13.34 -12.14 23.37
CA GLU A 112 -12.31 -12.85 22.57
C GLU A 112 -11.46 -13.80 23.40
N PHE A 113 -10.87 -13.29 24.50
CA PHE A 113 -10.04 -14.14 25.36
C PHE A 113 -10.87 -15.36 25.82
N SER A 114 -12.11 -15.11 26.24
CA SER A 114 -12.92 -16.23 26.83
C SER A 114 -13.11 -17.33 25.78
N ASP A 115 -13.42 -16.86 24.56
CA ASP A 115 -13.71 -17.78 23.44
C ASP A 115 -12.49 -18.57 22.99
N LYS A 116 -11.26 -18.14 23.35
CA LYS A 116 -10.08 -18.93 23.00
C LYS A 116 -9.74 -19.95 24.17
N GLY A 117 -10.58 -19.96 25.20
CA GLY A 117 -10.29 -20.81 26.41
C GLY A 117 -9.17 -20.22 27.29
N ILE A 118 -9.08 -18.88 27.33
CA ILE A 118 -8.09 -18.17 28.23
C ILE A 118 -8.87 -17.74 29.46
N ASP A 119 -8.27 -17.93 30.61
CA ASP A 119 -8.99 -17.62 31.90
C ASP A 119 -8.61 -16.28 32.48
N VAL A 120 -7.39 -15.88 32.20
CA VAL A 120 -6.82 -14.63 32.74
C VAL A 120 -6.25 -13.77 31.59
N GLN A 121 -6.70 -12.54 31.45
CA GLN A 121 -6.02 -11.61 30.50
C GLN A 121 -4.91 -10.86 31.27
N LEU A 122 -3.76 -10.80 30.69
CA LEU A 122 -2.61 -10.13 31.33
C LEU A 122 -2.65 -8.64 30.94
N GLY A 123 -3.63 -7.92 31.50
CA GLY A 123 -3.81 -6.45 31.24
C GLY A 123 -5.11 -6.20 31.98
N PRO A 124 -5.50 -4.94 32.11
CA PRO A 124 -4.80 -3.79 31.48
C PRO A 124 -3.59 -3.31 32.36
N ALA A 125 -2.93 -2.18 31.98
CA ALA A 125 -1.66 -1.70 32.57
C ALA A 125 -1.91 -0.28 33.00
N ALA A 126 -1.44 0.03 34.22
CA ALA A 126 -1.41 1.43 34.71
C ALA A 126 -0.02 1.64 35.36
N GLY A 127 0.86 0.71 35.10
CA GLY A 127 2.25 0.78 35.51
C GLY A 127 3.08 0.20 34.38
N PRO A 128 3.91 1.03 33.71
CA PRO A 128 4.27 2.45 33.98
C PRO A 128 3.10 3.39 33.92
N LEU A 129 3.05 4.29 34.89
CA LEU A 129 2.07 5.37 34.82
C LEU A 129 2.48 6.32 33.73
N GLY A 130 3.80 6.55 33.64
CA GLY A 130 4.32 7.51 32.69
C GLY A 130 5.21 8.61 33.26
N ARG A 131 6.06 8.27 34.23
CA ARG A 131 7.05 9.25 34.77
C ARG A 131 7.89 10.00 33.72
N SER A 132 8.35 9.32 32.68
CA SER A 132 9.26 9.91 31.65
C SER A 132 8.62 9.76 30.23
N PRO A 133 8.53 10.85 29.46
CA PRO A 133 7.85 10.81 28.14
C PRO A 133 8.53 9.81 27.20
N ASP A 134 9.80 9.46 27.45
CA ASP A 134 10.50 8.48 26.61
C ASP A 134 10.50 7.03 27.15
N GLY A 135 9.74 6.76 28.19
CA GLY A 135 9.69 5.35 28.72
C GLY A 135 9.07 4.38 27.69
N GLY A 136 9.64 3.16 27.57
CA GLY A 136 9.34 2.30 26.42
C GLY A 136 7.93 1.73 26.44
N ARG A 137 7.27 1.69 27.61
CA ARG A 137 5.96 1.02 27.71
C ARG A 137 4.80 1.91 28.17
N ASN A 138 4.99 3.22 28.24
CA ASN A 138 3.92 4.09 28.73
C ASN A 138 2.63 3.87 27.87
N TRP A 139 2.82 3.67 26.59
CA TRP A 139 1.68 3.49 25.64
C TRP A 139 0.81 2.31 25.98
N GLU A 140 1.34 1.28 26.67
CA GLU A 140 0.46 0.14 27.04
C GLU A 140 -0.60 0.49 28.09
N GLY A 141 -0.27 1.57 28.86
CA GLY A 141 -1.05 2.06 30.00
C GLY A 141 -2.03 3.13 29.51
N PHE A 142 -2.13 4.27 30.23
CA PHE A 142 -3.17 5.22 29.86
C PHE A 142 -2.54 6.61 29.77
N SER A 143 -2.37 7.25 30.95
CA SER A 143 -1.93 8.65 31.06
C SER A 143 -0.98 8.82 32.26
N PRO A 144 -0.08 9.85 32.22
CA PRO A 144 0.76 10.14 33.41
C PRO A 144 -0.13 10.75 34.52
N ASP A 145 -1.38 11.07 34.21
CA ASP A 145 -2.32 11.57 35.22
C ASP A 145 -3.01 10.38 35.98
N PRO A 146 -2.94 10.35 37.35
CA PRO A 146 -3.55 9.24 38.09
C PRO A 146 -5.08 9.21 38.00
N ALA A 147 -5.76 10.34 38.00
CA ALA A 147 -7.22 10.27 38.04
C ALA A 147 -7.77 9.75 36.66
N LEU A 148 -7.23 10.30 35.58
CA LEU A 148 -7.62 9.89 34.21
C LEU A 148 -7.28 8.38 34.07
N THR A 149 -6.07 8.01 34.44
CA THR A 149 -5.67 6.58 34.31
C THR A 149 -6.51 5.66 35.17
N GLY A 150 -6.71 6.01 36.46
CA GLY A 150 -7.45 5.17 37.36
C GLY A 150 -8.88 4.86 36.93
N VAL A 151 -9.61 5.86 36.49
CA VAL A 151 -10.96 5.63 36.04
C VAL A 151 -11.02 4.70 34.78
N LEU A 152 -10.18 5.00 33.78
CA LEU A 152 -10.19 4.21 32.55
C LEU A 152 -9.66 2.78 32.74
N PHE A 153 -8.64 2.65 33.60
CA PHE A 153 -8.10 1.30 34.05
C PHE A 153 -9.24 0.49 34.65
N ALA A 154 -9.96 1.09 35.59
CA ALA A 154 -11.06 0.42 36.26
C ALA A 154 -12.19 0.03 35.26
N GLU A 155 -12.60 0.95 34.39
CA GLU A 155 -13.67 0.61 33.43
C GLU A 155 -13.16 -0.52 32.51
N THR A 156 -11.85 -0.50 32.12
CA THR A 156 -11.32 -1.57 31.25
C THR A 156 -11.45 -2.94 31.99
N ILE A 157 -11.00 -3.01 33.25
CA ILE A 157 -11.09 -4.24 34.07
C ILE A 157 -12.54 -4.66 34.18
N LYS A 158 -13.47 -3.75 34.40
CA LYS A 158 -14.88 -4.20 34.52
C LYS A 158 -15.45 -4.79 33.24
N GLY A 159 -15.10 -4.21 32.09
CA GLY A 159 -15.57 -4.77 30.79
C GLY A 159 -15.01 -6.17 30.68
N ILE A 160 -13.71 -6.34 30.96
CA ILE A 160 -13.11 -7.67 30.78
C ILE A 160 -13.74 -8.70 31.74
N GLN A 161 -13.87 -8.30 33.03
CA GLN A 161 -14.37 -9.25 34.09
C GLN A 161 -15.85 -9.54 33.88
N ASP A 162 -16.60 -8.56 33.49
CA ASP A 162 -18.06 -8.77 33.20
C ASP A 162 -18.24 -9.74 32.03
N ALA A 163 -17.22 -9.85 31.15
CA ALA A 163 -17.17 -10.84 30.07
C ALA A 163 -16.66 -12.22 30.52
N GLY A 164 -16.30 -12.38 31.78
CA GLY A 164 -16.09 -13.75 32.23
C GLY A 164 -14.61 -14.08 32.20
N VAL A 165 -13.71 -13.07 32.20
CA VAL A 165 -12.25 -13.41 32.17
C VAL A 165 -11.58 -12.65 33.31
N VAL A 166 -10.64 -13.26 34.03
CA VAL A 166 -9.93 -12.50 35.13
C VAL A 166 -9.04 -11.45 34.51
N ALA A 167 -9.18 -10.16 34.90
CA ALA A 167 -8.21 -9.16 34.47
C ALA A 167 -6.99 -9.09 35.42
N THR A 168 -5.85 -8.71 34.87
CA THR A 168 -4.59 -8.58 35.66
C THR A 168 -4.08 -7.15 35.61
N ALA A 169 -4.20 -6.44 36.74
CA ALA A 169 -3.79 -5.02 36.80
C ALA A 169 -2.26 -5.07 36.91
N LYS A 170 -1.51 -4.53 35.93
CA LYS A 170 -0.04 -4.66 35.91
C LYS A 170 0.60 -3.27 35.59
N HIS A 171 1.90 -3.07 35.75
CA HIS A 171 2.87 -3.89 36.50
C HIS A 171 3.01 -3.16 37.83
N TYR A 172 2.82 -3.90 38.90
CA TYR A 172 2.77 -3.29 40.23
C TYR A 172 4.22 -3.49 40.87
N ILE A 173 5.06 -2.46 40.92
CA ILE A 173 4.72 -1.02 40.76
C ILE A 173 6.06 -0.28 40.53
N LEU A 174 6.03 0.90 39.91
CA LEU A 174 7.18 1.76 39.66
C LEU A 174 8.10 1.24 38.59
N ASN A 175 7.57 0.40 37.68
CA ASN A 175 8.38 -0.08 36.52
C ASN A 175 8.35 0.99 35.40
N GLU A 176 8.93 2.15 35.70
CA GLU A 176 8.71 3.35 34.93
C GLU A 176 9.65 3.53 33.72
N GLN A 177 10.62 2.62 33.62
CA GLN A 177 11.53 2.58 32.44
C GLN A 177 11.92 1.18 32.07
N GLU A 178 12.35 0.97 30.83
CA GLU A 178 12.80 -0.36 30.45
C GLU A 178 14.31 -0.64 30.74
N HIS A 179 15.14 0.37 30.62
CA HIS A 179 16.63 0.18 30.86
C HIS A 179 16.87 -0.39 32.25
N PHE A 180 17.55 -1.56 32.28
CA PHE A 180 18.09 -2.17 33.54
C PHE A 180 16.96 -2.84 34.27
N ARG A 181 15.85 -3.11 33.55
CA ARG A 181 14.73 -3.72 34.21
C ARG A 181 15.01 -5.18 34.56
N GLN A 182 15.91 -5.90 33.82
CA GLN A 182 16.17 -7.31 34.06
C GLN A 182 17.68 -7.46 33.88
N VAL A 183 18.29 -8.30 34.72
CA VAL A 183 19.77 -8.45 34.70
C VAL A 183 20.26 -9.08 33.36
N ALA A 184 19.69 -10.20 32.93
CA ALA A 184 20.23 -10.90 31.75
C ALA A 184 19.90 -10.01 30.52
N GLU A 185 18.78 -9.33 30.55
CA GLU A 185 18.52 -8.40 29.46
C GLU A 185 19.56 -7.28 29.38
N ALA A 186 19.85 -6.67 30.53
CA ALA A 186 20.91 -5.63 30.52
C ALA A 186 22.30 -6.17 30.06
N ALA A 187 22.59 -7.43 30.38
CA ALA A 187 23.87 -8.04 29.99
C ALA A 187 23.92 -8.19 28.47
N GLY A 188 22.82 -8.63 27.84
CA GLY A 188 22.70 -8.61 26.35
C GLY A 188 22.87 -7.24 25.73
N TYR A 189 22.66 -6.16 26.48
CA TYR A 189 22.97 -4.87 25.91
C TYR A 189 24.36 -4.32 26.36
N GLY A 190 25.16 -5.17 26.99
CA GLY A 190 26.54 -4.75 27.46
C GLY A 190 26.64 -4.14 28.85
N PHE A 191 25.61 -4.25 29.69
CA PHE A 191 25.64 -3.66 31.00
C PHE A 191 25.65 -4.79 32.00
N ASN A 192 26.65 -4.76 32.89
CA ASN A 192 26.85 -5.83 33.90
C ASN A 192 26.23 -5.28 35.22
N ILE A 193 25.10 -5.82 35.62
CA ILE A 193 24.44 -5.32 36.91
C ILE A 193 24.12 -6.50 37.75
N SER A 194 24.24 -6.36 39.06
CA SER A 194 24.01 -7.63 39.80
C SER A 194 22.53 -7.82 40.19
N ASP A 195 21.76 -6.75 40.20
CA ASP A 195 20.30 -6.76 40.48
C ASP A 195 19.57 -5.67 39.62
N THR A 196 18.24 -5.76 39.52
CA THR A 196 17.52 -4.82 38.61
C THR A 196 17.41 -3.40 39.19
N ILE A 197 17.18 -2.43 38.26
CA ILE A 197 16.97 -1.05 38.62
C ILE A 197 16.03 -0.96 39.85
N SER A 198 16.37 -0.04 40.77
CA SER A 198 15.59 0.22 41.92
C SER A 198 14.90 1.56 41.83
N SER A 199 13.56 1.55 41.83
CA SER A 199 12.81 2.79 41.82
C SER A 199 12.73 3.21 43.30
N ASN A 200 13.14 4.43 43.62
CA ASN A 200 13.12 4.89 44.98
C ASN A 200 12.27 6.07 45.08
N VAL A 201 11.19 5.93 45.85
CA VAL A 201 10.13 6.91 45.85
C VAL A 201 9.63 7.12 47.29
N ASP A 202 9.30 8.35 47.60
CA ASP A 202 8.74 8.65 48.97
C ASP A 202 7.29 8.19 49.09
N ASP A 203 6.85 8.09 50.34
CA ASP A 203 5.58 7.52 50.67
C ASP A 203 4.42 8.42 50.21
N LYS A 204 4.56 9.75 50.29
CA LYS A 204 3.50 10.63 49.82
C LYS A 204 3.31 10.48 48.25
N THR A 205 4.40 10.56 47.53
CA THR A 205 4.39 10.40 46.05
C THR A 205 3.74 9.11 45.60
N ILE A 206 4.14 7.99 46.20
CA ILE A 206 3.59 6.75 45.76
C ILE A 206 2.08 6.74 45.96
N HIS A 207 1.58 7.26 47.09
CA HIS A 207 0.14 7.24 47.35
C HIS A 207 -0.60 8.14 46.42
N GLU A 208 -0.01 9.32 46.18
CA GLU A 208 -0.77 10.31 45.34
C GLU A 208 -0.73 10.03 43.83
N MET A 209 0.32 9.31 43.40
CA MET A 209 0.50 9.12 41.95
C MET A 209 0.38 7.63 41.56
N TYR A 210 1.44 6.89 41.74
CA TYR A 210 1.58 5.56 41.18
C TYR A 210 0.60 4.54 41.77
N LEU A 211 0.27 4.69 43.06
CA LEU A 211 -0.57 3.70 43.72
C LEU A 211 -2.07 3.97 43.36
N TRP A 212 -2.39 5.23 43.07
CA TRP A 212 -3.79 5.64 43.01
C TRP A 212 -4.65 4.83 41.94
N PRO A 213 -4.11 4.60 40.72
CA PRO A 213 -4.91 3.80 39.76
C PRO A 213 -4.95 2.38 40.25
N PHE A 214 -3.94 1.94 41.03
CA PHE A 214 -4.14 0.56 41.57
C PHE A 214 -5.25 0.46 42.63
N ALA A 215 -5.48 1.49 43.43
CA ALA A 215 -6.62 1.53 44.36
C ALA A 215 -7.97 1.46 43.51
N ASP A 216 -8.02 2.26 42.43
CA ASP A 216 -9.25 2.18 41.58
C ASP A 216 -9.45 0.73 41.06
N ALA A 217 -8.38 0.06 40.56
CA ALA A 217 -8.49 -1.33 40.04
C ALA A 217 -9.04 -2.23 41.11
N VAL A 218 -8.47 -2.13 42.29
CA VAL A 218 -8.86 -3.02 43.39
C VAL A 218 -10.33 -2.77 43.71
N ARG A 219 -10.67 -1.51 43.85
CA ARG A 219 -12.06 -1.14 44.16
C ARG A 219 -13.09 -1.59 43.07
N ALA A 220 -12.65 -1.55 41.80
CA ALA A 220 -13.50 -1.99 40.71
C ALA A 220 -13.56 -3.53 40.69
N GLY A 221 -12.87 -4.23 41.61
CA GLY A 221 -12.99 -5.73 41.72
C GLY A 221 -11.98 -6.55 40.87
N VAL A 222 -10.87 -5.94 40.41
CA VAL A 222 -9.82 -6.66 39.65
C VAL A 222 -9.46 -7.97 40.38
N GLY A 223 -9.34 -9.06 39.61
CA GLY A 223 -9.08 -10.42 40.17
C GLY A 223 -7.60 -10.59 40.50
N ALA A 224 -6.72 -10.06 39.64
CA ALA A 224 -5.27 -10.30 39.76
C ALA A 224 -4.47 -9.05 39.63
N ILE A 225 -3.25 -9.10 40.21
CA ILE A 225 -2.27 -8.01 40.14
C ILE A 225 -0.96 -8.71 39.69
N MET A 226 -0.20 -8.11 38.78
CA MET A 226 1.08 -8.69 38.42
C MET A 226 2.13 -7.74 38.99
N CYS A 227 3.03 -8.27 39.82
CA CYS A 227 4.12 -7.45 40.43
C CYS A 227 5.30 -7.37 39.45
N SER A 228 6.14 -6.34 39.60
CA SER A 228 7.07 -5.94 38.60
C SER A 228 8.50 -6.45 38.67
N TYR A 229 9.23 -6.25 37.55
CA TYR A 229 10.65 -6.62 37.43
C TYR A 229 11.61 -5.74 38.26
N ASN A 230 11.25 -4.47 38.46
CA ASN A 230 12.22 -3.58 39.11
C ASN A 230 12.23 -3.87 40.60
N GLN A 231 13.21 -3.30 41.32
CA GLN A 231 13.04 -3.18 42.78
C GLN A 231 12.37 -1.88 43.13
N ILE A 232 11.80 -1.80 44.32
CA ILE A 232 11.35 -0.54 44.94
C ILE A 232 12.23 -0.37 46.25
N ASN A 233 12.95 0.73 46.38
CA ASN A 233 13.95 0.89 47.48
C ASN A 233 14.74 -0.40 47.70
N ASN A 234 15.21 -1.01 46.61
CA ASN A 234 16.12 -2.15 46.67
C ASN A 234 15.48 -3.37 47.27
N SER A 235 14.18 -3.59 47.05
CA SER A 235 13.59 -4.85 47.36
C SER A 235 12.70 -5.21 46.16
N TYR A 236 12.90 -6.41 45.56
CA TYR A 236 12.29 -6.78 44.24
C TYR A 236 10.77 -6.70 44.31
N GLY A 237 10.18 -6.23 43.19
CA GLY A 237 8.76 -6.04 43.16
C GLY A 237 7.98 -7.27 43.59
N CYS A 238 8.46 -8.46 43.26
CA CYS A 238 7.65 -9.67 43.52
C CYS A 238 7.99 -10.34 44.87
N GLN A 239 8.65 -9.57 45.74
CA GLN A 239 8.82 -10.02 47.12
C GLN A 239 9.01 -8.79 47.98
N ASN A 240 8.32 -7.68 47.62
CA ASN A 240 8.42 -6.44 48.37
C ASN A 240 7.28 -6.41 49.39
N SER A 241 7.61 -6.64 50.66
CA SER A 241 6.49 -6.85 51.64
C SER A 241 5.80 -5.52 51.87
N TYR A 242 6.52 -4.45 51.73
CA TYR A 242 5.90 -3.16 51.91
C TYR A 242 4.84 -2.86 50.78
N THR A 243 5.22 -3.03 49.50
CA THR A 243 4.22 -2.69 48.44
C THR A 243 3.14 -3.77 48.38
N LEU A 244 3.51 -5.04 48.63
CA LEU A 244 2.62 -6.19 48.55
C LEU A 244 1.83 -6.39 49.77
N ASN A 245 2.50 -6.50 50.96
CA ASN A 245 1.67 -6.78 52.15
C ASN A 245 0.97 -5.56 52.68
N LYS A 246 1.74 -4.48 52.77
CA LYS A 246 1.19 -3.28 53.35
C LYS A 246 0.34 -2.47 52.35
N LEU A 247 0.92 -2.01 51.21
CA LEU A 247 0.13 -1.02 50.43
C LEU A 247 -1.05 -1.75 49.72
N LEU A 248 -0.77 -2.90 49.13
CA LEU A 248 -1.80 -3.60 48.27
C LEU A 248 -2.79 -4.40 49.11
N LYS A 249 -2.27 -5.25 50.00
CA LYS A 249 -3.17 -6.15 50.68
C LYS A 249 -3.78 -5.52 51.98
N ALA A 250 -2.98 -4.84 52.81
CA ALA A 250 -3.55 -4.28 54.07
C ALA A 250 -4.24 -2.94 53.83
N GLU A 251 -3.59 -2.03 53.14
CA GLU A 251 -4.16 -0.71 52.95
C GLU A 251 -5.29 -0.73 51.87
N LEU A 252 -4.97 -1.17 50.65
CA LEU A 252 -5.98 -1.18 49.59
C LEU A 252 -6.95 -2.34 49.79
N GLY A 253 -6.60 -3.31 50.62
CA GLY A 253 -7.66 -4.34 50.92
C GLY A 253 -7.87 -5.38 49.79
N PHE A 254 -6.84 -5.58 48.99
CA PHE A 254 -6.92 -6.46 47.82
C PHE A 254 -7.20 -7.93 48.19
N GLN A 255 -8.23 -8.49 47.55
CA GLN A 255 -8.72 -9.82 47.89
C GLN A 255 -8.30 -10.91 46.89
N GLY A 256 -7.75 -10.46 45.75
CA GLY A 256 -7.41 -11.42 44.67
C GLY A 256 -5.99 -11.90 44.78
N PHE A 257 -5.42 -12.34 43.70
CA PHE A 257 -4.06 -12.89 43.80
C PHE A 257 -2.97 -12.12 43.11
N VAL A 258 -1.73 -12.17 43.64
CA VAL A 258 -0.62 -11.44 43.04
C VAL A 258 0.23 -12.49 42.26
N MET A 259 0.36 -12.32 40.94
CA MET A 259 1.33 -13.17 40.14
C MET A 259 2.60 -12.42 39.83
N SER A 260 3.70 -13.19 39.64
CA SER A 260 4.96 -12.58 39.35
C SER A 260 4.96 -12.18 37.88
N ASP A 261 5.74 -11.15 37.56
CA ASP A 261 6.18 -11.00 36.14
C ASP A 261 7.08 -12.17 35.72
N TRP A 262 7.30 -12.37 34.40
CA TRP A 262 7.89 -13.60 33.89
C TRP A 262 9.40 -13.50 34.11
N GLY A 263 9.92 -14.18 35.14
CA GLY A 263 11.35 -14.04 35.45
C GLY A 263 11.50 -13.03 36.57
N ALA A 264 10.41 -12.48 37.11
CA ALA A 264 10.51 -11.55 38.26
C ALA A 264 10.38 -12.24 39.64
N HIS A 265 10.20 -13.55 39.65
CA HIS A 265 10.15 -14.30 40.93
C HIS A 265 11.63 -14.53 41.34
N HIS A 266 12.04 -14.09 42.54
CA HIS A 266 13.47 -14.25 42.95
C HIS A 266 13.79 -15.05 44.23
N SER A 267 12.83 -15.74 44.80
CA SER A 267 13.01 -16.53 46.05
C SER A 267 11.72 -17.29 46.30
N GLY A 268 11.85 -18.44 46.98
CA GLY A 268 10.66 -19.23 47.31
C GLY A 268 10.02 -18.72 48.61
N VAL A 269 10.73 -18.93 49.74
CA VAL A 269 10.23 -18.48 51.05
C VAL A 269 10.03 -16.96 51.11
N GLY A 270 11.01 -16.20 50.71
CA GLY A 270 10.94 -14.76 50.89
C GLY A 270 9.70 -14.18 50.16
N SER A 271 9.49 -14.59 48.90
CA SER A 271 8.30 -14.13 48.11
C SER A 271 6.98 -14.56 48.72
N ALA A 272 6.83 -15.82 49.12
CA ALA A 272 5.54 -16.32 49.64
C ALA A 272 5.18 -15.49 50.88
N LEU A 273 6.19 -15.26 51.74
CA LEU A 273 5.92 -14.57 53.05
C LEU A 273 5.69 -13.05 52.79
N ALA A 274 6.30 -12.52 51.73
CA ALA A 274 6.18 -11.09 51.39
C ALA A 274 4.91 -10.79 50.53
N GLY A 275 4.14 -11.82 50.23
CA GLY A 275 2.79 -11.59 49.63
C GLY A 275 2.57 -11.97 48.19
N LEU A 276 3.53 -12.66 47.59
CA LEU A 276 3.23 -13.31 46.29
C LEU A 276 2.23 -14.48 46.40
N ASP A 277 1.37 -14.64 45.38
CA ASP A 277 0.45 -15.73 45.31
C ASP A 277 0.69 -16.71 44.14
N MET A 278 1.41 -16.29 43.06
CA MET A 278 1.53 -17.18 41.89
C MET A 278 2.83 -16.92 41.19
N SER A 279 3.49 -17.99 40.76
CA SER A 279 4.82 -17.88 40.17
C SER A 279 4.68 -18.11 38.64
N MET A 280 5.04 -17.10 37.82
CA MET A 280 4.95 -17.22 36.36
C MET A 280 6.31 -16.96 35.69
N PRO A 281 6.69 -17.77 34.67
CA PRO A 281 5.95 -18.87 34.07
C PRO A 281 6.06 -20.19 34.85
N GLY A 282 6.79 -20.17 35.97
CA GLY A 282 6.71 -21.27 36.93
C GLY A 282 8.10 -21.76 37.25
N ASP A 283 9.04 -21.59 36.30
CA ASP A 283 10.44 -21.94 36.48
C ASP A 283 11.32 -20.79 36.95
N ILE A 284 12.57 -21.09 37.29
CA ILE A 284 13.43 -20.06 37.82
C ILE A 284 13.94 -19.18 36.67
N THR A 285 14.48 -19.82 35.62
CA THR A 285 14.76 -19.17 34.35
C THR A 285 14.01 -20.04 33.32
N PHE A 286 13.70 -19.48 32.13
CA PHE A 286 12.94 -20.23 31.16
C PHE A 286 13.53 -21.65 30.88
N ASP A 287 12.73 -22.67 31.12
CA ASP A 287 13.07 -24.05 30.90
C ASP A 287 14.22 -24.57 31.73
N SER A 288 14.35 -24.05 32.95
CA SER A 288 15.45 -24.52 33.79
C SER A 288 15.03 -25.81 34.44
N ALA A 289 13.77 -26.19 34.31
CA ALA A 289 13.26 -27.35 35.05
C ALA A 289 13.52 -27.26 36.59
N THR A 290 13.75 -26.06 37.10
CA THR A 290 13.77 -25.78 38.55
C THR A 290 12.74 -24.67 38.80
N SER A 291 12.23 -24.62 40.02
CA SER A 291 11.23 -23.63 40.42
C SER A 291 11.50 -23.15 41.84
N PHE A 292 11.30 -21.86 42.10
CA PHE A 292 11.32 -21.38 43.48
C PHE A 292 10.11 -21.93 44.25
N TRP A 293 9.00 -22.23 43.57
CA TRP A 293 7.83 -22.87 44.20
C TRP A 293 7.71 -24.30 43.67
N GLY A 294 6.55 -24.77 43.23
CA GLY A 294 6.46 -26.16 42.89
C GLY A 294 6.90 -27.02 44.08
N THR A 295 7.64 -28.06 43.78
CA THR A 295 8.35 -28.89 44.79
C THR A 295 8.90 -28.09 45.99
N ASN A 296 9.55 -26.94 45.75
CA ASN A 296 10.15 -26.14 46.84
C ASN A 296 9.14 -25.53 47.78
N LEU A 297 7.97 -25.15 47.26
CA LEU A 297 6.91 -24.60 48.12
C LEU A 297 6.25 -25.75 48.95
N THR A 298 5.91 -26.86 48.31
CA THR A 298 5.43 -28.05 49.07
C THR A 298 6.38 -28.34 50.28
N ILE A 299 7.67 -28.37 50.02
CA ILE A 299 8.72 -28.64 51.03
C ILE A 299 8.78 -27.56 52.08
N ALA A 300 8.67 -26.29 51.65
CA ALA A 300 8.69 -25.16 52.56
C ALA A 300 7.53 -25.18 53.57
N VAL A 301 6.40 -25.74 53.17
CA VAL A 301 5.31 -25.97 54.12
C VAL A 301 5.60 -27.20 55.02
N LEU A 302 6.11 -28.30 54.44
CA LEU A 302 6.42 -29.56 55.17
C LEU A 302 7.48 -29.34 56.26
N ASN A 303 8.40 -28.44 56.04
CA ASN A 303 9.51 -28.26 56.99
C ASN A 303 9.25 -27.11 57.94
N GLY A 304 8.04 -26.56 57.88
CA GLY A 304 7.59 -25.58 58.84
C GLY A 304 7.97 -24.15 58.56
N THR A 305 8.69 -23.88 57.48
CA THR A 305 9.14 -22.49 57.20
C THR A 305 8.03 -21.55 56.69
N VAL A 306 7.14 -22.03 55.80
CA VAL A 306 6.02 -21.19 55.34
C VAL A 306 4.81 -21.79 56.02
N PRO A 307 4.04 -21.00 56.80
CA PRO A 307 2.83 -21.51 57.42
C PRO A 307 1.80 -21.99 56.43
N GLN A 308 1.12 -23.05 56.79
CA GLN A 308 0.10 -23.56 56.00
C GLN A 308 -0.93 -22.44 55.70
N TRP A 309 -1.24 -21.53 56.63
CA TRP A 309 -2.24 -20.50 56.36
C TRP A 309 -1.89 -19.63 55.15
N ARG A 310 -0.61 -19.50 54.82
CA ARG A 310 -0.08 -18.61 53.75
C ARG A 310 -0.36 -19.25 52.40
N VAL A 311 0.06 -20.53 52.28
CA VAL A 311 -0.23 -21.31 51.06
C VAL A 311 -1.72 -21.47 50.86
N ASP A 312 -2.46 -21.73 51.94
CA ASP A 312 -3.95 -21.84 51.84
C ASP A 312 -4.53 -20.49 51.36
N ASP A 313 -4.00 -19.39 51.88
CA ASP A 313 -4.47 -18.06 51.43
C ASP A 313 -4.18 -17.78 49.92
N MET A 314 -3.02 -18.24 49.44
CA MET A 314 -2.74 -18.19 48.00
C MET A 314 -3.83 -18.89 47.20
N ALA A 315 -4.08 -20.17 47.55
CA ALA A 315 -5.06 -20.97 46.85
C ALA A 315 -6.44 -20.31 46.92
N VAL A 316 -6.81 -19.75 48.09
CA VAL A 316 -8.11 -19.12 48.22
C VAL A 316 -8.20 -17.85 47.37
N ARG A 317 -7.13 -17.06 47.36
CA ARG A 317 -7.14 -15.81 46.53
C ARG A 317 -7.27 -16.13 45.00
N ILE A 318 -6.55 -17.16 44.55
CA ILE A 318 -6.53 -17.63 43.15
C ILE A 318 -7.90 -18.20 42.80
N MET A 319 -8.49 -19.08 43.64
CA MET A 319 -9.84 -19.59 43.36
C MET A 319 -10.92 -18.55 43.49
N ALA A 320 -10.76 -17.60 44.41
CA ALA A 320 -11.79 -16.56 44.56
C ALA A 320 -11.86 -15.69 43.29
N ALA A 321 -10.68 -15.34 42.76
CA ALA A 321 -10.63 -14.47 41.55
C ALA A 321 -11.30 -15.23 40.41
N TYR A 322 -11.01 -16.53 40.30
CA TYR A 322 -11.61 -17.41 39.32
C TYR A 322 -13.12 -17.49 39.39
N TYR A 323 -13.66 -17.67 40.61
CA TYR A 323 -15.12 -17.70 40.76
C TYR A 323 -15.78 -16.33 40.63
N LYS A 324 -15.08 -15.28 41.11
CA LYS A 324 -15.62 -13.93 41.09
C LYS A 324 -16.01 -13.53 39.65
N VAL A 325 -15.22 -13.87 38.64
CA VAL A 325 -15.59 -13.52 37.27
C VAL A 325 -16.52 -14.59 36.64
N GLY A 326 -16.85 -15.71 37.37
CA GLY A 326 -17.60 -16.85 36.76
C GLY A 326 -16.81 -17.68 35.77
N ARG A 327 -15.48 -17.75 35.92
CA ARG A 327 -14.69 -18.50 34.94
C ARG A 327 -15.11 -20.00 34.87
N ASP A 328 -15.54 -20.56 36.01
CA ASP A 328 -15.92 -21.96 36.07
C ASP A 328 -17.10 -22.23 35.12
N ARG A 329 -17.96 -21.24 34.87
CA ARG A 329 -19.12 -21.48 33.98
C ARG A 329 -18.76 -21.40 32.51
N LEU A 330 -17.54 -20.94 32.19
CA LEU A 330 -17.16 -20.75 30.78
C LEU A 330 -15.98 -21.62 30.38
N TYR A 331 -15.49 -22.44 31.33
CA TYR A 331 -14.19 -23.11 31.22
C TYR A 331 -14.12 -23.96 30.00
N GLN A 332 -13.00 -23.83 29.26
CA GLN A 332 -12.60 -24.82 28.23
C GLN A 332 -11.07 -24.73 28.14
N PRO A 333 -10.36 -25.83 27.83
CA PRO A 333 -8.91 -25.76 27.66
C PRO A 333 -8.60 -24.76 26.52
N PRO A 334 -7.39 -24.19 26.54
CA PRO A 334 -7.10 -23.20 25.51
C PRO A 334 -7.09 -23.91 24.17
N ASN A 335 -7.82 -23.35 23.18
CA ASN A 335 -8.00 -24.03 21.91
C ASN A 335 -7.02 -23.53 20.82
N PHE A 336 -5.85 -22.93 21.19
CA PHE A 336 -4.85 -22.49 20.24
C PHE A 336 -3.53 -22.74 21.03
N SER A 337 -2.38 -22.63 20.33
CA SER A 337 -1.11 -22.67 21.00
C SER A 337 -0.43 -21.33 20.74
N SER A 338 0.25 -20.77 21.77
CA SER A 338 1.02 -19.54 21.61
C SER A 338 2.24 -19.83 20.80
N TRP A 339 2.62 -21.12 20.64
CA TRP A 339 3.98 -21.40 20.19
C TRP A 339 4.12 -21.87 18.74
N THR A 340 3.00 -22.24 18.11
CA THR A 340 3.02 -22.67 16.73
C THR A 340 1.61 -22.37 16.22
N ARG A 341 1.52 -22.21 14.89
CA ARG A 341 0.24 -22.04 14.27
C ARG A 341 -0.21 -23.32 13.60
N ASP A 342 0.59 -24.37 13.75
CA ASP A 342 0.25 -25.67 13.15
C ASP A 342 -1.06 -26.23 13.72
N GLU A 343 -1.82 -26.97 12.89
CA GLU A 343 -3.02 -27.59 13.40
C GLU A 343 -2.68 -28.69 14.47
N TYR A 344 -1.62 -29.48 14.20
CA TYR A 344 -1.32 -30.65 15.03
C TYR A 344 0.11 -30.45 15.56
N GLY A 345 0.34 -30.92 16.77
CA GLY A 345 1.68 -30.91 17.29
C GLY A 345 1.73 -31.69 18.57
N PHE A 346 2.94 -31.79 19.11
CA PHE A 346 3.13 -32.38 20.42
C PHE A 346 2.48 -31.51 21.48
N LYS A 347 1.76 -32.15 22.40
CA LYS A 347 1.04 -31.44 23.46
C LYS A 347 1.94 -30.46 24.27
N TYR A 348 3.17 -30.88 24.56
CA TYR A 348 4.11 -30.09 25.34
C TYR A 348 5.19 -29.53 24.45
N PHE A 349 5.00 -28.24 24.07
CA PHE A 349 5.75 -27.65 23.00
C PHE A 349 7.26 -27.68 23.22
N TYR A 350 7.70 -27.07 24.32
CA TYR A 350 9.10 -26.85 24.42
C TYR A 350 9.88 -28.17 24.25
N PRO A 351 9.62 -29.21 25.11
CA PRO A 351 10.38 -30.45 24.83
C PRO A 351 9.85 -31.33 23.66
N GLN A 352 8.76 -30.94 22.96
CA GLN A 352 8.20 -31.77 21.94
C GLN A 352 7.86 -33.20 22.54
N GLU A 353 7.05 -33.25 23.58
CA GLU A 353 6.69 -34.54 24.19
C GLU A 353 5.23 -34.53 24.40
N GLY A 354 4.75 -35.69 24.85
CA GLY A 354 3.38 -35.88 25.23
C GLY A 354 2.67 -36.34 23.95
N PRO A 355 1.38 -36.57 24.05
CA PRO A 355 0.68 -37.08 22.87
C PRO A 355 0.84 -36.13 21.69
N TYR A 356 0.79 -36.67 20.48
CA TYR A 356 0.73 -35.87 19.25
C TYR A 356 -0.70 -35.64 18.92
N GLU A 357 -1.17 -34.39 18.93
CA GLU A 357 -2.60 -34.15 18.83
C GLU A 357 -2.94 -32.73 18.27
N LYS A 358 -4.22 -32.42 18.26
CA LYS A 358 -4.68 -31.07 17.85
C LYS A 358 -4.21 -30.03 18.88
N VAL A 359 -3.37 -29.08 18.44
CA VAL A 359 -2.99 -27.95 19.33
C VAL A 359 -3.68 -26.63 18.87
N ASN A 360 -4.12 -26.52 17.57
CA ASN A 360 -4.84 -25.30 17.11
C ASN A 360 -6.22 -25.67 16.53
N HIS A 361 -7.27 -24.95 16.96
CA HIS A 361 -8.63 -25.11 16.36
C HIS A 361 -9.07 -23.91 15.53
N PHE A 362 -8.20 -22.90 15.37
CA PHE A 362 -8.50 -21.79 14.45
C PHE A 362 -9.83 -21.18 14.72
N VAL A 363 -10.22 -20.99 15.99
CA VAL A 363 -11.56 -20.47 16.30
C VAL A 363 -11.58 -18.97 16.02
N ASN A 364 -12.53 -18.54 15.17
CA ASN A 364 -12.65 -17.13 14.80
C ASN A 364 -13.37 -16.39 15.94
N VAL A 365 -12.64 -15.64 16.80
CA VAL A 365 -13.26 -14.97 18.01
C VAL A 365 -13.60 -13.48 17.80
N GLN A 366 -13.48 -12.98 16.56
CA GLN A 366 -13.53 -11.50 16.31
C GLN A 366 -14.91 -10.94 16.35
N ARG A 367 -15.93 -11.78 16.09
CA ARG A 367 -17.30 -11.28 15.97
C ARG A 367 -17.29 -10.05 15.08
N ASN A 368 -18.04 -9.00 15.44
CA ASN A 368 -17.97 -7.70 14.80
C ASN A 368 -17.13 -6.67 15.60
N HIS A 369 -16.12 -7.14 16.30
CA HIS A 369 -15.31 -6.17 17.09
C HIS A 369 -14.55 -5.14 16.27
N SER A 370 -14.45 -5.30 14.92
CA SER A 370 -13.83 -4.26 14.14
C SER A 370 -14.58 -2.92 14.36
N GLU A 371 -15.88 -2.98 14.65
CA GLU A 371 -16.71 -1.73 14.82
C GLU A 371 -16.23 -0.92 16.00
N VAL A 372 -16.14 -1.51 17.16
CA VAL A 372 -15.64 -0.75 18.34
C VAL A 372 -14.20 -0.25 18.15
N ILE A 373 -13.38 -1.05 17.46
CA ILE A 373 -11.98 -0.68 17.15
C ILE A 373 -11.95 0.56 16.27
N ARG A 374 -12.79 0.50 15.21
CA ARG A 374 -12.88 1.60 14.25
C ARG A 374 -13.36 2.88 14.98
N LYS A 375 -14.44 2.74 15.75
CA LYS A 375 -15.02 3.88 16.51
C LYS A 375 -13.97 4.34 17.53
N LEU A 376 -13.40 3.44 18.30
CA LEU A 376 -12.43 3.95 19.32
C LEU A 376 -11.18 4.70 18.70
N GLY A 377 -10.65 4.18 17.58
CA GLY A 377 -9.57 4.87 16.86
C GLY A 377 -10.04 6.25 16.49
N ALA A 378 -11.23 6.37 15.89
CA ALA A 378 -11.69 7.73 15.53
C ALA A 378 -11.81 8.68 16.79
N ASP A 379 -12.38 8.14 17.88
CA ASP A 379 -12.72 8.92 19.05
C ASP A 379 -11.43 9.16 19.92
N SER A 380 -10.30 8.62 19.49
CA SER A 380 -9.00 8.80 20.18
C SER A 380 -8.08 9.63 19.28
N THR A 381 -8.64 10.19 18.19
CA THR A 381 -7.81 10.99 17.34
C THR A 381 -7.92 12.45 17.78
N VAL A 382 -6.84 12.97 18.37
CA VAL A 382 -6.79 14.35 18.95
C VAL A 382 -6.47 15.36 17.83
N LEU A 383 -7.38 16.32 17.66
CA LEU A 383 -7.13 17.43 16.69
C LEU A 383 -6.33 18.49 17.46
N LEU A 384 -5.05 18.65 17.18
CA LEU A 384 -4.22 19.52 18.01
C LEU A 384 -4.25 20.96 17.43
N LYS A 385 -4.34 21.05 16.09
CA LYS A 385 -4.31 22.34 15.38
C LYS A 385 -5.36 22.17 14.22
N ASN A 386 -6.10 23.21 13.92
CA ASN A 386 -6.95 23.20 12.70
C ASN A 386 -7.21 24.64 12.33
N ASN A 387 -6.54 25.14 11.31
CA ASN A 387 -6.91 26.48 10.81
C ASN A 387 -7.94 26.45 9.74
N ASN A 388 -9.12 26.04 10.12
CA ASN A 388 -10.25 25.85 9.17
C ASN A 388 -9.88 24.97 7.90
N ALA A 389 -9.01 23.97 8.12
CA ALA A 389 -8.60 23.04 7.06
C ALA A 389 -9.45 21.79 7.09
N LEU A 390 -9.97 21.38 8.25
CA LEU A 390 -10.70 20.11 8.39
C LEU A 390 -12.07 20.43 8.95
N PRO A 391 -13.12 19.63 8.57
CA PRO A 391 -12.98 18.39 7.79
C PRO A 391 -12.78 18.65 6.29
N LEU A 392 -12.23 17.64 5.61
CA LEU A 392 -12.14 17.66 4.19
C LEU A 392 -13.55 17.45 3.67
N THR A 393 -13.81 17.89 2.45
CA THR A 393 -15.16 17.72 1.86
C THR A 393 -15.26 16.57 0.90
N GLY A 394 -14.16 16.03 0.39
CA GLY A 394 -14.34 15.05 -0.72
C GLY A 394 -14.20 15.77 -2.07
N LYS A 395 -14.26 17.09 -2.06
CA LYS A 395 -14.17 17.81 -3.33
C LYS A 395 -12.71 18.24 -3.61
N GLU A 396 -11.72 17.89 -2.74
CA GLU A 396 -10.35 18.20 -3.04
C GLU A 396 -9.93 17.52 -4.36
N ARG A 397 -9.38 18.30 -5.27
CA ARG A 397 -9.13 17.86 -6.65
C ARG A 397 -7.97 16.92 -6.73
N LYS A 398 -6.90 17.19 -5.93
CA LYS A 398 -5.75 16.30 -5.96
C LYS A 398 -5.16 16.16 -4.55
N VAL A 399 -5.09 14.92 -4.04
CA VAL A 399 -4.74 14.67 -2.65
C VAL A 399 -3.35 13.99 -2.61
N ALA A 400 -2.41 14.58 -1.89
CA ALA A 400 -1.05 13.94 -1.72
C ALA A 400 -0.96 13.30 -0.36
N ILE A 401 -0.85 11.99 -0.34
CA ILE A 401 -0.70 11.21 0.89
C ILE A 401 0.84 11.02 1.02
N LEU A 402 1.45 11.57 2.04
CA LEU A 402 2.90 11.64 2.12
C LEU A 402 3.44 11.02 3.39
N GLY A 403 4.32 10.01 3.25
CA GLY A 403 4.91 9.45 4.40
C GLY A 403 4.80 7.95 4.51
N GLU A 404 5.89 7.37 4.94
CA GLU A 404 5.92 5.91 5.15
C GLU A 404 4.82 5.49 6.14
N ASP A 405 4.56 6.32 7.15
CA ASP A 405 3.55 5.98 8.15
C ASP A 405 2.10 5.96 7.53
N ALA A 406 1.93 6.35 6.25
CA ALA A 406 0.58 6.14 5.58
C ALA A 406 0.41 4.77 4.96
N GLY A 407 1.54 4.06 4.77
CA GLY A 407 1.67 2.92 3.85
C GLY A 407 1.74 1.57 4.55
N SER A 408 1.98 0.52 3.78
CA SER A 408 1.86 -0.84 4.30
C SER A 408 3.26 -1.17 4.83
N ASN A 409 3.33 -2.11 5.76
CA ASN A 409 4.61 -2.74 6.15
C ASN A 409 4.94 -3.75 5.01
N SER A 410 6.08 -3.57 4.31
CA SER A 410 6.41 -4.52 3.19
C SER A 410 6.59 -5.98 3.63
N TYR A 411 6.76 -6.24 4.94
CA TYR A 411 6.86 -7.63 5.47
C TYR A 411 5.51 -8.18 5.83
N GLY A 412 4.42 -7.40 5.56
CA GLY A 412 3.05 -7.79 5.93
C GLY A 412 2.79 -7.18 7.30
N ALA A 413 1.53 -6.94 7.64
CA ALA A 413 1.22 -6.23 8.92
C ALA A 413 1.83 -6.90 10.18
N ASN A 414 1.91 -8.27 10.18
CA ASN A 414 2.51 -9.09 11.25
C ASN A 414 3.98 -9.49 10.98
N GLY A 415 4.59 -8.91 9.94
CA GLY A 415 5.85 -9.41 9.40
C GLY A 415 7.04 -9.14 10.34
N CYS A 416 6.85 -8.32 11.39
CA CYS A 416 7.97 -8.17 12.37
C CYS A 416 7.49 -8.81 13.66
N SER A 417 8.25 -9.81 14.11
CA SER A 417 7.97 -10.56 15.33
C SER A 417 7.68 -9.58 16.53
N ASP A 418 6.55 -9.78 17.18
CA ASP A 418 6.14 -8.88 18.28
C ASP A 418 6.14 -7.39 17.85
N ARG A 419 5.85 -7.12 16.55
CA ARG A 419 5.79 -5.76 16.02
C ARG A 419 7.15 -5.03 16.18
N GLY A 420 8.24 -5.79 16.17
CA GLY A 420 9.61 -5.22 16.50
C GLY A 420 10.25 -4.50 15.31
N CYS A 421 9.55 -3.56 14.65
CA CYS A 421 10.19 -2.69 13.66
C CYS A 421 9.21 -1.46 13.58
N ASP A 422 9.57 -0.43 12.83
CA ASP A 422 8.69 0.69 12.61
C ASP A 422 8.51 0.87 11.09
N ASN A 423 7.92 -0.09 10.44
CA ASN A 423 7.87 -0.05 8.98
C ASN A 423 6.43 0.10 8.55
N GLY A 424 6.18 0.97 7.58
CA GLY A 424 4.80 1.31 7.29
C GLY A 424 4.05 1.99 8.42
N THR A 425 2.72 2.01 8.34
CA THR A 425 1.90 2.70 9.31
C THR A 425 1.99 2.13 10.70
N LEU A 426 2.16 3.04 11.70
CA LEU A 426 2.38 2.54 13.05
C LEU A 426 1.01 2.41 13.72
N ALA A 427 0.52 1.17 13.88
CA ALA A 427 -0.78 0.97 14.45
C ALA A 427 -0.68 0.15 15.76
N MET A 428 0.56 -0.27 16.08
CA MET A 428 0.76 -1.07 17.29
C MET A 428 2.26 -1.01 17.61
N ALA A 429 2.60 -0.70 18.86
CA ALA A 429 4.06 -0.60 19.29
C ALA A 429 4.60 -1.97 19.68
N TRP A 430 5.83 -2.09 20.22
CA TRP A 430 6.39 -3.44 20.21
C TRP A 430 6.52 -4.14 21.57
N GLY A 431 6.77 -5.44 21.49
CA GLY A 431 7.00 -6.28 22.67
C GLY A 431 5.88 -7.20 23.02
N SER A 432 5.67 -7.44 24.30
CA SER A 432 4.66 -8.45 24.63
C SER A 432 3.24 -7.83 24.63
N GLY A 433 3.12 -6.49 24.56
CA GLY A 433 1.85 -5.78 24.66
C GLY A 433 1.18 -5.74 23.26
N THR A 434 1.24 -6.84 22.55
CA THR A 434 0.87 -6.94 21.12
C THR A 434 -0.09 -8.09 20.85
N ALA A 435 -0.73 -8.07 19.65
CA ALA A 435 -1.58 -9.13 19.20
C ALA A 435 -1.27 -9.25 17.68
N GLU A 436 -1.60 -10.38 17.07
CA GLU A 436 -1.48 -10.54 15.57
C GLU A 436 -2.66 -9.79 14.97
N PHE A 437 -2.42 -8.87 14.03
CA PHE A 437 -3.52 -8.20 13.31
C PHE A 437 -4.25 -9.29 12.54
N PRO A 438 -5.60 -9.23 12.50
CA PRO A 438 -6.26 -10.03 11.44
C PRO A 438 -6.06 -9.48 10.02
N TYR A 439 -5.74 -8.18 9.97
CA TYR A 439 -5.49 -7.42 8.75
C TYR A 439 -5.13 -6.05 9.27
N LEU A 440 -4.69 -5.14 8.40
CA LEU A 440 -4.52 -3.78 8.85
C LEU A 440 -4.89 -2.84 7.73
N VAL A 441 -5.84 -1.98 7.99
CA VAL A 441 -6.22 -0.95 7.01
C VAL A 441 -5.27 0.22 7.21
N THR A 442 -4.47 0.55 6.20
CA THR A 442 -3.58 1.74 6.24
C THR A 442 -4.31 3.06 5.87
N PRO A 443 -3.77 4.17 6.34
CA PRO A 443 -4.28 5.47 5.90
C PRO A 443 -4.27 5.59 4.39
N GLU A 444 -3.23 5.05 3.75
CA GLU A 444 -3.16 5.11 2.29
C GLU A 444 -4.44 4.48 1.67
N GLN A 445 -4.79 3.29 2.10
CA GLN A 445 -5.92 2.57 1.59
C GLN A 445 -7.19 3.37 1.81
N ALA A 446 -7.44 3.79 3.07
CA ALA A 446 -8.70 4.37 3.42
C ALA A 446 -8.87 5.74 2.74
N ILE A 447 -7.81 6.55 2.75
CA ILE A 447 -7.88 7.88 2.15
C ILE A 447 -7.96 7.78 0.62
N GLN A 448 -7.13 6.94 -0.03
CA GLN A 448 -7.28 6.80 -1.46
C GLN A 448 -8.70 6.30 -1.82
N ALA A 449 -9.29 5.34 -1.08
CA ALA A 449 -10.66 4.85 -1.42
C ALA A 449 -11.65 6.03 -1.31
N GLU A 450 -11.52 6.88 -0.26
CA GLU A 450 -12.41 8.01 -0.08
C GLU A 450 -12.34 8.98 -1.28
N VAL A 451 -11.13 9.31 -1.68
CA VAL A 451 -10.89 10.23 -2.87
C VAL A 451 -11.52 9.62 -4.12
N LEU A 452 -11.29 8.32 -4.37
CA LEU A 452 -11.82 7.68 -5.58
C LEU A 452 -13.33 7.64 -5.61
N LYS A 453 -13.94 7.55 -4.42
CA LYS A 453 -15.39 7.64 -4.30
C LYS A 453 -15.91 8.98 -4.83
N HIS A 454 -15.13 10.03 -4.61
CA HIS A 454 -15.46 11.32 -5.19
C HIS A 454 -14.85 11.63 -6.59
N LYS A 455 -14.18 10.65 -7.19
CA LYS A 455 -13.59 10.85 -8.52
C LYS A 455 -12.45 11.90 -8.45
N GLY A 456 -11.81 11.98 -7.29
CA GLY A 456 -10.65 12.82 -7.26
C GLY A 456 -9.36 12.10 -7.73
N SER A 457 -8.26 12.84 -7.64
CA SER A 457 -6.98 12.35 -7.97
C SER A 457 -6.11 12.24 -6.68
N VAL A 458 -5.29 11.20 -6.60
CA VAL A 458 -4.68 10.83 -5.32
C VAL A 458 -3.51 9.91 -5.51
N TYR A 459 -2.49 10.13 -4.65
CA TYR A 459 -1.29 9.32 -4.69
C TYR A 459 -0.70 9.19 -3.24
N ALA A 460 0.06 8.10 -3.02
CA ALA A 460 0.87 7.97 -1.81
C ALA A 460 2.33 7.86 -2.12
N ILE A 461 3.15 8.65 -1.40
CA ILE A 461 4.60 8.52 -1.48
C ILE A 461 4.99 8.11 -0.08
N THR A 462 5.61 6.96 -0.01
CA THR A 462 5.85 6.30 1.25
C THR A 462 7.34 6.04 1.56
N ASP A 463 8.19 6.66 0.79
CA ASP A 463 9.66 6.71 1.13
C ASP A 463 10.03 8.10 1.65
N ASN A 464 10.43 8.18 2.94
CA ASN A 464 10.70 9.53 3.55
C ASN A 464 11.96 10.29 3.13
N TRP A 465 12.76 9.66 2.28
CA TRP A 465 13.87 10.36 1.71
C TRP A 465 13.65 10.56 0.22
N ALA A 466 12.43 10.28 -0.30
CA ALA A 466 12.14 10.60 -1.70
C ALA A 466 11.60 12.01 -1.79
N LEU A 467 12.40 12.98 -1.36
CA LEU A 467 11.91 14.32 -1.19
C LEU A 467 11.73 15.08 -2.50
N SER A 468 12.50 14.74 -3.54
CA SER A 468 12.26 15.28 -4.82
C SER A 468 10.79 14.96 -5.29
N GLN A 469 10.36 13.69 -5.18
CA GLN A 469 8.99 13.33 -5.60
C GLN A 469 8.02 14.04 -4.64
N VAL A 470 8.38 14.11 -3.37
CA VAL A 470 7.43 14.71 -2.37
C VAL A 470 7.15 16.19 -2.73
N GLU A 471 8.22 16.91 -3.01
CA GLU A 471 8.07 18.40 -3.28
C GLU A 471 7.33 18.62 -4.58
N THR A 472 7.64 17.79 -5.57
CA THR A 472 6.89 17.93 -6.89
C THR A 472 5.45 17.65 -6.70
N LEU A 473 5.11 16.59 -5.94
CA LEU A 473 3.67 16.32 -5.85
C LEU A 473 2.95 17.41 -4.98
N ALA A 474 3.62 17.82 -3.92
CA ALA A 474 3.05 18.78 -2.98
C ALA A 474 2.73 20.03 -3.73
N LYS A 475 3.58 20.47 -4.67
CA LYS A 475 3.27 21.70 -5.41
C LYS A 475 1.99 21.56 -6.27
N GLN A 476 1.52 20.34 -6.53
CA GLN A 476 0.38 20.11 -7.46
C GLN A 476 -0.90 19.80 -6.73
N ALA A 477 -0.77 19.63 -5.40
CA ALA A 477 -1.85 19.10 -4.56
C ALA A 477 -2.80 20.20 -4.07
N SER A 478 -4.04 19.82 -3.79
CA SER A 478 -5.04 20.67 -3.13
C SER A 478 -4.83 20.56 -1.62
N VAL A 479 -4.45 19.37 -1.13
CA VAL A 479 -4.16 19.13 0.27
C VAL A 479 -3.01 18.07 0.31
N SER A 480 -2.07 18.23 1.27
CA SER A 480 -1.02 17.27 1.53
C SER A 480 -1.19 16.73 2.92
N LEU A 481 -1.39 15.41 3.03
CA LEU A 481 -1.66 14.71 4.32
C LEU A 481 -0.34 13.97 4.58
N VAL A 482 0.41 14.44 5.59
CA VAL A 482 1.78 13.97 5.87
C VAL A 482 1.78 13.15 7.12
N PHE A 483 2.24 11.92 6.98
CA PHE A 483 2.15 10.93 8.06
C PHE A 483 3.55 10.68 8.68
N VAL A 484 3.64 10.75 10.01
CA VAL A 484 4.92 10.65 10.73
C VAL A 484 4.67 9.85 12.01
N ASN A 485 5.72 9.26 12.60
CA ASN A 485 5.49 8.44 13.73
C ASN A 485 6.75 8.41 14.61
N SER A 486 6.56 7.83 15.80
CA SER A 486 7.70 7.63 16.73
C SER A 486 7.28 6.36 17.50
N ASP A 487 8.16 5.36 17.58
CA ASP A 487 7.79 4.06 18.13
C ASP A 487 8.58 3.78 19.42
N ALA A 488 8.23 2.69 20.16
CA ALA A 488 9.00 2.29 21.37
C ALA A 488 8.38 0.97 21.71
N GLY A 489 8.89 0.39 22.78
CA GLY A 489 8.30 -0.89 23.21
C GLY A 489 9.01 -1.51 24.37
N GLU A 490 8.74 -2.79 24.60
CA GLU A 490 9.34 -3.47 25.68
C GLU A 490 10.87 -3.58 25.52
N GLY A 491 11.61 -3.58 26.65
CA GLY A 491 13.06 -3.59 26.58
C GLY A 491 13.77 -4.75 25.89
N TYR A 492 13.14 -5.93 25.77
CA TYR A 492 13.88 -7.05 25.16
C TYR A 492 14.05 -6.89 23.64
N ILE A 493 13.44 -5.85 23.02
CA ILE A 493 13.59 -5.62 21.58
C ILE A 493 14.26 -4.26 21.39
N SER A 494 15.24 -4.18 20.49
CA SER A 494 15.84 -2.89 20.18
C SER A 494 15.60 -2.61 18.71
N VAL A 495 14.95 -1.50 18.38
CA VAL A 495 14.79 -1.04 17.02
C VAL A 495 15.63 0.22 16.82
N ASP A 496 16.56 0.14 15.90
CA ASP A 496 17.47 1.23 15.57
C ASP A 496 18.20 1.71 16.85
N GLY A 497 18.58 0.81 17.74
CA GLY A 497 19.38 1.24 18.93
C GLY A 497 18.45 1.77 20.03
N ASN A 498 17.12 1.89 19.80
CA ASN A 498 16.20 2.21 20.91
C ASN A 498 15.86 0.93 21.68
N GLU A 499 16.42 0.78 22.88
CA GLU A 499 16.30 -0.45 23.64
C GLU A 499 15.06 -0.34 24.48
N GLY A 500 13.90 -0.50 23.78
CA GLY A 500 12.60 -0.41 24.41
C GLY A 500 12.26 1.08 24.56
N ASP A 501 12.92 1.72 25.53
CA ASP A 501 12.73 3.19 25.79
C ASP A 501 13.16 3.90 24.52
N ARG A 502 12.59 5.07 24.26
CA ARG A 502 12.96 5.89 23.07
C ARG A 502 14.21 6.66 23.42
N ASN A 503 15.16 6.68 22.48
CA ASN A 503 16.38 7.51 22.65
C ASN A 503 16.08 9.00 22.58
N ASN A 504 14.99 9.43 21.92
CA ASN A 504 14.68 10.87 21.85
C ASN A 504 13.18 10.97 21.53
N LEU A 505 12.63 12.18 21.49
CA LEU A 505 11.22 12.38 21.27
C LEU A 505 11.05 12.96 19.84
N THR A 506 12.06 12.76 19.00
CA THR A 506 12.04 13.32 17.62
C THR A 506 11.32 12.36 16.66
N LEU A 507 10.60 12.88 15.66
CA LEU A 507 9.95 11.97 14.67
C LEU A 507 11.00 11.09 14.02
N TRP A 508 10.64 9.81 13.86
CA TRP A 508 11.45 8.83 13.17
C TRP A 508 11.36 8.98 11.69
N LYS A 509 12.32 8.34 10.99
CA LYS A 509 12.31 8.16 9.54
C LYS A 509 12.17 9.50 8.86
N ASN A 510 12.99 10.46 9.33
CA ASN A 510 13.10 11.72 8.59
C ASN A 510 11.78 12.52 8.67
N GLY A 511 10.94 12.27 9.68
CA GLY A 511 9.65 12.94 9.68
C GLY A 511 9.69 14.47 9.70
N ASP A 512 10.53 15.14 10.52
CA ASP A 512 10.53 16.63 10.45
C ASP A 512 10.94 17.16 9.04
N ASN A 513 11.92 16.53 8.40
CA ASN A 513 12.30 16.95 7.03
C ASN A 513 11.18 16.69 6.01
N LEU A 514 10.42 15.62 6.19
CA LEU A 514 9.26 15.31 5.28
C LEU A 514 8.25 16.39 5.37
N ILE A 515 7.81 16.72 6.61
CA ILE A 515 6.86 17.73 6.84
C ILE A 515 7.34 19.10 6.27
N LYS A 516 8.57 19.49 6.54
CA LYS A 516 9.05 20.75 5.95
C LYS A 516 9.13 20.74 4.44
N ALA A 517 9.44 19.59 3.85
CA ALA A 517 9.54 19.49 2.37
C ALA A 517 8.12 19.64 1.81
N ALA A 518 7.10 19.09 2.48
CA ALA A 518 5.71 19.31 2.03
C ALA A 518 5.25 20.76 2.29
N ALA A 519 5.51 21.26 3.52
CA ALA A 519 5.00 22.60 3.85
C ALA A 519 5.70 23.74 3.06
N ASN A 520 6.91 23.50 2.61
CA ASN A 520 7.65 24.51 1.85
C ASN A 520 6.92 24.64 0.47
N ASN A 521 6.13 23.64 0.13
CA ASN A 521 5.45 23.51 -1.14
C ASN A 521 3.86 23.46 -1.29
N CYS A 522 3.03 23.02 -0.31
CA CYS A 522 1.51 23.06 -0.29
C CYS A 522 1.23 24.04 0.80
N ASN A 523 0.30 24.92 0.49
CA ASN A 523 -0.14 25.89 1.51
C ASN A 523 -1.29 25.24 2.37
N ASN A 524 -1.52 23.93 2.23
CA ASN A 524 -2.54 23.20 2.93
C ASN A 524 -1.97 21.82 3.33
N THR A 525 -0.99 21.86 4.23
CA THR A 525 -0.31 20.70 4.73
C THR A 525 -0.87 20.32 6.07
N ILE A 526 -1.30 19.05 6.17
CA ILE A 526 -1.95 18.53 7.37
C ILE A 526 -1.10 17.38 7.89
N VAL A 527 -0.72 17.48 9.14
CA VAL A 527 0.15 16.47 9.71
C VAL A 527 -0.64 15.47 10.58
N VAL A 528 -0.40 14.17 10.36
CA VAL A 528 -1.01 13.10 11.16
C VAL A 528 0.14 12.38 11.83
N ILE A 529 0.12 12.32 13.16
CA ILE A 529 1.12 11.59 13.92
C ILE A 529 0.61 10.27 14.54
N HIS A 530 1.33 9.19 14.31
CA HIS A 530 1.00 7.93 15.04
C HIS A 530 2.22 7.78 15.94
N SER A 531 2.01 7.63 17.26
CA SER A 531 3.13 7.46 18.18
C SER A 531 2.68 6.92 19.55
N VAL A 532 3.70 6.45 20.29
CA VAL A 532 3.54 5.85 21.60
C VAL A 532 3.28 6.93 22.70
N GLY A 533 3.51 8.20 22.37
CA GLY A 533 3.60 9.28 23.34
C GLY A 533 3.84 10.61 22.63
N PRO A 534 4.17 11.65 23.41
CA PRO A 534 4.41 12.92 22.74
C PRO A 534 5.69 12.91 21.89
N VAL A 535 5.70 13.79 20.88
CA VAL A 535 6.85 13.99 20.05
C VAL A 535 7.08 15.53 19.98
N LEU A 536 8.30 15.90 19.63
CA LEU A 536 8.68 17.33 19.51
C LEU A 536 8.14 17.88 18.18
N VAL A 537 7.26 18.87 18.27
CA VAL A 537 6.67 19.45 17.04
C VAL A 537 7.19 20.87 16.79
N ASP A 538 8.15 21.32 17.61
CA ASP A 538 8.57 22.74 17.57
C ASP A 538 9.12 23.19 16.24
N GLU A 539 9.74 22.32 15.46
CA GLU A 539 10.29 22.82 14.21
C GLU A 539 9.26 23.11 13.13
N TRP A 540 7.98 22.76 13.28
CA TRP A 540 7.04 22.88 12.09
C TRP A 540 5.61 23.14 12.48
N TYR A 541 5.24 23.02 13.76
CA TYR A 541 3.83 23.13 14.14
C TYR A 541 3.24 24.49 13.82
N ASP A 542 4.10 25.51 13.87
CA ASP A 542 3.68 26.88 13.63
C ASP A 542 4.04 27.31 12.21
N HIS A 543 4.49 26.38 11.35
CA HIS A 543 4.74 26.77 9.92
C HIS A 543 3.41 27.35 9.32
N PRO A 544 3.45 28.48 8.55
CA PRO A 544 2.15 29.03 8.07
C PRO A 544 1.34 28.11 7.12
N ASN A 545 2.01 27.16 6.49
CA ASN A 545 1.41 26.20 5.56
C ASN A 545 0.98 24.87 6.25
N VAL A 546 1.39 24.70 7.51
CA VAL A 546 0.81 23.57 8.31
C VAL A 546 -0.56 24.02 8.87
N THR A 547 -1.65 23.55 8.24
CA THR A 547 -2.98 24.03 8.55
C THR A 547 -3.78 23.14 9.51
N ALA A 548 -3.31 21.92 9.74
CA ALA A 548 -3.89 21.10 10.76
C ALA A 548 -2.86 20.07 11.23
N ILE A 549 -3.06 19.61 12.47
CA ILE A 549 -2.19 18.58 13.02
C ILE A 549 -3.02 17.67 13.92
N LEU A 550 -2.83 16.35 13.77
CA LEU A 550 -3.66 15.38 14.48
C LEU A 550 -2.70 14.36 15.09
N TRP A 551 -3.02 13.91 16.28
CA TRP A 551 -2.30 12.78 16.82
C TRP A 551 -3.28 11.62 16.97
N ALA A 552 -2.93 10.47 16.37
CA ALA A 552 -3.90 9.37 16.34
C ALA A 552 -3.35 8.14 17.19
N GLY A 553 -2.21 8.29 17.92
CA GLY A 553 -1.88 7.15 18.79
C GLY A 553 -1.46 5.89 18.02
N LEU A 554 -1.91 4.74 18.53
CA LEU A 554 -1.66 3.40 17.98
C LEU A 554 -3.10 2.80 17.79
N PRO A 555 -3.69 2.95 16.63
CA PRO A 555 -5.12 2.65 16.54
C PRO A 555 -5.54 1.22 16.34
N GLY A 556 -4.60 0.28 16.14
CA GLY A 556 -4.95 -1.13 15.90
C GLY A 556 -5.54 -1.28 14.46
N GLN A 557 -6.28 -2.34 14.25
CA GLN A 557 -6.44 -2.92 12.90
C GLN A 557 -7.25 -2.03 11.89
N GLU A 558 -8.07 -1.07 12.39
CA GLU A 558 -8.93 -0.27 11.47
C GLU A 558 -8.32 1.12 11.25
N SER A 559 -7.01 1.25 11.56
CA SER A 559 -6.37 2.55 11.62
C SER A 559 -6.82 3.54 10.55
N GLY A 560 -6.64 3.13 9.30
CA GLY A 560 -6.94 4.06 8.18
C GLY A 560 -8.44 4.44 8.13
N ASN A 561 -9.35 3.54 8.44
CA ASN A 561 -10.80 3.92 8.44
C ASN A 561 -11.13 4.87 9.60
N SER A 562 -10.60 4.57 10.79
CA SER A 562 -10.76 5.47 11.96
C SER A 562 -10.40 6.90 11.56
N LEU A 563 -9.21 7.04 10.98
CA LEU A 563 -8.69 8.36 10.56
C LEU A 563 -9.59 9.05 9.46
N ALA A 564 -9.90 8.31 8.43
CA ALA A 564 -10.77 8.85 7.35
C ALA A 564 -12.10 9.32 7.92
N ASP A 565 -12.63 8.60 8.91
CA ASP A 565 -13.87 9.03 9.57
C ASP A 565 -13.76 10.42 10.13
N VAL A 566 -12.62 10.70 10.80
CA VAL A 566 -12.37 12.03 11.33
C VAL A 566 -12.06 13.06 10.24
N LEU A 567 -11.15 12.73 9.30
CA LEU A 567 -10.73 13.71 8.30
C LEU A 567 -11.93 14.18 7.46
N TYR A 568 -12.84 13.24 7.16
CA TYR A 568 -13.99 13.59 6.25
C TYR A 568 -15.22 13.95 7.07
N GLY A 569 -15.05 14.04 8.40
CA GLY A 569 -16.15 14.62 9.17
C GLY A 569 -17.27 13.65 9.46
N ARG A 570 -17.15 12.35 9.15
CA ARG A 570 -18.20 11.40 9.67
C ARG A 570 -18.18 11.40 11.21
N VAL A 571 -16.98 11.59 11.79
CA VAL A 571 -16.79 11.65 13.22
C VAL A 571 -16.16 13.02 13.56
N ASN A 572 -16.76 13.75 14.52
CA ASN A 572 -16.24 15.02 14.94
C ASN A 572 -15.22 14.65 16.06
N PRO A 573 -13.91 14.95 15.86
CA PRO A 573 -12.96 14.55 16.91
C PRO A 573 -13.32 15.20 18.25
N GLY A 574 -13.41 14.35 19.27
CA GLY A 574 -13.67 14.78 20.64
C GLY A 574 -12.47 14.43 21.57
N ALA A 575 -11.47 13.72 21.06
CA ALA A 575 -10.38 13.23 21.89
C ALA A 575 -9.59 14.41 22.45
N LYS A 576 -8.86 14.16 23.54
CA LYS A 576 -8.14 15.24 24.24
C LYS A 576 -6.78 14.67 24.60
N SER A 577 -5.72 15.49 24.50
CA SER A 577 -4.38 14.96 24.81
C SER A 577 -4.30 14.39 26.25
N PRO A 578 -3.91 13.11 26.41
CA PRO A 578 -3.77 12.51 27.77
C PRO A 578 -2.33 12.77 28.38
N PHE A 579 -1.56 13.64 27.73
CA PHE A 579 -0.20 14.00 28.19
C PHE A 579 0.16 15.35 27.54
N THR A 580 1.32 15.88 27.97
CA THR A 580 1.73 17.24 27.56
C THR A 580 2.65 17.16 26.31
N TRP A 581 2.52 18.12 25.41
CA TRP A 581 3.38 18.28 24.23
C TRP A 581 4.30 19.44 24.53
N GLY A 582 5.52 19.15 25.00
CA GLY A 582 6.46 20.21 25.36
C GLY A 582 7.36 20.69 24.22
N LYS A 583 8.01 21.86 24.40
CA LYS A 583 8.94 22.44 23.38
C LYS A 583 10.20 21.66 23.25
N THR A 584 10.68 21.03 24.32
CA THR A 584 11.95 20.29 24.30
C THR A 584 11.79 19.09 25.22
N ARG A 585 12.72 18.14 25.12
CA ARG A 585 12.80 16.99 26.02
C ARG A 585 13.07 17.50 27.47
N GLU A 586 13.89 18.55 27.60
CA GLU A 586 14.30 19.05 28.94
C GLU A 586 13.08 19.55 29.72
N ALA A 587 12.11 20.11 29.03
CA ALA A 587 10.90 20.67 29.64
C ALA A 587 10.10 19.64 30.48
N TYR A 588 10.27 18.35 30.20
CA TYR A 588 9.54 17.32 30.90
C TYR A 588 10.35 16.83 32.13
N GLY A 589 11.66 17.13 32.17
CA GLY A 589 12.55 16.65 33.25
C GLY A 589 12.39 15.13 33.32
N ASP A 590 12.44 14.58 34.53
CA ASP A 590 12.29 13.14 34.73
C ASP A 590 13.12 12.31 33.71
N TYR A 591 14.44 12.38 33.83
CA TYR A 591 15.29 11.71 32.89
C TYR A 591 15.28 10.23 33.19
N LEU A 592 15.41 9.41 32.14
CA LEU A 592 15.60 7.99 32.33
C LEU A 592 17.03 7.75 32.89
N VAL A 593 17.20 6.65 33.62
CA VAL A 593 18.50 6.22 34.06
C VAL A 593 19.06 5.37 32.91
N ARG A 594 20.10 5.85 32.23
CA ARG A 594 20.61 5.18 31.04
C ARG A 594 22.07 4.74 31.22
N GLU A 595 22.64 5.02 32.39
CA GLU A 595 24.03 4.62 32.69
C GLU A 595 24.10 3.95 34.07
N LEU A 596 25.10 3.10 34.29
CA LEU A 596 25.28 2.49 35.61
C LEU A 596 25.59 3.61 36.62
N ASN A 597 24.78 3.83 37.64
CA ASN A 597 25.17 4.88 38.58
C ASN A 597 25.50 4.35 39.97
N ASN A 598 25.64 3.02 40.12
CA ASN A 598 25.84 2.31 41.38
C ASN A 598 26.83 1.22 41.09
N GLY A 599 27.87 1.54 40.32
CA GLY A 599 28.89 0.53 40.03
C GLY A 599 28.24 -0.59 39.26
N ASN A 600 28.63 -1.83 39.58
CA ASN A 600 27.90 -2.99 39.10
C ASN A 600 26.75 -3.46 39.97
N GLY A 601 26.30 -2.62 40.90
CA GLY A 601 25.14 -3.03 41.70
C GLY A 601 23.86 -2.61 40.87
N ALA A 602 22.68 -2.78 41.46
CA ALA A 602 21.40 -2.26 40.92
C ALA A 602 21.51 -0.73 40.67
N PRO A 603 21.27 -0.28 39.40
CA PRO A 603 21.17 1.14 39.17
C PRO A 603 20.07 1.72 40.04
N GLN A 604 20.22 2.99 40.41
CA GLN A 604 19.28 3.62 41.37
C GLN A 604 18.53 4.66 40.61
N ASP A 605 17.21 4.60 40.66
CA ASP A 605 16.33 5.55 39.92
C ASP A 605 15.58 6.26 41.01
N ASP A 606 16.07 7.42 41.44
CA ASP A 606 15.39 8.21 42.48
C ASP A 606 14.31 9.02 41.83
N PHE A 607 13.08 8.90 42.31
CA PHE A 607 11.98 9.72 41.76
C PHE A 607 11.97 11.10 42.46
N SER A 608 13.03 11.86 42.27
CA SER A 608 13.23 13.06 43.13
C SER A 608 12.32 14.22 42.77
N GLU A 609 11.67 14.22 41.59
CA GLU A 609 10.59 15.18 41.29
C GLU A 609 9.31 14.98 42.12
N GLY A 610 9.24 13.90 42.91
CA GLY A 610 8.02 13.63 43.63
C GLY A 610 6.77 13.56 42.71
N VAL A 611 5.66 14.23 43.04
CA VAL A 611 4.46 14.08 42.23
C VAL A 611 4.63 14.84 40.91
N PHE A 612 5.76 15.56 40.71
CA PHE A 612 5.76 16.56 39.58
C PHE A 612 6.15 15.96 38.22
N ILE A 613 5.26 15.12 37.65
CA ILE A 613 5.54 14.48 36.34
C ILE A 613 4.53 15.08 35.37
N ASP A 614 4.89 15.06 34.08
CA ASP A 614 4.03 15.57 32.96
C ASP A 614 3.52 16.96 33.32
N TYR A 615 2.22 17.22 33.15
CA TYR A 615 1.76 18.60 33.31
C TYR A 615 1.98 19.24 34.71
N ARG A 616 1.83 18.45 35.76
CA ARG A 616 2.23 18.96 37.13
C ARG A 616 3.66 19.56 37.17
N GLY A 617 4.64 18.93 36.49
CA GLY A 617 6.04 19.49 36.34
C GLY A 617 6.06 20.75 35.47
N PHE A 618 5.35 20.74 34.32
CA PHE A 618 5.35 21.96 33.49
C PHE A 618 4.75 23.13 34.30
N ASP A 619 3.67 22.87 35.02
CA ASP A 619 2.97 23.96 35.77
C ASP A 619 3.92 24.46 36.94
N LYS A 620 4.61 23.53 37.60
CA LYS A 620 5.51 23.89 38.71
C LYS A 620 6.61 24.83 38.17
N ARG A 621 7.15 24.53 36.99
CA ARG A 621 8.20 25.32 36.41
C ARG A 621 7.70 26.47 35.63
N ASN A 622 6.40 26.74 35.63
CA ASN A 622 5.87 27.86 34.84
C ASN A 622 6.24 27.73 33.35
N GLU A 623 6.39 26.53 32.80
CA GLU A 623 6.68 26.36 31.33
C GLU A 623 5.41 26.26 30.51
N THR A 624 5.37 26.81 29.31
CA THR A 624 4.12 26.76 28.46
C THR A 624 4.26 25.59 27.49
N PRO A 625 3.40 24.56 27.67
CA PRO A 625 3.43 23.45 26.67
C PRO A 625 3.00 24.01 25.29
N ILE A 626 3.40 23.35 24.21
CA ILE A 626 2.79 23.62 22.88
C ILE A 626 1.33 23.18 22.91
N TYR A 627 1.04 21.95 23.35
CA TYR A 627 -0.32 21.53 23.56
C TYR A 627 -0.35 20.98 24.97
N GLU A 628 -1.26 21.51 25.82
CA GLU A 628 -1.23 21.07 27.23
C GLU A 628 -2.05 19.78 27.41
N PHE A 629 -1.82 19.11 28.56
CA PHE A 629 -2.74 18.07 28.98
C PHE A 629 -4.20 18.52 28.94
N GLY A 630 -5.04 17.68 28.33
CA GLY A 630 -6.46 17.98 28.17
C GLY A 630 -6.81 18.75 26.91
N HIS A 631 -5.81 19.15 26.12
CA HIS A 631 -6.07 19.92 24.89
C HIS A 631 -6.55 19.02 23.72
N GLY A 632 -7.64 19.43 23.12
CA GLY A 632 -8.07 18.82 21.81
C GLY A 632 -9.13 19.75 21.21
N LEU A 633 -9.12 19.89 19.88
CA LEU A 633 -10.07 20.77 19.19
C LEU A 633 -11.25 19.98 18.69
N SER A 634 -12.26 20.68 18.17
CA SER A 634 -13.49 19.98 17.65
C SER A 634 -13.87 20.69 16.38
N TYR A 635 -14.77 20.06 15.58
CA TYR A 635 -15.34 20.82 14.47
C TYR A 635 -16.52 21.73 14.91
N THR A 636 -16.87 21.69 16.18
CA THR A 636 -17.83 22.71 16.71
C THR A 636 -17.11 23.37 17.89
N THR A 637 -17.82 24.27 18.59
CA THR A 637 -17.26 25.01 19.75
C THR A 637 -18.23 24.76 20.90
N PHE A 638 -17.69 24.83 22.10
CA PHE A 638 -18.48 24.63 23.30
C PHE A 638 -18.24 25.80 24.26
N ASN A 639 -19.22 26.10 25.11
CA ASN A 639 -19.10 27.21 26.11
C ASN A 639 -19.42 26.57 27.50
N TYR A 640 -18.65 26.94 28.52
CA TYR A 640 -18.86 26.51 29.88
C TYR A 640 -19.44 27.69 30.67
N SER A 641 -20.50 27.51 31.44
CA SER A 641 -21.02 28.67 32.28
C SER A 641 -21.73 28.13 33.52
N GLY A 642 -22.02 29.00 34.50
CA GLY A 642 -22.87 28.60 35.60
C GLY A 642 -22.25 27.54 36.51
N LEU A 643 -20.99 27.76 36.96
CA LEU A 643 -20.40 26.84 37.89
C LEU A 643 -21.10 26.99 39.30
N HIS A 644 -21.50 25.85 39.92
CA HIS A 644 -22.15 25.84 41.28
C HIS A 644 -21.56 24.72 42.10
N ILE A 645 -21.53 24.90 43.43
CA ILE A 645 -20.91 23.97 44.32
C ILE A 645 -21.93 23.74 45.43
N GLN A 646 -22.13 22.49 45.84
CA GLN A 646 -23.08 22.22 46.86
C GLN A 646 -22.47 21.24 47.84
N VAL A 647 -22.41 21.61 49.13
CA VAL A 647 -21.82 20.75 50.16
C VAL A 647 -22.83 19.61 50.35
N LEU A 648 -22.39 18.38 50.46
CA LEU A 648 -23.35 17.27 50.69
C LEU A 648 -23.19 16.71 52.14
N ASN A 649 -24.23 15.97 52.58
CA ASN A 649 -24.22 15.30 53.86
C ASN A 649 -23.59 13.93 53.63
N ALA A 650 -22.38 13.74 54.18
CA ALA A 650 -21.75 12.40 54.28
C ALA A 650 -21.67 11.88 55.73
N VAL A 656 -16.65 -0.41 59.91
CA VAL A 656 -15.21 -0.61 59.54
C VAL A 656 -14.46 -1.25 60.72
N ALA A 657 -14.09 -2.50 60.58
CA ALA A 657 -13.43 -3.24 61.67
C ALA A 657 -12.08 -2.59 62.03
N THR A 658 -11.63 -2.79 63.26
CA THR A 658 -10.33 -2.21 63.71
C THR A 658 -9.33 -3.33 63.83
N GLU A 659 -9.81 -4.58 63.72
CA GLU A 659 -8.91 -5.76 63.78
C GLU A 659 -9.36 -6.78 62.75
N THR A 660 -8.42 -7.56 62.24
CA THR A 660 -8.79 -8.65 61.34
C THR A 660 -9.09 -9.92 62.15
N GLY A 661 -9.56 -10.98 61.51
CA GLY A 661 -9.64 -12.33 62.14
C GLY A 661 -8.27 -13.00 62.19
N ALA A 662 -8.16 -14.16 62.86
CA ALA A 662 -6.88 -14.89 62.91
C ALA A 662 -6.73 -15.57 61.54
N ALA A 663 -5.52 -15.93 61.12
CA ALA A 663 -5.35 -16.57 59.80
C ALA A 663 -5.95 -17.99 59.79
N PRO A 664 -6.89 -18.31 58.85
CA PRO A 664 -7.39 -19.68 58.83
C PRO A 664 -6.58 -20.73 58.04
N THR A 665 -6.77 -22.01 58.32
CA THR A 665 -6.17 -22.99 57.45
C THR A 665 -7.39 -23.74 56.91
N PHE A 666 -7.29 -24.29 55.70
CA PHE A 666 -8.40 -25.05 55.14
C PHE A 666 -7.84 -26.36 54.62
N GLY A 667 -8.42 -27.48 55.05
CA GLY A 667 -7.88 -28.79 54.71
C GLY A 667 -6.66 -29.15 55.54
N GLN A 668 -6.06 -30.32 55.28
CA GLN A 668 -4.97 -30.85 56.13
C GLN A 668 -3.69 -31.12 55.33
N VAL A 669 -2.55 -30.97 56.02
CA VAL A 669 -1.27 -31.41 55.50
C VAL A 669 -0.85 -32.74 56.18
N GLY A 670 -0.29 -33.67 55.42
CA GLY A 670 0.06 -35.04 55.86
C GLY A 670 1.55 -35.20 55.83
N ASN A 671 2.06 -36.46 55.76
CA ASN A 671 3.54 -36.73 55.82
C ASN A 671 4.16 -36.37 54.46
N ALA A 672 5.46 -36.13 54.42
CA ALA A 672 6.22 -36.02 53.16
C ALA A 672 5.88 -37.13 52.13
N SER A 673 5.60 -38.34 52.63
CA SER A 673 5.32 -39.46 51.72
C SER A 673 3.98 -39.24 50.97
N ASP A 674 3.04 -38.46 51.47
CA ASP A 674 1.83 -38.15 50.64
C ASP A 674 2.13 -37.38 49.34
N TYR A 675 3.29 -36.75 49.26
CA TYR A 675 3.59 -35.74 48.21
C TYR A 675 4.78 -36.11 47.34
N VAL A 676 5.17 -37.40 47.39
CA VAL A 676 6.21 -37.92 46.53
C VAL A 676 5.60 -38.12 45.12
N TYR A 677 6.41 -38.01 44.06
CA TYR A 677 5.90 -38.31 42.68
C TYR A 677 5.03 -39.56 42.54
N PRO A 678 3.76 -39.45 42.07
CA PRO A 678 2.92 -40.66 41.89
C PRO A 678 3.57 -41.63 40.91
N GLU A 679 3.35 -42.94 41.08
CA GLU A 679 4.20 -43.89 40.36
C GLU A 679 3.70 -44.10 38.95
N GLY A 680 2.39 -44.01 38.74
CA GLY A 680 1.87 -44.15 37.37
C GLY A 680 2.11 -42.96 36.42
N LEU A 681 3.03 -42.04 36.75
CA LEU A 681 3.09 -40.76 35.99
C LEU A 681 4.40 -40.44 35.26
N THR A 682 4.30 -40.18 33.96
CA THR A 682 5.49 -39.83 33.15
C THR A 682 5.79 -38.33 33.35
N ARG A 683 6.93 -38.01 33.89
CA ARG A 683 7.30 -36.66 34.11
C ARG A 683 7.80 -36.08 32.77
N ILE A 684 7.18 -34.99 32.32
CA ILE A 684 7.56 -34.40 31.03
C ILE A 684 8.79 -33.54 31.29
N SER A 685 9.78 -33.57 30.41
CA SER A 685 10.98 -32.73 30.61
C SER A 685 10.60 -31.20 30.67
N LYS A 686 11.30 -30.52 31.58
CA LYS A 686 11.16 -29.12 31.89
C LYS A 686 9.87 -28.82 32.60
N PHE A 687 8.96 -29.77 32.69
CA PHE A 687 7.65 -29.47 33.29
C PHE A 687 7.84 -29.29 34.82
N ILE A 688 7.21 -28.24 35.35
CA ILE A 688 7.25 -27.97 36.80
C ILE A 688 6.10 -28.66 37.51
N TYR A 689 6.50 -29.46 38.52
CA TYR A 689 5.56 -30.28 39.31
C TYR A 689 5.54 -29.89 40.81
N PRO A 690 4.44 -30.20 41.52
CA PRO A 690 4.44 -29.83 42.96
C PRO A 690 5.14 -30.91 43.89
N TRP A 691 5.69 -31.97 43.28
CA TRP A 691 6.03 -33.21 44.01
C TRP A 691 7.49 -33.36 44.38
N LEU A 692 7.73 -34.31 45.29
CA LEU A 692 9.06 -34.47 45.89
C LEU A 692 9.74 -35.72 45.33
N ASN A 693 11.08 -35.69 45.10
CA ASN A 693 11.68 -36.95 44.68
C ASN A 693 11.54 -38.08 45.74
N SER A 694 11.71 -37.71 47.02
CA SER A 694 11.71 -38.70 48.13
C SER A 694 11.28 -37.92 49.38
N THR A 695 11.08 -38.63 50.49
CA THR A 695 10.77 -38.02 51.76
C THR A 695 12.01 -37.33 52.29
N ASP A 696 13.17 -37.45 51.64
CA ASP A 696 14.27 -36.62 52.10
C ASP A 696 14.01 -35.14 51.64
N LEU A 697 13.56 -34.26 52.52
CA LEU A 697 13.24 -32.89 52.17
C LEU A 697 14.38 -32.14 51.55
N LYS A 698 15.51 -32.12 52.26
CA LYS A 698 16.74 -31.46 51.81
C LYS A 698 17.14 -31.88 50.41
N ALA A 699 17.19 -33.19 50.15
CA ALA A 699 17.68 -33.73 48.87
C ALA A 699 16.58 -33.54 47.76
N SER A 700 15.28 -33.59 48.11
CA SER A 700 14.22 -33.30 47.14
C SER A 700 14.21 -31.82 46.69
N SER A 701 14.69 -30.92 47.54
CA SER A 701 14.63 -29.51 47.25
C SER A 701 15.76 -29.15 46.33
N GLY A 702 16.91 -29.82 46.49
CA GLY A 702 18.10 -29.52 45.69
C GLY A 702 18.55 -28.08 45.88
N ASP A 703 18.18 -27.43 46.97
CA ASP A 703 18.52 -26.03 47.19
C ASP A 703 19.86 -25.94 47.91
N PRO A 704 20.87 -25.26 47.34
CA PRO A 704 22.15 -25.14 48.08
C PRO A 704 22.02 -24.47 49.46
N TYR A 705 21.05 -23.59 49.64
CA TYR A 705 20.79 -22.94 50.93
C TYR A 705 19.79 -23.61 51.84
N TYR A 706 19.38 -24.84 51.51
CA TYR A 706 18.38 -25.52 52.34
C TYR A 706 18.80 -25.59 53.82
N GLY A 707 17.97 -25.06 54.71
CA GLY A 707 18.20 -25.13 56.17
C GLY A 707 19.38 -24.27 56.65
N VAL A 708 20.00 -23.54 55.74
CA VAL A 708 21.02 -22.53 56.11
C VAL A 708 20.45 -21.24 56.74
N ASP A 709 20.80 -21.07 58.03
CA ASP A 709 20.41 -19.91 58.86
C ASP A 709 18.92 -19.58 58.73
N THR A 710 18.06 -20.59 58.73
CA THR A 710 16.69 -20.36 58.24
C THR A 710 15.95 -19.25 58.99
N ALA A 711 16.02 -19.34 60.33
CA ALA A 711 15.39 -18.38 61.21
C ALA A 711 15.83 -16.93 60.94
N GLU A 712 17.13 -16.71 60.64
CA GLU A 712 17.58 -15.33 60.37
C GLU A 712 16.98 -14.79 59.07
N HIS A 713 16.60 -15.67 58.16
CA HIS A 713 16.07 -15.22 56.85
C HIS A 713 14.49 -15.21 56.75
N VAL A 714 13.87 -15.48 57.89
CA VAL A 714 12.45 -15.35 58.05
C VAL A 714 12.19 -14.06 58.87
N PRO A 715 11.64 -13.03 58.20
CA PRO A 715 11.43 -11.77 58.88
C PRO A 715 10.44 -11.88 60.06
N GLU A 716 10.62 -10.96 61.00
CA GLU A 716 9.77 -10.86 62.19
C GLU A 716 8.36 -10.60 61.75
N GLY A 717 7.40 -11.38 62.30
CA GLY A 717 6.00 -11.17 61.96
C GLY A 717 5.55 -12.01 60.82
N ALA A 718 6.51 -12.52 60.02
CA ALA A 718 6.26 -13.26 58.77
C ALA A 718 5.43 -14.52 58.94
N THR A 719 5.45 -15.16 60.11
CA THR A 719 4.68 -16.38 60.34
C THR A 719 3.62 -16.10 61.38
N ASP A 720 3.46 -14.85 61.75
CA ASP A 720 2.40 -14.45 62.73
C ASP A 720 0.95 -14.58 62.17
N GLY A 721 0.24 -15.67 62.48
CA GLY A 721 -1.16 -15.89 62.06
C GLY A 721 -2.23 -15.32 63.00
N SER A 722 -1.86 -14.44 63.93
CA SER A 722 -2.87 -13.87 64.83
C SER A 722 -3.57 -12.63 64.27
N PRO A 723 -4.71 -12.20 64.90
CA PRO A 723 -5.44 -11.02 64.39
C PRO A 723 -4.51 -9.81 64.29
N GLN A 724 -4.72 -8.97 63.28
CA GLN A 724 -3.82 -7.83 63.08
C GLN A 724 -4.61 -6.53 63.15
N PRO A 725 -3.93 -5.39 63.46
CA PRO A 725 -4.62 -4.07 63.41
C PRO A 725 -5.06 -3.76 61.97
N VAL A 726 -6.22 -3.14 61.79
CA VAL A 726 -6.58 -2.63 60.45
C VAL A 726 -5.95 -1.23 60.37
N LEU A 727 -5.24 -0.98 59.25
CA LEU A 727 -4.62 0.29 58.99
C LEU A 727 -5.67 1.37 58.94
N PRO A 728 -5.34 2.57 59.44
CA PRO A 728 -6.23 3.77 59.41
C PRO A 728 -6.76 4.03 57.97
N ALA A 729 -5.88 3.86 56.94
CA ALA A 729 -6.29 4.09 55.57
C ALA A 729 -6.90 2.82 54.89
N GLY A 730 -7.02 1.72 55.64
CA GLY A 730 -7.47 0.46 55.14
C GLY A 730 -8.90 0.17 55.56
N GLY A 731 -9.27 -1.09 55.47
CA GLY A 731 -10.56 -1.53 55.93
C GLY A 731 -11.67 -1.56 54.90
N GLY A 732 -11.39 -1.32 53.63
CA GLY A 732 -12.48 -1.35 52.62
C GLY A 732 -11.81 -1.83 51.33
N SER A 733 -12.34 -1.49 50.17
CA SER A 733 -11.77 -1.93 48.92
C SER A 733 -11.25 -0.69 48.21
N GLY A 734 -9.91 -0.66 47.99
CA GLY A 734 -9.18 0.54 47.48
C GLY A 734 -9.07 1.59 48.56
N GLY A 735 -9.17 1.10 49.81
CA GLY A 735 -8.87 1.91 51.00
C GLY A 735 -10.15 2.09 51.83
N ASN A 736 -9.99 2.65 53.04
CA ASN A 736 -11.12 2.90 53.96
C ASN A 736 -12.37 3.42 53.21
N PRO A 737 -13.55 2.83 53.47
CA PRO A 737 -14.73 3.29 52.65
C PRO A 737 -15.06 4.79 52.87
N ARG A 738 -14.65 5.38 53.99
CA ARG A 738 -14.90 6.80 54.19
C ARG A 738 -14.19 7.70 53.13
N LEU A 739 -13.12 7.20 52.51
CA LEU A 739 -12.42 7.95 51.45
C LEU A 739 -13.36 8.20 50.26
N TYR A 740 -14.39 7.36 50.14
CA TYR A 740 -15.30 7.44 48.99
C TYR A 740 -16.58 8.12 49.33
N ASP A 741 -16.75 8.62 50.54
CA ASP A 741 -17.88 9.53 50.82
C ASP A 741 -17.84 10.71 49.86
N GLU A 742 -19.02 11.06 49.34
CA GLU A 742 -19.11 12.24 48.51
C GLU A 742 -19.31 13.51 49.32
N LEU A 743 -18.43 14.50 49.18
CA LEU A 743 -18.53 15.67 50.09
C LEU A 743 -19.07 16.90 49.41
N ILE A 744 -18.85 17.00 48.11
CA ILE A 744 -19.19 18.23 47.35
C ILE A 744 -19.79 17.83 46.01
N ARG A 745 -20.95 18.40 45.62
CA ARG A 745 -21.46 18.21 44.28
C ARG A 745 -21.11 19.47 43.49
N VAL A 746 -20.57 19.26 42.29
CA VAL A 746 -20.21 20.39 41.41
C VAL A 746 -21.09 20.32 40.13
N SER A 747 -21.56 21.45 39.60
CA SER A 747 -22.31 21.38 38.38
C SER A 747 -21.90 22.59 37.52
N VAL A 748 -22.01 22.44 36.20
CA VAL A 748 -21.72 23.48 35.29
C VAL A 748 -22.57 23.23 34.06
N THR A 749 -22.87 24.29 33.32
CA THR A 749 -23.65 24.11 32.06
C THR A 749 -22.70 24.16 30.84
N VAL A 750 -22.87 23.21 29.95
CA VAL A 750 -21.95 23.05 28.80
C VAL A 750 -22.89 23.19 27.60
N LYS A 751 -22.55 24.09 26.69
CA LYS A 751 -23.44 24.31 25.51
C LYS A 751 -22.59 24.14 24.21
N ASN A 752 -23.20 23.54 23.18
CA ASN A 752 -22.53 23.50 21.86
C ASN A 752 -22.94 24.80 21.14
N THR A 753 -21.98 25.66 20.91
CA THR A 753 -22.27 27.00 20.42
C THR A 753 -21.88 27.06 18.94
N GLY A 754 -21.67 25.89 18.27
CA GLY A 754 -21.20 25.91 16.90
C GLY A 754 -22.27 25.31 16.01
N ARG A 755 -21.90 24.84 14.82
CA ARG A 755 -22.93 24.48 13.79
C ARG A 755 -23.05 22.99 13.58
N VAL A 756 -22.21 22.18 14.26
CA VAL A 756 -22.19 20.72 14.04
C VAL A 756 -22.30 19.93 15.37
N ALA A 757 -23.03 18.81 15.42
CA ALA A 757 -22.98 17.94 16.60
C ALA A 757 -21.49 17.57 16.96
N GLY A 758 -21.25 17.39 18.25
CA GLY A 758 -19.93 16.99 18.69
C GLY A 758 -19.94 16.64 20.17
N ASP A 759 -18.82 16.10 20.62
CA ASP A 759 -18.64 15.71 21.99
C ASP A 759 -17.73 16.72 22.66
N ALA A 760 -18.18 17.18 23.82
CA ALA A 760 -17.33 18.02 24.70
C ALA A 760 -16.73 17.10 25.78
N VAL A 761 -15.59 17.47 26.30
CA VAL A 761 -14.98 16.71 27.42
C VAL A 761 -14.77 17.75 28.49
N PRO A 762 -15.84 18.02 29.26
CA PRO A 762 -15.56 18.96 30.37
C PRO A 762 -14.54 18.36 31.33
N GLN A 763 -13.74 19.21 31.93
CA GLN A 763 -12.66 18.73 32.84
C GLN A 763 -12.71 19.53 34.11
N LEU A 764 -12.69 18.83 35.23
CA LEU A 764 -12.75 19.50 36.55
C LEU A 764 -11.41 19.27 37.27
N TYR A 765 -10.71 20.35 37.56
CA TYR A 765 -9.46 20.29 38.28
C TYR A 765 -9.70 20.85 39.70
N VAL A 766 -8.90 20.39 40.66
CA VAL A 766 -8.81 21.10 41.94
C VAL A 766 -7.45 21.67 42.23
N SER A 767 -7.43 22.66 43.12
CA SER A 767 -6.18 23.12 43.72
C SER A 767 -6.38 22.74 45.16
N LEU A 768 -5.48 21.92 45.67
CA LEU A 768 -5.54 21.43 47.05
C LEU A 768 -4.79 22.37 48.07
N GLY A 769 -3.99 23.28 47.56
CA GLY A 769 -3.36 24.37 48.31
C GLY A 769 -2.11 23.83 49.03
N GLY A 770 -1.24 24.74 49.44
CA GLY A 770 -0.11 24.29 50.22
C GLY A 770 1.11 24.53 49.36
N PRO A 771 2.26 24.79 49.99
CA PRO A 771 3.44 25.09 49.18
C PRO A 771 3.99 23.92 48.36
N ASN A 772 3.82 22.66 48.72
CA ASN A 772 4.43 21.72 47.76
C ASN A 772 3.43 20.92 46.86
N GLU A 773 2.27 21.53 46.61
CA GLU A 773 1.17 20.90 45.81
C GLU A 773 1.08 21.46 44.41
N PRO A 774 0.84 20.58 43.43
CA PRO A 774 0.58 21.10 42.06
C PRO A 774 -0.47 22.21 42.06
N LYS A 775 -0.28 23.19 41.21
CA LYS A 775 -1.27 24.26 41.04
C LYS A 775 -2.70 23.71 40.76
N VAL A 776 -2.82 22.74 39.83
CA VAL A 776 -4.14 22.05 39.56
C VAL A 776 -3.87 20.56 39.40
N VAL A 777 -4.83 19.74 39.81
CA VAL A 777 -4.76 18.31 39.48
C VAL A 777 -6.16 17.91 39.02
N LEU A 778 -6.21 17.10 37.97
CA LEU A 778 -7.53 16.65 37.40
C LEU A 778 -8.21 15.75 38.47
N ARG A 779 -9.53 15.91 38.66
CA ARG A 779 -10.33 15.00 39.48
C ARG A 779 -11.48 14.41 38.71
N LYS A 780 -12.14 15.19 37.86
CA LYS A 780 -13.36 14.59 37.21
C LYS A 780 -13.39 14.95 35.74
N PHE A 781 -14.19 14.21 34.96
CA PHE A 781 -14.27 14.45 33.51
C PHE A 781 -15.46 13.61 33.01
N ASP A 782 -15.99 13.98 31.86
CA ASP A 782 -16.92 13.05 31.20
C ASP A 782 -16.87 13.46 29.74
N ARG A 783 -17.56 12.71 28.87
CA ARG A 783 -17.55 13.07 27.46
C ARG A 783 -19.02 13.14 27.09
N LEU A 784 -19.49 14.28 26.56
CA LEU A 784 -20.91 14.53 26.41
C LEU A 784 -21.21 14.92 24.97
N THR A 785 -22.18 14.22 24.40
CA THR A 785 -22.59 14.43 23.03
C THR A 785 -23.66 15.54 22.99
N LEU A 786 -23.36 16.64 22.29
CA LEU A 786 -24.33 17.76 22.14
C LEU A 786 -24.64 18.14 20.68
N LYS A 787 -25.93 18.32 20.35
CA LYS A 787 -26.32 18.88 19.05
C LYS A 787 -26.07 20.36 19.03
N PRO A 788 -25.98 20.97 17.80
CA PRO A 788 -25.72 22.40 17.69
C PRO A 788 -26.73 23.15 18.57
N SER A 789 -26.24 24.09 19.37
CA SER A 789 -27.12 24.82 20.36
C SER A 789 -27.54 24.07 21.58
N GLU A 790 -27.36 22.75 21.66
CA GLU A 790 -27.85 22.04 22.78
C GLU A 790 -27.02 22.38 24.05
N GLU A 791 -27.65 22.34 25.26
CA GLU A 791 -26.93 22.54 26.52
C GLU A 791 -27.28 21.41 27.44
N THR A 792 -26.49 21.23 28.48
CA THR A 792 -26.78 20.17 29.41
C THR A 792 -26.07 20.59 30.67
N VAL A 793 -26.57 20.14 31.80
CA VAL A 793 -25.91 20.37 33.08
C VAL A 793 -25.05 19.14 33.39
N TRP A 794 -23.77 19.34 33.49
CA TRP A 794 -22.81 18.31 33.87
C TRP A 794 -22.62 18.34 35.38
N THR A 795 -23.00 17.28 36.07
CA THR A 795 -22.94 17.30 37.52
C THR A 795 -22.04 16.20 37.96
N THR A 796 -21.06 16.46 38.83
CA THR A 796 -20.19 15.38 39.36
C THR A 796 -19.98 15.62 40.89
N THR A 797 -19.24 14.76 41.57
CA THR A 797 -19.07 14.91 42.99
C THR A 797 -17.59 14.68 43.30
N LEU A 798 -17.08 15.41 44.30
CA LEU A 798 -15.75 15.21 44.86
C LEU A 798 -15.85 14.39 46.13
N THR A 799 -15.03 13.35 46.22
CA THR A 799 -15.05 12.48 47.36
C THR A 799 -14.00 12.98 48.41
N ARG A 800 -14.04 12.40 49.59
CA ARG A 800 -13.02 12.77 50.61
C ARG A 800 -11.61 12.53 50.01
N ARG A 801 -11.41 11.35 49.41
CA ARG A 801 -10.13 11.07 48.73
C ARG A 801 -9.74 12.19 47.78
N ASP A 802 -10.72 12.66 47.00
CA ASP A 802 -10.42 13.69 45.98
C ASP A 802 -9.83 14.95 46.54
N LEU A 803 -10.09 15.25 47.86
CA LEU A 803 -9.74 16.50 48.49
C LEU A 803 -8.53 16.37 49.46
N SER A 804 -8.04 15.15 49.61
CA SER A 804 -6.96 14.79 50.54
C SER A 804 -5.56 14.74 49.99
N ASN A 805 -4.62 14.80 50.91
CA ASN A 805 -3.26 14.50 50.63
C ASN A 805 -2.77 13.38 51.54
N TRP A 806 -1.71 12.70 51.13
CA TRP A 806 -1.29 11.59 51.92
C TRP A 806 -0.38 12.21 53.03
N ASP A 807 -0.74 11.97 54.29
CA ASP A 807 0.04 12.43 55.43
C ASP A 807 0.90 11.24 55.94
N VAL A 808 2.21 11.33 55.74
CA VAL A 808 3.09 10.26 56.09
C VAL A 808 3.12 10.02 57.64
N ALA A 809 2.98 11.07 58.44
CA ALA A 809 2.97 10.92 59.94
C ALA A 809 1.69 10.21 60.37
N ALA A 810 0.53 10.55 59.78
CA ALA A 810 -0.70 9.83 60.15
C ALA A 810 -0.84 8.46 59.53
N GLN A 811 -0.13 8.17 58.41
CA GLN A 811 -0.46 7.02 57.52
C GLN A 811 -1.90 7.06 57.10
N ASP A 812 -2.35 8.21 56.63
CA ASP A 812 -3.70 8.27 56.21
C ASP A 812 -3.84 9.46 55.28
N TRP A 813 -4.98 9.54 54.60
CA TRP A 813 -5.31 10.62 53.74
C TRP A 813 -5.96 11.63 54.68
N VAL A 814 -5.66 12.91 54.45
CA VAL A 814 -6.10 13.99 55.32
C VAL A 814 -6.56 15.14 54.42
N ILE A 815 -7.69 15.82 54.75
CA ILE A 815 -7.99 17.05 54.06
C ILE A 815 -7.23 18.17 54.76
N THR A 816 -6.23 18.76 54.10
CA THR A 816 -5.38 19.72 54.83
C THR A 816 -6.14 21.04 55.02
N SER A 817 -5.59 21.91 55.85
CA SER A 817 -6.35 23.12 56.15
C SER A 817 -6.08 24.22 55.14
N TYR A 818 -5.22 24.02 54.15
CA TYR A 818 -5.10 25.02 53.07
C TYR A 818 -6.45 25.13 52.32
N PRO A 819 -6.88 26.35 51.95
CA PRO A 819 -8.13 26.56 51.23
C PRO A 819 -8.05 25.90 49.84
N LYS A 820 -9.16 25.33 49.38
CA LYS A 820 -9.11 24.55 48.15
C LYS A 820 -9.97 25.26 47.12
N LYS A 821 -9.69 25.06 45.83
CA LYS A 821 -10.45 25.70 44.79
C LYS A 821 -10.84 24.62 43.78
N VAL A 822 -11.99 24.80 43.16
CA VAL A 822 -12.45 24.01 41.99
C VAL A 822 -12.27 24.82 40.71
N HIS A 823 -11.76 24.21 39.61
CA HIS A 823 -11.64 24.92 38.28
C HIS A 823 -12.26 24.04 37.19
N VAL A 824 -13.13 24.58 36.32
CA VAL A 824 -13.76 23.77 35.31
C VAL A 824 -13.53 24.39 33.90
N GLY A 825 -13.23 23.56 32.88
CA GLY A 825 -13.04 24.12 31.53
C GLY A 825 -12.67 23.03 30.56
N SER A 826 -12.07 23.43 29.46
CA SER A 826 -11.81 22.51 28.34
C SER A 826 -10.39 21.90 28.33
N SER A 827 -9.43 22.40 29.15
CA SER A 827 -8.10 21.75 29.24
C SER A 827 -7.43 22.15 30.57
N SER A 828 -6.23 21.66 30.87
CA SER A 828 -5.55 22.05 32.11
C SER A 828 -5.08 23.50 32.12
N ARG A 829 -5.14 24.16 30.96
CA ARG A 829 -4.75 25.58 30.86
C ARG A 829 -5.89 26.49 30.47
N GLN A 830 -7.02 25.92 30.09
CA GLN A 830 -8.17 26.71 29.64
C GLN A 830 -9.29 26.43 30.63
N LEU A 831 -9.31 27.19 31.72
CA LEU A 831 -10.21 26.89 32.85
C LEU A 831 -10.87 28.22 33.16
N PRO A 832 -11.99 28.51 32.46
CA PRO A 832 -12.52 29.85 32.70
C PRO A 832 -13.37 29.93 33.92
N LEU A 833 -13.71 28.80 34.54
CA LEU A 833 -14.63 28.85 35.70
C LEU A 833 -13.89 28.43 36.95
N HIS A 834 -14.06 29.16 38.07
CA HIS A 834 -13.32 28.89 39.33
C HIS A 834 -14.26 29.09 40.49
N ALA A 835 -14.11 28.28 41.52
CA ALA A 835 -14.91 28.53 42.73
C ALA A 835 -14.12 28.10 43.95
N ALA A 836 -14.17 28.95 44.98
CA ALA A 836 -13.53 28.52 46.25
C ALA A 836 -14.40 27.42 46.81
N LEU A 837 -13.79 26.44 47.49
CA LEU A 837 -14.55 25.38 48.18
C LEU A 837 -14.68 25.66 49.70
N PRO A 838 -15.87 25.43 50.28
CA PRO A 838 -16.03 25.61 51.73
C PRO A 838 -15.31 24.49 52.45
N LYS A 839 -14.96 24.75 53.71
CA LYS A 839 -14.31 23.73 54.54
C LYS A 839 -15.21 22.49 54.68
N VAL A 840 -14.62 21.31 54.41
CA VAL A 840 -15.27 20.01 54.59
C VAL A 840 -14.14 19.14 55.20
N GLN A 841 -14.46 18.00 55.83
CA GLN A 841 -13.38 17.21 56.48
C GLN A 841 -13.52 15.70 56.24
N LEU B 3 26.28 -4.55 -48.76
CA LEU B 3 25.23 -3.99 -47.78
C LEU B 3 23.84 -3.87 -48.45
N ALA B 4 22.76 -4.18 -47.71
CA ALA B 4 21.39 -4.07 -48.23
C ALA B 4 21.21 -2.66 -48.81
N PHE B 5 20.40 -2.55 -49.86
CA PHE B 5 20.31 -1.29 -50.57
C PHE B 5 18.84 -1.01 -50.76
N SER B 6 18.45 0.26 -50.73
CA SER B 6 16.97 0.56 -50.83
C SER B 6 16.67 1.24 -52.18
N PRO B 7 15.92 0.55 -53.08
CA PRO B 7 15.86 1.18 -54.41
C PRO B 7 14.95 2.41 -54.45
N PRO B 8 15.15 3.32 -55.45
CA PRO B 8 14.39 4.53 -55.48
C PRO B 8 12.97 4.33 -56.00
N PHE B 9 12.03 5.10 -55.49
CA PHE B 9 10.69 5.21 -56.13
C PHE B 9 10.21 6.66 -56.09
N TYR B 10 10.14 7.24 -57.29
CA TYR B 10 9.83 8.66 -57.53
C TYR B 10 8.95 8.78 -58.75
N PRO B 11 8.06 9.79 -58.78
CA PRO B 11 7.87 10.95 -57.85
C PRO B 11 7.03 10.53 -56.63
N SER B 12 7.01 11.39 -55.63
CA SER B 12 6.19 11.19 -54.44
C SER B 12 4.72 11.37 -54.80
N PRO B 13 3.93 10.30 -54.68
CA PRO B 13 2.55 10.45 -55.18
C PRO B 13 1.74 11.57 -54.55
N TRP B 14 0.90 12.24 -55.33
CA TRP B 14 0.12 13.37 -54.72
C TRP B 14 -1.27 12.83 -54.34
N ALA B 15 -1.93 13.51 -53.40
CA ALA B 15 -3.23 13.11 -52.92
C ALA B 15 -4.22 13.24 -54.08
N ASN B 16 -5.27 12.48 -54.02
CA ASN B 16 -6.26 12.62 -55.08
C ASN B 16 -7.71 12.53 -54.65
N GLY B 17 -8.00 12.74 -53.35
CA GLY B 17 -9.43 12.68 -52.93
C GLY B 17 -10.01 11.26 -52.92
N GLN B 18 -9.14 10.26 -52.89
CA GLN B 18 -9.56 8.82 -52.86
C GLN B 18 -10.71 8.50 -51.86
N GLY B 19 -11.77 7.81 -52.30
CA GLY B 19 -12.71 7.06 -51.39
C GLY B 19 -13.29 8.00 -50.34
N GLU B 20 -13.03 7.73 -49.09
CA GLU B 20 -13.71 8.48 -48.02
C GLU B 20 -12.98 9.85 -47.81
N TRP B 21 -11.97 10.14 -48.63
CA TRP B 21 -11.20 11.39 -48.49
C TRP B 21 -11.69 12.54 -49.38
N ALA B 22 -12.71 12.28 -50.19
CA ALA B 22 -13.08 13.22 -51.30
C ALA B 22 -13.47 14.58 -50.76
N GLU B 23 -14.31 14.60 -49.73
CA GLU B 23 -14.73 15.87 -49.16
C GLU B 23 -13.60 16.58 -48.42
N ALA B 24 -12.86 15.87 -47.56
CA ALA B 24 -11.74 16.49 -46.82
C ALA B 24 -10.73 17.05 -47.82
N TYR B 25 -10.46 16.26 -48.87
CA TYR B 25 -9.56 16.70 -49.91
C TYR B 25 -10.05 17.98 -50.61
N GLN B 26 -11.32 18.02 -51.08
CA GLN B 26 -11.81 19.28 -51.66
C GLN B 26 -11.68 20.50 -50.73
N ARG B 27 -12.03 20.36 -49.46
CA ARG B 27 -11.79 21.45 -48.46
C ARG B 27 -10.32 21.84 -48.24
N ALA B 28 -9.43 20.84 -48.19
CA ALA B 28 -7.99 21.16 -48.07
C ALA B 28 -7.47 21.95 -49.30
N VAL B 29 -7.77 21.46 -50.49
CA VAL B 29 -7.42 22.22 -51.73
C VAL B 29 -7.92 23.66 -51.72
N ALA B 30 -9.16 23.86 -51.24
CA ALA B 30 -9.79 25.19 -51.25
C ALA B 30 -9.04 26.13 -50.29
N ILE B 31 -8.56 25.62 -49.16
CA ILE B 31 -7.84 26.49 -48.20
C ILE B 31 -6.36 26.64 -48.54
N VAL B 32 -5.76 25.55 -49.00
CA VAL B 32 -4.32 25.62 -49.34
C VAL B 32 -4.15 26.61 -50.54
N SER B 33 -5.16 26.61 -51.44
CA SER B 33 -5.14 27.52 -52.61
C SER B 33 -4.99 28.96 -52.20
N GLN B 34 -5.37 29.33 -50.96
CA GLN B 34 -5.34 30.72 -50.48
C GLN B 34 -4.04 30.99 -49.77
N MET B 35 -3.21 29.99 -49.60
CA MET B 35 -2.02 30.22 -48.73
C MET B 35 -0.82 30.75 -49.51
N THR B 36 -0.01 31.55 -48.84
CA THR B 36 1.31 31.87 -49.34
C THR B 36 2.29 30.74 -49.08
N LEU B 37 3.48 30.79 -49.70
CA LEU B 37 4.41 29.70 -49.57
C LEU B 37 4.84 29.54 -48.08
N ASP B 38 5.11 30.64 -47.41
CA ASP B 38 5.59 30.55 -45.99
C ASP B 38 4.48 30.02 -45.05
N GLU B 39 3.20 30.15 -45.47
CA GLU B 39 2.10 29.63 -44.69
C GLU B 39 2.02 28.12 -44.88
N LYS B 40 2.20 27.68 -46.10
CA LYS B 40 2.29 26.23 -46.36
C LYS B 40 3.44 25.62 -45.54
N VAL B 41 4.59 26.23 -45.66
CA VAL B 41 5.77 25.69 -44.95
C VAL B 41 5.47 25.66 -43.47
N ASN B 42 4.84 26.70 -42.90
CA ASN B 42 4.41 26.61 -41.47
C ASN B 42 3.64 25.31 -41.10
N LEU B 43 2.73 24.83 -42.00
CA LEU B 43 2.03 23.57 -41.72
C LEU B 43 2.97 22.35 -41.60
N THR B 44 4.05 22.30 -42.40
CA THR B 44 4.88 21.12 -42.54
C THR B 44 5.96 21.05 -41.44
N THR B 45 6.12 22.11 -40.67
CA THR B 45 7.36 22.12 -39.80
C THR B 45 7.04 22.45 -38.33
N GLY B 46 7.51 21.62 -37.42
CA GLY B 46 7.37 21.95 -35.96
C GLY B 46 8.10 23.24 -35.56
N THR B 47 7.71 23.82 -34.41
CA THR B 47 8.28 25.14 -34.08
C THR B 47 9.51 25.01 -33.15
N GLY B 48 9.93 23.78 -32.85
CA GLY B 48 11.22 23.55 -32.09
C GLY B 48 10.93 22.83 -30.82
N TRP B 49 11.89 22.07 -30.28
CA TRP B 49 11.62 21.25 -29.12
C TRP B 49 11.29 22.08 -27.87
N GLU B 50 10.08 21.87 -27.29
CA GLU B 50 9.64 22.55 -26.05
C GLU B 50 9.47 24.03 -26.23
N LEU B 51 9.19 24.48 -27.45
CA LEU B 51 8.99 25.93 -27.65
C LEU B 51 7.55 26.30 -27.35
N GLU B 52 6.61 25.35 -27.54
CA GLU B 52 5.19 25.69 -27.31
C GLU B 52 4.59 24.72 -26.26
N LYS B 53 3.39 24.19 -26.47
CA LYS B 53 2.78 23.35 -25.39
C LYS B 53 2.96 21.85 -25.59
N CYS B 54 2.89 21.41 -26.83
CA CYS B 54 2.73 19.98 -27.05
C CYS B 54 4.05 19.35 -27.42
N VAL B 55 4.09 18.04 -27.27
CA VAL B 55 5.33 17.38 -27.60
C VAL B 55 5.77 17.65 -29.06
N GLY B 56 4.80 17.77 -30.00
CA GLY B 56 5.11 18.33 -31.30
C GLY B 56 4.13 19.48 -31.56
N GLN B 57 4.56 20.56 -32.22
CA GLN B 57 3.57 21.65 -32.45
C GLN B 57 4.04 22.47 -33.66
N THR B 58 3.14 22.72 -34.60
CA THR B 58 3.41 23.57 -35.78
C THR B 58 2.83 24.95 -35.46
N GLY B 59 3.30 25.93 -36.22
CA GLY B 59 2.86 27.29 -36.01
C GLY B 59 1.53 27.63 -36.55
N GLY B 60 1.03 26.79 -37.42
CA GLY B 60 -0.28 27.06 -38.05
C GLY B 60 -0.32 28.19 -39.07
N VAL B 61 -1.53 28.66 -39.40
CA VAL B 61 -1.64 29.69 -40.44
C VAL B 61 -2.54 30.76 -39.84
N PRO B 62 -1.97 31.68 -39.07
CA PRO B 62 -3.01 32.55 -38.39
C PRO B 62 -3.90 33.44 -39.30
N ARG B 63 -3.44 33.79 -40.49
CA ARG B 63 -4.20 34.76 -41.33
C ARG B 63 -5.44 34.04 -41.79
N LEU B 64 -5.39 32.70 -41.89
CA LEU B 64 -6.54 31.95 -42.35
C LEU B 64 -7.26 31.25 -41.16
N ASN B 65 -6.96 31.69 -39.94
CA ASN B 65 -7.60 31.13 -38.72
C ASN B 65 -7.38 29.58 -38.53
N ILE B 66 -6.20 29.08 -38.86
CA ILE B 66 -5.87 27.69 -38.65
C ILE B 66 -4.88 27.76 -37.49
N GLY B 67 -5.25 27.23 -36.33
CA GLY B 67 -4.31 27.30 -35.17
C GLY B 67 -3.20 26.28 -35.39
N GLY B 68 -2.06 26.50 -34.76
CA GLY B 68 -0.95 25.53 -34.82
C GLY B 68 -1.41 24.12 -34.40
N MET B 69 -0.90 23.11 -35.07
CA MET B 69 -1.38 21.74 -34.72
C MET B 69 -0.60 21.22 -33.53
N CYS B 70 -1.34 20.75 -32.52
CA CYS B 70 -0.74 20.23 -31.26
C CYS B 70 -0.76 18.65 -31.38
N LEU B 71 0.42 18.03 -31.33
CA LEU B 71 0.62 16.59 -31.46
C LEU B 71 1.11 16.11 -30.10
N GLN B 72 0.44 15.10 -29.51
CA GLN B 72 0.77 14.71 -28.17
C GLN B 72 0.80 13.17 -28.07
N ASP B 73 1.82 12.65 -27.37
CA ASP B 73 1.86 11.26 -26.96
C ASP B 73 0.64 11.09 -25.98
N SER B 74 0.16 9.88 -25.66
CA SER B 74 0.73 8.59 -26.06
C SER B 74 -0.32 7.66 -26.64
N PRO B 75 0.08 6.44 -27.09
CA PRO B 75 -0.92 5.49 -27.54
C PRO B 75 -1.85 5.01 -26.46
N LEU B 76 -1.56 5.30 -25.17
CA LEU B 76 -2.43 4.81 -24.08
C LEU B 76 -2.98 5.85 -23.13
N GLY B 77 -2.88 7.13 -23.50
CA GLY B 77 -3.42 8.23 -22.75
C GLY B 77 -2.55 9.48 -22.92
N ILE B 78 -3.08 10.65 -22.53
CA ILE B 78 -2.34 11.90 -22.80
C ILE B 78 -1.06 11.82 -21.96
N ARG B 79 0.08 12.06 -22.61
CA ARG B 79 1.35 12.21 -21.92
C ARG B 79 1.57 13.63 -21.35
N ASP B 80 2.32 13.72 -20.22
CA ASP B 80 2.92 15.02 -19.81
C ASP B 80 1.84 16.03 -19.46
N SER B 81 0.76 15.53 -18.86
CA SER B 81 -0.37 16.44 -18.67
C SER B 81 -0.96 16.23 -17.29
N ASP B 82 -2.20 16.65 -17.09
CA ASP B 82 -2.88 16.49 -15.81
C ASP B 82 -4.36 16.23 -15.94
N TYR B 83 -4.89 15.57 -14.92
CA TYR B 83 -6.30 15.20 -14.85
C TYR B 83 -6.77 14.45 -16.09
N ASN B 84 -5.91 13.54 -16.56
CA ASN B 84 -6.23 12.67 -17.68
C ASN B 84 -6.28 11.23 -17.10
N SER B 85 -6.77 10.27 -17.92
CA SER B 85 -6.79 8.86 -17.54
C SER B 85 -5.52 8.14 -18.05
N ALA B 86 -5.26 6.95 -17.48
CA ALA B 86 -4.15 6.13 -17.90
C ALA B 86 -4.76 4.80 -18.33
N PHE B 87 -4.82 4.56 -19.65
CA PHE B 87 -5.49 3.37 -20.17
C PHE B 87 -4.55 2.12 -20.19
N PRO B 88 -5.12 0.90 -20.31
CA PRO B 88 -4.28 -0.27 -20.47
C PRO B 88 -3.48 -0.17 -21.80
N ALA B 89 -2.27 -0.74 -21.80
CA ALA B 89 -1.41 -0.74 -22.99
C ALA B 89 -2.07 -1.43 -24.22
N GLY B 90 -1.46 -1.16 -25.40
CA GLY B 90 -1.96 -1.79 -26.67
C GLY B 90 -1.95 -3.31 -26.55
N VAL B 91 -0.94 -3.87 -25.88
CA VAL B 91 -0.84 -5.36 -25.77
C VAL B 91 -2.06 -5.93 -25.03
N ASN B 92 -2.56 -5.21 -24.00
CA ASN B 92 -3.81 -5.62 -23.38
C ASN B 92 -4.98 -5.56 -24.36
N VAL B 93 -5.10 -4.52 -25.19
CA VAL B 93 -6.18 -4.51 -26.18
C VAL B 93 -5.99 -5.74 -27.07
N ALA B 94 -4.71 -6.09 -27.47
CA ALA B 94 -4.54 -7.33 -28.23
C ALA B 94 -5.10 -8.61 -27.48
N ALA B 95 -4.85 -8.67 -26.17
CA ALA B 95 -5.28 -9.83 -25.33
C ALA B 95 -6.83 -9.95 -25.26
N THR B 96 -7.57 -8.83 -25.39
CA THR B 96 -9.03 -8.87 -25.34
C THR B 96 -9.60 -9.54 -26.59
N TRP B 97 -8.86 -9.58 -27.69
CA TRP B 97 -9.34 -10.07 -28.99
C TRP B 97 -10.71 -9.42 -29.35
N ASP B 98 -10.89 -8.15 -28.95
CA ASP B 98 -12.23 -7.58 -28.94
C ASP B 98 -12.24 -6.27 -29.72
N LYS B 99 -12.82 -6.32 -30.94
CA LYS B 99 -12.84 -5.19 -31.85
C LYS B 99 -13.61 -4.01 -31.16
N ASN B 100 -14.66 -4.35 -30.45
CA ASN B 100 -15.50 -3.27 -29.92
C ASN B 100 -14.78 -2.53 -28.76
N LEU B 101 -14.14 -3.29 -27.89
CA LEU B 101 -13.29 -2.64 -26.85
C LEU B 101 -12.15 -1.82 -27.40
N ALA B 102 -11.46 -2.31 -28.45
CA ALA B 102 -10.41 -1.50 -29.08
C ALA B 102 -10.96 -0.14 -29.47
N TYR B 103 -12.14 -0.21 -30.14
CA TYR B 103 -12.84 1.00 -30.60
C TYR B 103 -13.21 1.92 -29.44
N LEU B 104 -13.81 1.33 -28.39
CA LEU B 104 -14.29 2.16 -27.31
C LEU B 104 -13.08 2.81 -26.54
N ARG B 105 -11.98 2.05 -26.44
CA ARG B 105 -10.75 2.64 -25.83
C ARG B 105 -10.25 3.84 -26.70
N GLY B 106 -10.21 3.62 -28.05
CA GLY B 106 -9.88 4.73 -29.00
C GLY B 106 -10.77 5.96 -28.76
N GLN B 107 -12.09 5.76 -28.66
CA GLN B 107 -13.05 6.85 -28.46
C GLN B 107 -12.78 7.63 -27.14
N ALA B 108 -12.62 6.86 -26.09
CA ALA B 108 -12.44 7.46 -24.77
C ALA B 108 -11.10 8.23 -24.79
N MET B 109 -10.06 7.73 -25.48
CA MET B 109 -8.80 8.54 -25.56
C MET B 109 -9.00 9.77 -26.44
N GLY B 110 -9.67 9.60 -27.62
CA GLY B 110 -9.91 10.78 -28.48
C GLY B 110 -10.61 11.89 -27.71
N GLN B 111 -11.62 11.55 -26.94
CA GLN B 111 -12.34 12.55 -26.19
C GLN B 111 -11.39 13.30 -25.25
N GLU B 112 -10.57 12.55 -24.52
CA GLU B 112 -9.58 13.23 -23.56
C GLU B 112 -8.67 14.14 -24.30
N PHE B 113 -7.99 13.61 -25.33
CA PHE B 113 -7.08 14.47 -26.11
C PHE B 113 -7.83 15.70 -26.64
N SER B 114 -9.03 15.50 -27.24
CA SER B 114 -9.65 16.58 -27.86
C SER B 114 -9.87 17.67 -26.83
N ASP B 115 -10.25 17.25 -25.58
CA ASP B 115 -10.68 18.24 -24.58
C ASP B 115 -9.47 19.03 -23.95
N LYS B 116 -8.25 18.50 -24.12
CA LYS B 116 -7.02 19.25 -23.85
C LYS B 116 -6.62 20.23 -24.97
N GLY B 117 -7.35 20.29 -26.10
CA GLY B 117 -6.83 21.12 -27.22
C GLY B 117 -5.73 20.46 -28.01
N ILE B 118 -5.75 19.10 -28.02
CA ILE B 118 -4.76 18.35 -28.79
C ILE B 118 -5.41 17.94 -30.16
N ASP B 119 -4.70 18.15 -31.30
CA ASP B 119 -5.34 17.99 -32.63
C ASP B 119 -4.96 16.61 -33.14
N VAL B 120 -3.81 16.13 -32.68
CA VAL B 120 -3.24 14.87 -33.21
C VAL B 120 -2.68 14.02 -32.04
N GLN B 121 -3.15 12.76 -32.00
CA GLN B 121 -2.69 11.80 -31.01
C GLN B 121 -1.55 11.00 -31.64
N LEU B 122 -0.42 10.87 -30.95
CA LEU B 122 0.68 10.11 -31.56
C LEU B 122 0.51 8.62 -31.20
N GLY B 123 -0.46 7.95 -31.81
CA GLY B 123 -0.69 6.56 -31.58
C GLY B 123 -1.98 6.32 -32.42
N PRO B 124 -2.42 5.07 -32.53
CA PRO B 124 -1.84 3.88 -31.91
C PRO B 124 -0.56 3.35 -32.68
N ALA B 125 0.04 2.26 -32.14
CA ALA B 125 1.26 1.66 -32.65
C ALA B 125 1.01 0.24 -33.21
N ALA B 126 1.66 -0.12 -34.31
CA ALA B 126 1.67 -1.50 -34.81
C ALA B 126 3.05 -1.75 -35.38
N GLY B 127 3.98 -0.83 -35.08
CA GLY B 127 5.37 -1.04 -35.36
C GLY B 127 6.13 -0.45 -34.16
N PRO B 128 6.87 -1.28 -33.43
CA PRO B 128 7.18 -2.74 -33.69
C PRO B 128 5.94 -3.60 -33.73
N LEU B 129 5.93 -4.53 -34.67
CA LEU B 129 4.89 -5.58 -34.70
C LEU B 129 5.19 -6.52 -33.57
N GLY B 130 6.48 -6.76 -33.34
CA GLY B 130 6.91 -7.76 -32.29
C GLY B 130 7.81 -8.94 -32.79
N ARG B 131 8.71 -8.68 -33.76
CA ARG B 131 9.70 -9.69 -34.26
C ARG B 131 10.35 -10.48 -33.11
N SER B 132 10.78 -9.77 -32.07
CA SER B 132 11.49 -10.36 -30.95
C SER B 132 10.69 -10.22 -29.62
N PRO B 133 10.60 -11.29 -28.84
CA PRO B 133 9.80 -11.23 -27.59
C PRO B 133 10.44 -10.29 -26.56
N ASP B 134 11.72 -9.98 -26.72
CA ASP B 134 12.38 -9.08 -25.75
C ASP B 134 12.52 -7.61 -26.34
N GLY B 135 11.91 -7.33 -27.51
CA GLY B 135 11.90 -5.92 -28.08
C GLY B 135 11.30 -4.93 -27.08
N GLY B 136 11.94 -3.78 -26.85
CA GLY B 136 11.51 -2.93 -25.70
C GLY B 136 10.15 -2.23 -25.85
N ARG B 137 9.56 -2.17 -27.05
CA ARG B 137 8.32 -1.39 -27.22
C ARG B 137 7.25 -2.27 -27.77
N ASN B 138 7.39 -3.59 -27.84
CA ASN B 138 6.22 -4.33 -28.43
C ASN B 138 4.92 -4.02 -27.69
N TRP B 139 4.98 -3.84 -26.38
CA TRP B 139 3.75 -3.65 -25.55
C TRP B 139 2.94 -2.43 -25.93
N GLU B 140 3.52 -1.43 -26.64
CA GLU B 140 2.80 -0.24 -27.07
C GLU B 140 1.86 -0.60 -28.21
N GLY B 141 2.28 -1.58 -29.02
CA GLY B 141 1.50 -2.06 -30.21
C GLY B 141 0.52 -3.16 -29.73
N PHE B 142 0.41 -4.27 -30.47
CA PHE B 142 -0.67 -5.21 -30.26
C PHE B 142 -0.09 -6.59 -30.13
N SER B 143 0.21 -7.24 -31.28
CA SER B 143 0.55 -8.66 -31.31
C SER B 143 1.56 -8.87 -32.45
N PRO B 144 2.43 -9.92 -32.37
CA PRO B 144 3.31 -10.29 -33.52
C PRO B 144 2.49 -10.90 -34.65
N ASP B 145 1.20 -11.15 -34.40
CA ASP B 145 0.30 -11.57 -35.51
C ASP B 145 -0.24 -10.35 -36.35
N PRO B 146 -0.04 -10.33 -37.69
CA PRO B 146 -0.49 -9.13 -38.44
C PRO B 146 -2.03 -9.01 -38.54
N ALA B 147 -2.77 -10.13 -38.61
CA ALA B 147 -4.21 -10.04 -38.83
C ALA B 147 -4.86 -9.55 -37.52
N LEU B 148 -4.40 -10.09 -36.34
CA LEU B 148 -4.95 -9.64 -35.05
C LEU B 148 -4.57 -8.12 -34.85
N THR B 149 -3.31 -7.79 -35.06
CA THR B 149 -2.87 -6.42 -34.89
C THR B 149 -3.60 -5.48 -35.83
N GLY B 150 -3.69 -5.85 -37.11
CA GLY B 150 -4.25 -4.96 -38.14
C GLY B 150 -5.70 -4.58 -37.77
N VAL B 151 -6.50 -5.57 -37.40
CA VAL B 151 -7.88 -5.28 -37.00
C VAL B 151 -8.01 -4.36 -35.76
N LEU B 152 -7.25 -4.66 -34.68
CA LEU B 152 -7.40 -3.90 -33.44
C LEU B 152 -6.84 -2.48 -33.61
N PHE B 153 -5.77 -2.38 -34.40
CA PHE B 153 -5.08 -1.07 -34.78
C PHE B 153 -6.08 -0.22 -35.51
N ALA B 154 -6.83 -0.80 -36.49
CA ALA B 154 -7.84 -0.05 -37.28
C ALA B 154 -9.00 0.41 -36.37
N GLU B 155 -9.52 -0.52 -35.57
CA GLU B 155 -10.58 -0.16 -34.59
C GLU B 155 -10.15 0.99 -33.69
N THR B 156 -8.93 0.89 -33.14
CA THR B 156 -8.43 1.98 -32.24
C THR B 156 -8.43 3.33 -32.97
N ILE B 157 -7.92 3.31 -34.20
CA ILE B 157 -7.89 4.48 -35.03
C ILE B 157 -9.26 5.07 -35.28
N LYS B 158 -10.21 4.20 -35.69
CA LYS B 158 -11.55 4.75 -35.90
C LYS B 158 -12.17 5.38 -34.63
N GLY B 159 -11.97 4.72 -33.49
CA GLY B 159 -12.41 5.27 -32.21
C GLY B 159 -11.85 6.68 -31.96
N ILE B 160 -10.55 6.84 -32.12
CA ILE B 160 -9.91 8.12 -31.81
C ILE B 160 -10.45 9.17 -32.81
N GLN B 161 -10.50 8.81 -34.09
CA GLN B 161 -10.85 9.80 -35.12
C GLN B 161 -12.36 10.15 -35.13
N ASP B 162 -13.21 9.19 -34.81
CA ASP B 162 -14.65 9.49 -34.63
C ASP B 162 -14.83 10.47 -33.47
N ALA B 163 -13.83 10.54 -32.53
CA ALA B 163 -13.94 11.49 -31.43
C ALA B 163 -13.28 12.79 -31.84
N GLY B 164 -12.80 12.95 -33.09
CA GLY B 164 -12.48 14.35 -33.54
C GLY B 164 -10.98 14.65 -33.36
N VAL B 165 -10.15 13.59 -33.20
CA VAL B 165 -8.66 13.79 -33.09
C VAL B 165 -8.01 12.98 -34.21
N VAL B 166 -7.05 13.57 -34.90
CA VAL B 166 -6.27 12.79 -35.89
C VAL B 166 -5.48 11.68 -35.18
N ALA B 167 -5.66 10.45 -35.60
CA ALA B 167 -4.76 9.42 -35.13
C ALA B 167 -3.42 9.29 -35.99
N THR B 168 -2.35 8.77 -35.39
CA THR B 168 -1.02 8.67 -36.05
C THR B 168 -0.64 7.18 -35.90
N ALA B 169 -0.76 6.42 -37.00
CA ALA B 169 -0.25 5.07 -37.12
C ALA B 169 1.26 5.12 -37.14
N LYS B 170 1.88 4.53 -36.13
CA LYS B 170 3.34 4.57 -35.96
C LYS B 170 3.88 3.19 -35.49
N HIS B 171 5.21 2.93 -35.51
CA HIS B 171 6.22 3.68 -36.26
C HIS B 171 6.49 2.94 -37.54
N TYR B 172 6.48 3.68 -38.64
CA TYR B 172 6.52 3.11 -40.02
C TYR B 172 7.99 3.27 -40.52
N ILE B 173 8.83 2.23 -40.46
CA ILE B 173 8.38 0.82 -40.32
C ILE B 173 9.63 0.01 -40.04
N LEU B 174 9.46 -1.17 -39.41
CA LEU B 174 10.57 -2.11 -39.01
C LEU B 174 11.44 -1.62 -37.85
N ASN B 175 10.89 -0.76 -36.98
CA ASN B 175 11.66 -0.37 -35.77
C ASN B 175 11.43 -1.43 -34.69
N GLU B 176 12.01 -2.61 -34.93
CA GLU B 176 11.65 -3.82 -34.20
C GLU B 176 12.53 -4.02 -32.91
N GLN B 177 13.45 -3.12 -32.69
CA GLN B 177 14.24 -3.15 -31.40
C GLN B 177 14.70 -1.74 -31.04
N GLU B 178 14.94 -1.54 -29.76
CA GLU B 178 15.44 -0.24 -29.32
C GLU B 178 16.92 -0.07 -29.51
N HIS B 179 17.67 -1.13 -29.26
CA HIS B 179 19.20 -1.04 -29.42
C HIS B 179 19.63 -0.42 -30.78
N PHE B 180 20.49 0.59 -30.75
CA PHE B 180 21.04 1.24 -32.00
C PHE B 180 20.01 2.02 -32.83
N ARG B 181 18.83 2.37 -32.22
CA ARG B 181 17.79 3.02 -33.02
C ARG B 181 18.18 4.49 -33.29
N GLN B 182 19.09 5.07 -32.47
CA GLN B 182 19.49 6.50 -32.63
C GLN B 182 20.99 6.61 -32.28
N VAL B 183 21.71 7.42 -33.06
CA VAL B 183 23.19 7.52 -32.94
C VAL B 183 23.57 8.12 -31.58
N ALA B 184 22.95 9.25 -31.20
CA ALA B 184 23.30 9.94 -29.93
C ALA B 184 22.92 9.07 -28.78
N GLU B 185 21.81 8.38 -28.89
CA GLU B 185 21.45 7.39 -27.83
C GLU B 185 22.44 6.21 -27.64
N ALA B 186 22.80 5.62 -28.78
CA ALA B 186 23.73 4.53 -28.80
C ALA B 186 25.06 5.04 -28.19
N ALA B 187 25.48 6.26 -28.54
CA ALA B 187 26.73 6.80 -27.90
C ALA B 187 26.63 6.88 -26.37
N GLY B 188 25.49 7.34 -25.85
CA GLY B 188 25.32 7.43 -24.41
C GLY B 188 25.44 6.03 -23.81
N TYR B 189 25.13 4.97 -24.56
CA TYR B 189 25.29 3.62 -24.00
C TYR B 189 26.65 3.02 -24.35
N GLY B 190 27.57 3.85 -24.90
CA GLY B 190 28.98 3.34 -25.08
C GLY B 190 29.22 2.78 -26.51
N PHE B 191 28.32 2.98 -27.48
CA PHE B 191 28.52 2.44 -28.81
C PHE B 191 28.64 3.57 -29.83
N ASN B 192 29.66 3.43 -30.69
CA ASN B 192 29.98 4.39 -31.71
C ASN B 192 29.46 3.94 -33.07
N ILE B 193 28.36 4.52 -33.54
CA ILE B 193 27.82 4.14 -34.87
C ILE B 193 27.61 5.42 -35.67
N SER B 194 27.78 5.37 -36.98
CA SER B 194 27.66 6.62 -37.76
C SER B 194 26.22 6.81 -38.22
N ASP B 195 25.40 5.76 -38.18
CA ASP B 195 24.03 5.88 -38.68
C ASP B 195 23.19 4.86 -37.92
N THR B 196 21.85 4.94 -37.99
CA THR B 196 21.11 4.06 -37.06
C THR B 196 21.00 2.64 -37.68
N ILE B 197 20.57 1.70 -36.84
CA ILE B 197 20.33 0.31 -37.21
C ILE B 197 19.51 0.17 -38.49
N SER B 198 19.93 -0.73 -39.39
CA SER B 198 19.21 -0.91 -40.63
C SER B 198 18.45 -2.22 -40.58
N SER B 199 17.12 -2.13 -40.70
CA SER B 199 16.34 -3.33 -40.76
C SER B 199 16.38 -3.78 -42.23
N ASN B 200 16.87 -4.96 -42.46
CA ASN B 200 16.96 -5.41 -43.86
C ASN B 200 16.00 -6.55 -44.02
N VAL B 201 15.00 -6.34 -44.90
CA VAL B 201 13.87 -7.27 -45.00
C VAL B 201 13.46 -7.47 -46.47
N ASP B 202 13.16 -8.70 -46.84
CA ASP B 202 12.79 -9.01 -48.24
C ASP B 202 11.36 -8.50 -48.51
N ASP B 203 11.03 -8.37 -49.76
CA ASP B 203 9.74 -7.77 -50.19
C ASP B 203 8.52 -8.60 -49.83
N LYS B 204 8.61 -9.92 -49.92
CA LYS B 204 7.47 -10.75 -49.56
C LYS B 204 7.15 -10.59 -48.02
N THR B 205 8.16 -10.73 -47.18
CA THR B 205 7.99 -10.66 -45.73
C THR B 205 7.42 -9.30 -45.34
N ILE B 206 7.95 -8.21 -45.95
CA ILE B 206 7.48 -6.94 -45.50
C ILE B 206 5.94 -6.84 -45.82
N HIS B 207 5.51 -7.32 -46.99
CA HIS B 207 4.08 -7.22 -47.34
C HIS B 207 3.18 -8.15 -46.48
N GLU B 208 3.69 -9.39 -46.18
CA GLU B 208 2.80 -10.35 -45.48
C GLU B 208 2.73 -10.11 -43.97
N MET B 209 3.71 -9.40 -43.44
CA MET B 209 3.79 -9.28 -41.93
C MET B 209 3.75 -7.75 -41.62
N TYR B 210 4.88 -7.05 -41.71
CA TYR B 210 4.99 -5.70 -41.08
C TYR B 210 4.10 -4.60 -41.73
N LEU B 211 3.97 -4.69 -43.04
CA LEU B 211 3.15 -3.72 -43.75
C LEU B 211 1.64 -3.95 -43.57
N TRP B 212 1.21 -5.19 -43.32
CA TRP B 212 -0.23 -5.50 -43.39
C TRP B 212 -1.08 -4.66 -42.38
N PRO B 213 -0.63 -4.48 -41.11
CA PRO B 213 -1.50 -3.67 -40.20
C PRO B 213 -1.54 -2.19 -40.69
N PHE B 214 -0.50 -1.72 -41.38
CA PHE B 214 -0.58 -0.34 -41.96
C PHE B 214 -1.56 -0.30 -43.15
N ALA B 215 -1.67 -1.38 -43.94
CA ALA B 215 -2.70 -1.38 -45.03
C ALA B 215 -4.07 -1.24 -44.27
N ASP B 216 -4.27 -2.00 -43.19
CA ASP B 216 -5.54 -1.86 -42.45
C ASP B 216 -5.76 -0.45 -41.93
N ALA B 217 -4.72 0.16 -41.35
CA ALA B 217 -4.85 1.56 -40.85
C ALA B 217 -5.26 2.56 -41.95
N VAL B 218 -4.57 2.45 -43.10
CA VAL B 218 -4.84 3.33 -44.23
C VAL B 218 -6.32 3.12 -44.64
N ARG B 219 -6.73 1.86 -44.72
CA ARG B 219 -8.06 1.53 -45.26
C ARG B 219 -9.12 2.02 -44.23
N ALA B 220 -8.70 2.09 -42.97
CA ALA B 220 -9.64 2.46 -41.87
C ALA B 220 -9.69 3.97 -41.85
N GLY B 221 -8.84 4.69 -42.66
CA GLY B 221 -8.96 6.16 -42.76
C GLY B 221 -8.00 6.93 -41.83
N VAL B 222 -6.96 6.26 -41.34
CA VAL B 222 -6.01 6.96 -40.42
C VAL B 222 -5.54 8.25 -41.12
N GLY B 223 -5.48 9.36 -40.37
CA GLY B 223 -5.05 10.62 -40.99
C GLY B 223 -3.51 10.86 -41.04
N ALA B 224 -2.71 10.26 -40.13
CA ALA B 224 -1.27 10.52 -40.09
C ALA B 224 -0.53 9.19 -39.97
N ILE B 225 0.74 9.18 -40.43
CA ILE B 225 1.62 8.06 -40.27
C ILE B 225 2.90 8.71 -39.70
N MET B 226 3.55 8.07 -38.75
CA MET B 226 4.85 8.55 -38.23
C MET B 226 5.96 7.62 -38.72
N CYS B 227 6.91 8.11 -39.54
CA CYS B 227 7.99 7.25 -40.07
C CYS B 227 9.07 7.09 -38.98
N SER B 228 9.95 6.11 -39.11
CA SER B 228 10.72 5.60 -38.00
C SER B 228 12.20 6.04 -37.89
N TYR B 229 12.84 5.75 -36.76
CA TYR B 229 14.24 6.18 -36.52
C TYR B 229 15.16 5.26 -37.31
N ASN B 230 14.80 3.96 -37.40
CA ASN B 230 15.72 2.98 -38.09
C ASN B 230 15.80 3.27 -39.60
N GLN B 231 16.84 2.72 -40.22
CA GLN B 231 16.89 2.59 -41.66
C GLN B 231 16.25 1.32 -42.05
N ILE B 232 15.77 1.29 -43.34
CA ILE B 232 15.36 0.09 -43.94
C ILE B 232 16.26 -0.08 -45.16
N ASN B 233 16.94 -1.21 -45.23
CA ASN B 233 18.04 -1.43 -46.25
C ASN B 233 18.93 -0.19 -46.39
N ASN B 234 19.36 0.40 -45.26
CA ASN B 234 20.33 1.50 -45.27
C ASN B 234 19.84 2.77 -45.94
N SER B 235 18.52 2.97 -45.89
CA SER B 235 17.95 4.27 -46.17
C SER B 235 16.97 4.64 -44.99
N TYR B 236 17.14 5.85 -44.43
CA TYR B 236 16.42 6.24 -43.20
C TYR B 236 14.93 6.14 -43.40
N GLY B 237 14.23 5.71 -42.34
CA GLY B 237 12.76 5.65 -42.35
C GLY B 237 12.10 6.91 -42.86
N CYS B 238 12.61 8.09 -42.45
CA CYS B 238 11.91 9.31 -42.84
C CYS B 238 12.41 9.95 -44.14
N GLN B 239 13.13 9.20 -44.94
CA GLN B 239 13.44 9.65 -46.34
C GLN B 239 13.59 8.38 -47.17
N ASN B 240 12.82 7.33 -46.86
CA ASN B 240 12.95 6.06 -47.60
C ASN B 240 11.91 6.11 -48.72
N SER B 241 12.29 6.41 -49.98
CA SER B 241 11.27 6.60 -51.02
C SER B 241 10.60 5.30 -51.22
N TYR B 242 11.30 4.20 -51.02
CA TYR B 242 10.59 2.92 -51.26
C TYR B 242 9.42 2.66 -50.28
N THR B 243 9.68 2.74 -48.98
CA THR B 243 8.59 2.52 -47.99
C THR B 243 7.54 3.62 -48.03
N LEU B 244 7.99 4.89 -48.23
CA LEU B 244 7.06 6.03 -48.20
C LEU B 244 6.36 6.26 -49.52
N ASN B 245 7.12 6.38 -50.63
CA ASN B 245 6.45 6.76 -51.88
C ASN B 245 5.85 5.52 -52.48
N LYS B 246 6.61 4.42 -52.49
CA LYS B 246 6.04 3.23 -53.18
C LYS B 246 5.05 2.48 -52.32
N LEU B 247 5.52 2.02 -51.13
CA LEU B 247 4.67 1.09 -50.34
C LEU B 247 3.44 1.84 -49.73
N LEU B 248 3.71 2.94 -49.06
CA LEU B 248 2.63 3.62 -48.31
C LEU B 248 1.74 4.42 -49.24
N LYS B 249 2.37 5.20 -50.11
CA LYS B 249 1.56 6.15 -50.87
C LYS B 249 1.07 5.62 -52.21
N ALA B 250 1.92 4.94 -53.00
CA ALA B 250 1.47 4.47 -54.31
C ALA B 250 0.69 3.16 -54.10
N GLU B 251 1.26 2.22 -53.36
CA GLU B 251 0.57 0.91 -53.25
C GLU B 251 -0.67 0.93 -52.26
N LEU B 252 -0.43 1.33 -51.02
CA LEU B 252 -1.56 1.42 -50.07
C LEU B 252 -2.47 2.63 -50.31
N GLY B 253 -2.04 3.61 -51.16
CA GLY B 253 -2.95 4.74 -51.53
C GLY B 253 -3.18 5.71 -50.36
N PHE B 254 -2.22 5.84 -49.41
CA PHE B 254 -2.45 6.73 -48.26
C PHE B 254 -2.62 8.14 -48.72
N GLN B 255 -3.63 8.83 -48.18
CA GLN B 255 -4.07 10.20 -48.52
C GLN B 255 -3.67 11.20 -47.45
N GLY B 256 -3.22 10.69 -46.30
CA GLY B 256 -2.96 11.62 -45.15
C GLY B 256 -1.51 12.07 -45.21
N PHE B 257 -0.99 12.46 -44.03
CA PHE B 257 0.34 13.00 -44.03
C PHE B 257 1.31 12.16 -43.17
N VAL B 258 2.59 12.17 -43.57
CA VAL B 258 3.65 11.42 -42.90
C VAL B 258 4.45 12.43 -42.11
N MET B 259 4.59 12.23 -40.80
CA MET B 259 5.52 13.01 -39.93
C MET B 259 6.72 12.26 -39.52
N SER B 260 7.79 12.99 -39.20
CA SER B 260 9.00 12.28 -38.76
C SER B 260 8.86 11.93 -37.30
N ASP B 261 9.49 10.84 -36.94
CA ASP B 261 9.77 10.65 -35.52
C ASP B 261 10.79 11.77 -35.05
N TRP B 262 11.01 11.92 -33.72
CA TRP B 262 11.50 13.15 -33.14
C TRP B 262 13.02 13.06 -33.20
N GLY B 263 13.65 13.70 -34.20
CA GLY B 263 15.12 13.39 -34.35
C GLY B 263 15.30 12.43 -35.49
N ALA B 264 14.20 12.06 -36.20
CA ALA B 264 14.30 11.11 -37.29
C ALA B 264 14.37 11.78 -38.69
N HIS B 265 14.21 13.10 -38.74
CA HIS B 265 14.35 13.86 -39.99
C HIS B 265 15.85 14.05 -40.25
N HIS B 266 16.35 13.64 -41.43
CA HIS B 266 17.81 13.71 -41.66
C HIS B 266 18.22 14.50 -42.90
N SER B 267 17.29 15.17 -43.58
CA SER B 267 17.70 15.99 -44.74
C SER B 267 16.53 16.85 -45.09
N GLY B 268 16.74 17.97 -45.83
CA GLY B 268 15.60 18.77 -46.21
C GLY B 268 15.02 18.32 -47.52
N VAL B 269 15.81 18.53 -48.59
CA VAL B 269 15.32 18.22 -49.97
C VAL B 269 15.05 16.67 -50.08
N GLY B 270 15.98 15.87 -49.58
CA GLY B 270 15.95 14.39 -49.78
C GLY B 270 14.66 13.78 -49.20
N SER B 271 14.33 14.19 -47.96
CA SER B 271 13.11 13.70 -47.29
C SER B 271 11.83 14.20 -47.98
N ALA B 272 11.82 15.48 -48.39
CA ALA B 272 10.64 16.05 -49.00
C ALA B 272 10.34 15.28 -50.26
N LEU B 273 11.37 14.96 -51.05
CA LEU B 273 11.15 14.34 -52.37
C LEU B 273 10.84 12.84 -52.16
N ALA B 274 11.31 12.27 -51.04
CA ALA B 274 11.07 10.81 -50.75
C ALA B 274 9.73 10.52 -50.03
N GLY B 275 8.95 11.54 -49.81
CA GLY B 275 7.61 11.33 -49.24
C GLY B 275 7.26 11.88 -47.89
N LEU B 276 8.22 12.50 -47.17
CA LEU B 276 7.88 13.05 -45.85
C LEU B 276 6.93 14.28 -46.04
N ASP B 277 5.97 14.50 -45.11
CA ASP B 277 5.16 15.71 -45.11
C ASP B 277 5.28 16.67 -43.91
N MET B 278 5.80 16.16 -42.77
CA MET B 278 5.87 17.00 -41.61
C MET B 278 7.16 16.68 -40.78
N SER B 279 7.84 17.73 -40.34
CA SER B 279 9.07 17.60 -39.60
C SER B 279 8.80 17.85 -38.10
N MET B 280 9.09 16.85 -37.28
CA MET B 280 8.93 16.98 -35.80
C MET B 280 10.21 16.66 -35.02
N PRO B 281 10.51 17.45 -33.97
CA PRO B 281 9.71 18.55 -33.45
C PRO B 281 9.99 19.86 -34.25
N GLY B 282 10.73 19.80 -35.38
CA GLY B 282 10.88 20.94 -36.29
C GLY B 282 12.33 21.32 -36.42
N ASP B 283 13.15 21.07 -35.38
CA ASP B 283 14.54 21.47 -35.47
C ASP B 283 15.38 20.28 -35.92
N ILE B 284 16.67 20.51 -36.19
CA ILE B 284 17.57 19.43 -36.61
C ILE B 284 18.02 18.59 -35.44
N THR B 285 18.45 19.27 -34.36
CA THR B 285 18.52 18.55 -33.09
C THR B 285 17.72 19.42 -32.11
N PHE B 286 17.35 18.86 -30.95
CA PHE B 286 16.44 19.63 -30.04
C PHE B 286 17.03 21.00 -29.70
N ASP B 287 16.29 22.05 -30.05
CA ASP B 287 16.74 23.43 -29.72
C ASP B 287 18.02 23.86 -30.38
N SER B 288 18.31 23.26 -31.55
CA SER B 288 19.45 23.74 -32.36
C SER B 288 19.19 25.10 -32.99
N ALA B 289 17.94 25.57 -33.02
CA ALA B 289 17.57 26.83 -33.74
C ALA B 289 17.74 26.66 -35.24
N THR B 290 17.91 25.41 -35.70
CA THR B 290 18.11 25.17 -37.13
C THR B 290 17.08 24.09 -37.55
N SER B 291 16.70 24.08 -38.82
CA SER B 291 15.76 23.10 -39.31
C SER B 291 16.15 22.62 -40.69
N PHE B 292 15.84 21.33 -41.02
CA PHE B 292 15.98 20.86 -42.36
C PHE B 292 14.87 21.43 -43.26
N TRP B 293 13.74 21.87 -42.67
CA TRP B 293 12.67 22.52 -43.37
C TRP B 293 12.60 23.94 -42.84
N GLY B 294 11.39 24.43 -42.47
CA GLY B 294 11.23 25.82 -42.07
C GLY B 294 11.81 26.67 -43.20
N THR B 295 12.60 27.68 -42.82
CA THR B 295 13.38 28.48 -43.77
C THR B 295 13.96 27.72 -44.92
N ASN B 296 14.70 26.61 -44.64
CA ASN B 296 15.27 25.74 -45.68
C ASN B 296 14.24 25.18 -46.67
N LEU B 297 13.03 24.86 -46.23
CA LEU B 297 12.05 24.34 -47.26
C LEU B 297 11.48 25.48 -48.13
N THR B 298 11.30 26.67 -47.52
CA THR B 298 10.86 27.84 -48.28
C THR B 298 11.88 28.13 -49.41
N ILE B 299 13.15 28.04 -49.04
CA ILE B 299 14.27 28.29 -49.95
C ILE B 299 14.34 27.23 -51.03
N ALA B 300 14.24 25.94 -50.66
CA ALA B 300 14.28 24.87 -51.60
C ALA B 300 13.21 25.03 -52.66
N VAL B 301 12.11 25.62 -52.30
CA VAL B 301 11.05 25.82 -53.33
C VAL B 301 11.41 27.06 -54.21
N LEU B 302 11.87 28.14 -53.57
CA LEU B 302 12.23 29.40 -54.27
C LEU B 302 13.35 29.14 -55.27
N ASN B 303 14.25 28.23 -54.94
CA ASN B 303 15.43 27.99 -55.76
C ASN B 303 15.26 26.89 -56.84
N GLY B 304 14.03 26.38 -56.97
CA GLY B 304 13.68 25.43 -58.00
C GLY B 304 13.96 23.97 -57.61
N THR B 305 14.61 23.69 -56.47
CA THR B 305 15.03 22.28 -56.23
C THR B 305 13.81 21.38 -55.81
N VAL B 306 12.94 21.87 -54.91
CA VAL B 306 11.71 21.10 -54.53
C VAL B 306 10.57 21.70 -55.31
N PRO B 307 9.89 20.91 -56.17
CA PRO B 307 8.79 21.50 -56.91
C PRO B 307 7.68 22.02 -55.99
N GLN B 308 7.08 23.15 -56.37
CA GLN B 308 5.92 23.66 -55.67
C GLN B 308 4.87 22.55 -55.48
N TRP B 309 4.69 21.67 -56.45
CA TRP B 309 3.58 20.68 -56.31
C TRP B 309 3.78 19.75 -55.09
N ARG B 310 5.04 19.56 -54.70
CA ARG B 310 5.39 18.63 -53.60
C ARG B 310 5.01 19.29 -52.25
N VAL B 311 5.39 20.54 -52.04
CA VAL B 311 5.00 21.29 -50.81
C VAL B 311 3.49 21.54 -50.83
N ASP B 312 2.90 21.89 -51.97
CA ASP B 312 1.44 21.98 -52.03
C ASP B 312 0.80 20.69 -51.55
N ASP B 313 1.36 19.57 -51.97
CA ASP B 313 0.75 18.28 -51.65
C ASP B 313 0.94 18.01 -50.13
N MET B 314 2.08 18.39 -49.56
CA MET B 314 2.21 18.21 -48.12
C MET B 314 1.10 18.92 -47.39
N ALA B 315 0.91 20.20 -47.76
CA ALA B 315 -0.05 21.09 -47.06
C ALA B 315 -1.47 20.56 -47.27
N VAL B 316 -1.78 20.06 -48.48
CA VAL B 316 -3.14 19.48 -48.76
C VAL B 316 -3.33 18.15 -47.95
N ARG B 317 -2.26 17.33 -47.78
CA ARG B 317 -2.43 16.14 -46.97
C ARG B 317 -2.67 16.48 -45.48
N ILE B 318 -1.86 17.43 -44.96
CA ILE B 318 -1.99 17.82 -43.62
C ILE B 318 -3.35 18.45 -43.34
N MET B 319 -3.78 19.39 -44.19
CA MET B 319 -5.14 19.96 -44.00
C MET B 319 -6.25 18.95 -44.18
N ALA B 320 -6.08 18.01 -45.12
CA ALA B 320 -7.17 17.06 -45.39
C ALA B 320 -7.38 16.13 -44.17
N ALA B 321 -6.31 15.76 -43.45
CA ALA B 321 -6.43 14.79 -42.29
C ALA B 321 -7.18 15.59 -41.17
N TYR B 322 -6.84 16.90 -41.04
CA TYR B 322 -7.46 17.79 -40.03
C TYR B 322 -8.95 17.92 -40.26
N TYR B 323 -9.34 18.14 -41.52
CA TYR B 323 -10.77 18.26 -41.86
C TYR B 323 -11.49 16.93 -41.90
N LYS B 324 -10.80 15.86 -42.23
CA LYS B 324 -11.36 14.52 -42.22
C LYS B 324 -11.92 14.11 -40.86
N VAL B 325 -11.23 14.42 -39.75
CA VAL B 325 -11.80 14.13 -38.43
C VAL B 325 -12.68 15.27 -37.88
N GLY B 326 -12.81 16.39 -38.62
CA GLY B 326 -13.65 17.53 -38.19
C GLY B 326 -12.91 18.37 -37.09
N ARG B 327 -11.57 18.40 -37.09
CA ARG B 327 -10.87 19.07 -36.00
C ARG B 327 -11.16 20.59 -36.00
N ASP B 328 -11.35 21.18 -37.19
CA ASP B 328 -11.76 22.62 -37.28
C ASP B 328 -12.98 22.99 -36.42
N ARG B 329 -13.89 22.07 -36.22
CA ARG B 329 -15.09 22.40 -35.46
C ARG B 329 -14.88 22.23 -33.94
N LEU B 330 -13.77 21.65 -33.52
CA LEU B 330 -13.46 21.37 -32.10
C LEU B 330 -12.18 22.11 -31.65
N TYR B 331 -11.62 22.95 -32.53
CA TYR B 331 -10.33 23.61 -32.25
C TYR B 331 -10.31 24.47 -30.96
N GLN B 332 -9.25 24.33 -30.16
CA GLN B 332 -8.96 25.30 -29.09
C GLN B 332 -7.47 25.11 -28.87
N PRO B 333 -6.77 26.20 -28.57
CA PRO B 333 -5.29 26.05 -28.26
C PRO B 333 -5.10 25.04 -27.12
N PRO B 334 -3.90 24.41 -27.05
CA PRO B 334 -3.70 23.40 -26.00
C PRO B 334 -3.80 24.15 -24.67
N ASN B 335 -4.55 23.57 -23.73
CA ASN B 335 -4.91 24.28 -22.49
C ASN B 335 -4.08 23.73 -21.31
N PHE B 336 -2.95 23.08 -21.66
CA PHE B 336 -2.01 22.58 -20.69
C PHE B 336 -0.61 22.80 -21.29
N SER B 337 0.43 22.56 -20.49
CA SER B 337 1.80 22.52 -20.94
C SER B 337 2.40 21.15 -20.67
N SER B 338 3.07 20.58 -21.69
CA SER B 338 3.78 19.33 -21.47
C SER B 338 5.00 19.58 -20.55
N TRP B 339 5.46 20.84 -20.37
CA TRP B 339 6.83 21.02 -19.78
C TRP B 339 6.84 21.53 -18.35
N THR B 340 5.67 21.90 -17.85
CA THR B 340 5.54 22.35 -16.47
C THR B 340 4.13 22.13 -16.05
N ARG B 341 3.93 21.89 -14.77
CA ARG B 341 2.55 21.81 -14.18
C ARG B 341 2.07 23.13 -13.56
N ASP B 342 2.95 24.13 -13.49
CA ASP B 342 2.59 25.49 -12.97
C ASP B 342 1.39 26.05 -13.69
N GLU B 343 0.59 26.77 -12.93
CA GLU B 343 -0.50 27.48 -13.56
C GLU B 343 0.00 28.57 -14.55
N TYR B 344 1.00 29.36 -14.11
CA TYR B 344 1.60 30.48 -14.95
C TYR B 344 3.00 30.12 -15.35
N GLY B 345 3.44 30.68 -16.45
CA GLY B 345 4.78 30.49 -17.00
C GLY B 345 4.99 31.35 -18.23
N PHE B 346 6.22 31.46 -18.68
CA PHE B 346 6.45 32.11 -19.99
C PHE B 346 5.88 31.25 -21.10
N LYS B 347 5.23 31.93 -22.05
CA LYS B 347 4.47 31.27 -23.17
C LYS B 347 5.40 30.26 -23.96
N TYR B 348 6.70 30.60 -24.11
CA TYR B 348 7.62 29.69 -24.87
C TYR B 348 8.64 29.12 -23.91
N PHE B 349 8.45 27.85 -23.53
CA PHE B 349 9.02 27.29 -22.34
C PHE B 349 10.54 27.19 -22.45
N TYR B 350 11.03 26.59 -23.54
CA TYR B 350 12.47 26.32 -23.61
C TYR B 350 13.35 27.59 -23.36
N PRO B 351 13.19 28.64 -24.14
CA PRO B 351 14.04 29.82 -23.77
C PRO B 351 13.39 30.71 -22.69
N GLN B 352 12.21 30.34 -22.17
CA GLN B 352 11.53 31.20 -21.15
C GLN B 352 11.33 32.64 -21.68
N GLU B 353 10.61 32.80 -22.82
CA GLU B 353 10.40 34.08 -23.50
C GLU B 353 8.96 34.17 -23.85
N GLY B 354 8.51 35.36 -24.32
CA GLY B 354 7.10 35.56 -24.73
C GLY B 354 6.30 36.04 -23.53
N PRO B 355 5.00 36.24 -23.70
CA PRO B 355 4.28 36.79 -22.51
C PRO B 355 4.29 35.83 -21.31
N TYR B 356 4.31 36.35 -20.08
CA TYR B 356 4.18 35.50 -18.86
C TYR B 356 2.71 35.42 -18.64
N GLU B 357 2.16 34.21 -18.65
CA GLU B 357 0.68 34.10 -18.80
C GLU B 357 0.24 32.69 -18.35
N LYS B 358 -1.08 32.42 -18.43
CA LYS B 358 -1.56 31.08 -18.02
C LYS B 358 -1.12 30.04 -19.02
N VAL B 359 -0.46 28.97 -18.54
CA VAL B 359 0.00 27.89 -19.47
C VAL B 359 -0.75 26.55 -19.14
N ASN B 360 -1.34 26.42 -17.96
CA ASN B 360 -2.19 25.26 -17.57
C ASN B 360 -3.53 25.67 -17.04
N HIS B 361 -4.58 25.04 -17.52
CA HIS B 361 -5.93 25.30 -17.04
C HIS B 361 -6.46 24.15 -16.23
N PHE B 362 -5.72 23.06 -16.07
CA PHE B 362 -6.14 21.96 -15.12
C PHE B 362 -7.45 21.36 -15.55
N VAL B 363 -7.64 21.26 -16.87
CA VAL B 363 -8.99 20.76 -17.32
C VAL B 363 -9.12 19.26 -16.96
N ASN B 364 -10.18 18.88 -16.24
CA ASN B 364 -10.36 17.42 -15.91
C ASN B 364 -11.15 16.77 -17.03
N VAL B 365 -10.44 16.05 -17.93
CA VAL B 365 -11.04 15.47 -19.10
C VAL B 365 -11.35 13.95 -18.85
N GLN B 366 -11.27 13.46 -17.60
CA GLN B 366 -11.42 12.01 -17.33
C GLN B 366 -12.86 11.47 -17.59
N ARG B 367 -13.89 12.33 -17.45
CA ARG B 367 -15.33 11.89 -17.51
C ARG B 367 -15.46 10.58 -16.64
N ASN B 368 -16.16 9.57 -17.15
CA ASN B 368 -16.28 8.26 -16.50
C ASN B 368 -15.39 7.23 -17.17
N HIS B 369 -14.29 7.68 -17.80
CA HIS B 369 -13.38 6.70 -18.47
C HIS B 369 -12.73 5.62 -17.63
N SER B 370 -12.71 5.79 -16.30
CA SER B 370 -12.25 4.77 -15.40
C SER B 370 -13.08 3.47 -15.64
N GLU B 371 -14.33 3.59 -16.09
CA GLU B 371 -15.19 2.40 -16.36
C GLU B 371 -14.68 1.53 -17.51
N VAL B 372 -14.35 2.14 -18.63
CA VAL B 372 -13.85 1.35 -19.75
C VAL B 372 -12.47 0.83 -19.43
N ILE B 373 -11.69 1.57 -18.62
CA ILE B 373 -10.36 1.07 -18.30
C ILE B 373 -10.48 -0.16 -17.38
N ARG B 374 -11.33 -0.07 -16.33
CA ARG B 374 -11.53 -1.22 -15.45
C ARG B 374 -12.00 -2.49 -16.23
N LYS B 375 -13.00 -2.29 -17.07
CA LYS B 375 -13.53 -3.34 -17.93
C LYS B 375 -12.46 -3.87 -18.85
N LEU B 376 -11.74 -2.99 -19.53
CA LEU B 376 -10.78 -3.49 -20.50
C LEU B 376 -9.67 -4.29 -19.81
N GLY B 377 -9.33 -3.83 -18.60
CA GLY B 377 -8.32 -4.50 -17.79
C GLY B 377 -8.81 -5.91 -17.45
N ALA B 378 -10.05 -6.02 -16.98
CA ALA B 378 -10.63 -7.37 -16.67
C ALA B 378 -10.74 -8.27 -17.95
N ASP B 379 -11.16 -7.70 -19.08
CA ASP B 379 -11.37 -8.46 -20.30
C ASP B 379 -10.03 -8.75 -21.03
N SER B 380 -8.92 -8.21 -20.51
CA SER B 380 -7.59 -8.53 -21.07
C SER B 380 -6.78 -9.42 -20.12
N THR B 381 -7.41 -10.00 -19.10
CA THR B 381 -6.64 -10.74 -18.11
C THR B 381 -6.76 -12.21 -18.58
N VAL B 382 -5.67 -12.75 -19.13
CA VAL B 382 -5.72 -14.10 -19.65
C VAL B 382 -5.57 -15.09 -18.54
N LEU B 383 -6.52 -15.97 -18.49
CA LEU B 383 -6.44 -17.12 -17.54
C LEU B 383 -5.67 -18.27 -18.24
N LEU B 384 -4.39 -18.42 -17.88
CA LEU B 384 -3.51 -19.34 -18.60
C LEU B 384 -3.68 -20.79 -18.02
N LYS B 385 -3.90 -20.87 -16.69
CA LYS B 385 -4.03 -22.17 -16.01
C LYS B 385 -5.08 -21.95 -14.92
N ASN B 386 -5.92 -22.97 -14.68
CA ASN B 386 -6.84 -22.95 -13.59
C ASN B 386 -7.23 -24.41 -13.19
N ASN B 387 -6.70 -24.92 -12.09
CA ASN B 387 -6.94 -26.30 -11.69
C ASN B 387 -8.11 -26.18 -10.71
N ASN B 388 -9.20 -25.65 -11.22
CA ASN B 388 -10.40 -25.46 -10.43
C ASN B 388 -10.23 -24.58 -9.12
N ALA B 389 -9.38 -23.56 -9.19
CA ALA B 389 -9.03 -22.70 -8.07
C ALA B 389 -9.83 -21.39 -8.15
N LEU B 390 -10.26 -21.02 -9.36
CA LEU B 390 -10.92 -19.74 -9.56
C LEU B 390 -12.25 -19.99 -10.26
N PRO B 391 -13.28 -19.12 -10.00
CA PRO B 391 -13.12 -17.92 -9.18
C PRO B 391 -13.13 -18.15 -7.66
N LEU B 392 -12.57 -17.22 -6.87
CA LEU B 392 -12.64 -17.26 -5.42
C LEU B 392 -14.07 -16.94 -5.01
N THR B 393 -14.45 -17.29 -3.78
CA THR B 393 -15.83 -17.06 -3.31
C THR B 393 -15.91 -15.91 -2.35
N GLY B 394 -14.79 -15.49 -1.75
CA GLY B 394 -14.87 -14.44 -0.72
C GLY B 394 -14.97 -15.09 0.64
N LYS B 395 -15.17 -16.41 0.69
CA LYS B 395 -15.20 -17.14 1.95
C LYS B 395 -13.85 -17.68 2.40
N GLU B 396 -12.77 -17.40 1.66
CA GLU B 396 -11.44 -17.93 2.02
C GLU B 396 -11.05 -17.24 3.39
N ARG B 397 -10.72 -18.03 4.36
CA ARG B 397 -10.58 -17.51 5.72
C ARG B 397 -9.32 -16.61 5.84
N LYS B 398 -8.27 -16.87 5.08
CA LYS B 398 -7.01 -16.09 5.24
C LYS B 398 -6.31 -16.02 3.89
N VAL B 399 -6.10 -14.78 3.43
CA VAL B 399 -5.58 -14.52 2.08
C VAL B 399 -4.22 -13.89 2.18
N ALA B 400 -3.23 -14.53 1.53
CA ALA B 400 -1.90 -14.00 1.49
C ALA B 400 -1.69 -13.36 0.13
N ILE B 401 -1.45 -12.05 0.14
CA ILE B 401 -1.11 -11.33 -1.08
C ILE B 401 0.42 -11.21 -1.03
N LEU B 402 1.14 -11.69 -2.06
CA LEU B 402 2.60 -11.86 -2.00
C LEU B 402 3.22 -11.32 -3.27
N GLY B 403 4.15 -10.36 -3.11
CA GLY B 403 4.93 -9.87 -4.25
C GLY B 403 4.88 -8.33 -4.27
N GLU B 404 6.02 -7.75 -4.56
CA GLU B 404 6.14 -6.31 -4.73
C GLU B 404 5.16 -5.85 -5.79
N ASP B 405 4.95 -6.66 -6.85
CA ASP B 405 3.92 -6.36 -7.93
C ASP B 405 2.45 -6.20 -7.47
N ALA B 406 2.11 -6.62 -6.28
CA ALA B 406 0.80 -6.33 -5.71
C ALA B 406 0.70 -4.95 -5.10
N GLY B 407 1.86 -4.34 -4.70
CA GLY B 407 1.72 -3.18 -3.85
C GLY B 407 1.98 -1.81 -4.52
N SER B 408 2.23 -0.82 -3.67
CA SER B 408 2.38 0.57 -4.13
C SER B 408 3.79 0.84 -4.58
N ASN B 409 3.94 1.77 -5.50
CA ASN B 409 5.24 2.35 -5.84
C ASN B 409 5.48 3.35 -4.69
N SER B 410 6.54 3.13 -3.84
CA SER B 410 6.80 4.04 -2.74
C SER B 410 7.15 5.48 -3.16
N TYR B 411 7.49 5.73 -4.41
CA TYR B 411 7.70 7.11 -4.88
C TYR B 411 6.42 7.76 -5.37
N GLY B 412 5.33 7.05 -5.21
CA GLY B 412 3.98 7.47 -5.77
C GLY B 412 3.81 6.84 -7.14
N ALA B 413 2.57 6.72 -7.60
CA ALA B 413 2.34 6.03 -8.88
C ALA B 413 3.11 6.69 -10.02
N ASN B 414 3.23 8.02 -10.02
CA ASN B 414 3.97 8.73 -11.12
C ASN B 414 5.38 9.09 -10.67
N GLY B 415 5.85 8.48 -9.57
CA GLY B 415 7.12 8.94 -9.02
C GLY B 415 8.39 8.61 -9.79
N CYS B 416 8.27 7.88 -10.91
CA CYS B 416 9.43 7.63 -11.79
C CYS B 416 9.12 8.30 -13.04
N SER B 417 10.03 9.20 -13.44
CA SER B 417 9.86 9.93 -14.64
C SER B 417 9.59 9.00 -15.84
N ASP B 418 8.50 9.23 -16.59
CA ASP B 418 8.16 8.43 -17.78
C ASP B 418 8.07 6.94 -17.39
N ARG B 419 7.65 6.69 -16.17
CA ARG B 419 7.51 5.33 -15.64
C ARG B 419 8.82 4.56 -15.58
N GLY B 420 9.98 5.28 -15.53
CA GLY B 420 11.27 4.62 -15.75
C GLY B 420 11.77 3.88 -14.51
N CYS B 421 10.95 3.00 -13.93
CA CYS B 421 11.37 2.05 -12.88
C CYS B 421 10.39 0.88 -12.83
N ASP B 422 10.71 -0.16 -12.06
CA ASP B 422 9.77 -1.25 -11.93
C ASP B 422 9.43 -1.45 -10.46
N ASN B 423 8.79 -0.44 -9.83
CA ASN B 423 8.59 -0.49 -8.36
C ASN B 423 7.11 -0.57 -8.05
N GLY B 424 6.70 -1.48 -7.19
CA GLY B 424 5.25 -1.56 -6.98
C GLY B 424 4.58 -2.29 -8.16
N THR B 425 3.25 -2.31 -8.18
CA THR B 425 2.55 -3.00 -9.22
C THR B 425 2.88 -2.42 -10.59
N LEU B 426 3.10 -3.28 -11.56
CA LEU B 426 3.47 -2.80 -12.90
C LEU B 426 2.15 -2.62 -13.73
N ALA B 427 1.75 -1.37 -13.96
CA ALA B 427 0.48 -1.11 -14.63
C ALA B 427 0.77 -0.30 -15.92
N MET B 428 2.01 0.12 -16.09
CA MET B 428 2.41 0.90 -17.28
C MET B 428 3.88 0.77 -17.46
N ALA B 429 4.28 0.46 -18.71
CA ALA B 429 5.73 0.33 -18.94
C ALA B 429 6.33 1.68 -19.27
N TRP B 430 7.58 1.75 -19.73
CA TRP B 430 8.29 3.04 -19.71
C TRP B 430 8.62 3.70 -21.03
N GLY B 431 8.81 5.03 -21.00
CA GLY B 431 9.30 5.84 -22.14
C GLY B 431 8.19 6.84 -22.51
N SER B 432 8.11 7.15 -23.81
CA SER B 432 7.16 8.15 -24.26
C SER B 432 5.73 7.56 -24.34
N GLY B 433 5.59 6.23 -24.21
CA GLY B 433 4.28 5.52 -24.47
C GLY B 433 3.50 5.47 -23.20
N THR B 434 3.48 6.61 -22.51
CA THR B 434 3.02 6.70 -21.13
C THR B 434 2.10 7.89 -20.93
N ALA B 435 1.46 7.90 -19.75
CA ALA B 435 0.58 8.98 -19.33
C ALA B 435 0.75 9.08 -17.80
N GLU B 436 0.46 10.25 -17.23
CA GLU B 436 0.42 10.40 -15.76
C GLU B 436 -0.91 9.75 -15.27
N PHE B 437 -0.76 8.84 -14.31
CA PHE B 437 -1.86 8.26 -13.66
C PHE B 437 -2.60 9.38 -12.93
N PRO B 438 -3.97 9.35 -12.96
CA PRO B 438 -4.72 10.23 -12.03
C PRO B 438 -4.67 9.63 -10.62
N TYR B 439 -4.49 8.31 -10.56
CA TYR B 439 -4.31 7.54 -9.38
C TYR B 439 -3.95 6.13 -9.89
N LEU B 440 -3.68 5.20 -8.97
CA LEU B 440 -3.44 3.81 -9.33
C LEU B 440 -3.94 2.90 -8.21
N VAL B 441 -4.97 2.12 -8.56
CA VAL B 441 -5.51 1.09 -7.66
C VAL B 441 -4.65 -0.16 -7.71
N THR B 442 -3.98 -0.49 -6.62
CA THR B 442 -3.10 -1.65 -6.68
C THR B 442 -3.92 -2.92 -6.38
N PRO B 443 -3.35 -4.12 -6.76
CA PRO B 443 -3.97 -5.43 -6.39
C PRO B 443 -4.08 -5.56 -4.89
N GLU B 444 -3.06 -5.15 -4.12
CA GLU B 444 -3.17 -5.14 -2.71
C GLU B 444 -4.44 -4.42 -2.20
N GLN B 445 -4.70 -3.20 -2.71
CA GLN B 445 -5.83 -2.43 -2.26
C GLN B 445 -7.17 -3.15 -2.58
N ALA B 446 -7.32 -3.58 -3.81
CA ALA B 446 -8.64 -4.07 -4.26
C ALA B 446 -8.88 -5.44 -3.59
N ILE B 447 -7.87 -6.31 -3.56
CA ILE B 447 -8.03 -7.66 -2.90
C ILE B 447 -8.20 -7.57 -1.39
N GLN B 448 -7.38 -6.79 -0.73
CA GLN B 448 -7.76 -6.60 0.69
C GLN B 448 -9.14 -6.02 0.95
N ALA B 449 -9.61 -4.99 0.18
CA ALA B 449 -10.96 -4.45 0.34
C ALA B 449 -11.95 -5.60 0.12
N GLU B 450 -11.69 -6.45 -0.85
CA GLU B 450 -12.72 -7.54 -1.16
C GLU B 450 -12.79 -8.50 0.05
N VAL B 451 -11.62 -8.87 0.57
CA VAL B 451 -11.56 -9.83 1.66
C VAL B 451 -12.28 -9.22 2.85
N LEU B 452 -12.09 -7.89 3.09
CA LEU B 452 -12.65 -7.22 4.33
C LEU B 452 -14.12 -7.15 4.29
N LYS B 453 -14.66 -6.98 3.09
CA LYS B 453 -16.11 -7.00 2.86
C LYS B 453 -16.75 -8.35 3.27
N HIS B 454 -16.02 -9.47 3.17
CA HIS B 454 -16.44 -10.74 3.67
C HIS B 454 -15.99 -11.05 5.10
N LYS B 455 -15.36 -10.10 5.80
CA LYS B 455 -14.86 -10.33 7.18
C LYS B 455 -13.74 -11.41 7.20
N GLY B 456 -12.96 -11.56 6.12
CA GLY B 456 -11.78 -12.44 6.15
C GLY B 456 -10.52 -11.76 6.76
N SER B 457 -9.45 -12.55 6.86
CA SER B 457 -8.10 -12.10 7.30
C SER B 457 -7.26 -12.03 6.04
N VAL B 458 -6.41 -11.01 5.97
CA VAL B 458 -5.65 -10.76 4.75
C VAL B 458 -4.46 -9.86 5.04
N TYR B 459 -3.38 -10.07 4.26
CA TYR B 459 -2.08 -9.37 4.42
C TYR B 459 -1.38 -9.29 3.09
N ALA B 460 -0.60 -8.24 2.92
CA ALA B 460 0.24 -8.13 1.71
C ALA B 460 1.72 -8.08 2.13
N ILE B 461 2.57 -8.95 1.52
CA ILE B 461 4.06 -8.91 1.73
C ILE B 461 4.58 -8.43 0.37
N THR B 462 5.32 -7.35 0.36
CA THR B 462 5.68 -6.72 -0.89
C THR B 462 7.18 -6.52 -1.05
N ASP B 463 7.94 -7.23 -0.24
CA ASP B 463 9.42 -7.36 -0.38
C ASP B 463 9.75 -8.73 -0.88
N ASN B 464 10.21 -8.86 -2.14
CA ASN B 464 10.39 -10.20 -2.72
C ASN B 464 11.60 -11.03 -2.19
N TRP B 465 12.41 -10.38 -1.36
CA TRP B 465 13.45 -11.12 -0.66
C TRP B 465 13.09 -11.36 0.79
N ALA B 466 11.88 -11.00 1.21
CA ALA B 466 11.47 -11.30 2.56
C ALA B 466 10.85 -12.75 2.59
N LEU B 467 11.65 -13.79 2.24
CA LEU B 467 11.09 -15.11 2.00
C LEU B 467 10.70 -15.82 3.26
N SER B 468 11.43 -15.55 4.34
CA SER B 468 11.02 -16.05 5.63
C SER B 468 9.59 -15.62 6.03
N GLN B 469 9.28 -14.33 5.90
CA GLN B 469 7.93 -13.91 6.21
C GLN B 469 6.95 -14.53 5.15
N VAL B 470 7.38 -14.60 3.90
CA VAL B 470 6.44 -15.19 2.85
C VAL B 470 6.06 -16.65 3.20
N GLU B 471 7.08 -17.43 3.55
CA GLU B 471 6.92 -18.85 3.82
C GLU B 471 6.03 -19.05 5.04
N THR B 472 6.26 -18.28 6.07
CA THR B 472 5.42 -18.39 7.30
C THR B 472 3.97 -18.06 7.00
N LEU B 473 3.71 -16.95 6.31
CA LEU B 473 2.29 -16.58 6.04
C LEU B 473 1.64 -17.60 5.08
N ALA B 474 2.39 -18.05 4.06
CA ALA B 474 1.79 -18.95 3.04
C ALA B 474 1.37 -20.27 3.73
N LYS B 475 2.12 -20.69 4.76
CA LYS B 475 1.70 -21.92 5.52
C LYS B 475 0.40 -21.73 6.29
N GLN B 476 -0.01 -20.47 6.55
CA GLN B 476 -1.21 -20.19 7.36
C GLN B 476 -2.45 -19.91 6.53
N ALA B 477 -2.27 -19.84 5.20
CA ALA B 477 -3.21 -19.09 4.32
C ALA B 477 -4.13 -20.11 3.59
N SER B 478 -5.33 -19.69 3.24
CA SER B 478 -6.27 -20.55 2.54
C SER B 478 -5.88 -20.44 1.05
N VAL B 479 -5.40 -19.28 0.63
CA VAL B 479 -5.00 -19.06 -0.76
C VAL B 479 -3.86 -17.99 -0.76
N SER B 480 -2.82 -18.22 -1.61
CA SER B 480 -1.77 -17.27 -1.80
C SER B 480 -1.81 -16.77 -3.22
N LEU B 481 -1.88 -15.43 -3.35
CA LEU B 481 -1.98 -14.72 -4.64
C LEU B 481 -0.62 -14.05 -4.80
N VAL B 482 0.21 -14.60 -5.70
CA VAL B 482 1.62 -14.21 -5.88
C VAL B 482 1.78 -13.40 -7.16
N PHE B 483 2.32 -12.19 -7.00
CA PHE B 483 2.35 -11.18 -8.08
C PHE B 483 3.79 -10.99 -8.52
N VAL B 484 4.01 -11.08 -9.83
CA VAL B 484 5.37 -10.96 -10.42
C VAL B 484 5.24 -10.20 -11.70
N ASN B 485 6.37 -9.69 -12.13
CA ASN B 485 6.37 -8.86 -13.35
C ASN B 485 7.66 -8.93 -14.14
N SER B 486 7.59 -8.27 -15.30
CA SER B 486 8.75 -8.10 -16.21
C SER B 486 8.48 -6.85 -17.05
N ASP B 487 9.40 -5.89 -17.03
CA ASP B 487 9.14 -4.52 -17.58
C ASP B 487 10.11 -4.28 -18.72
N ALA B 488 9.86 -3.22 -19.52
CA ALA B 488 10.71 -2.91 -20.70
C ALA B 488 10.25 -1.54 -21.09
N GLY B 489 10.94 -0.92 -22.05
CA GLY B 489 10.48 0.41 -22.40
C GLY B 489 11.22 0.98 -23.56
N GLU B 490 10.97 2.25 -23.83
CA GLU B 490 11.64 2.88 -24.91
C GLU B 490 13.18 3.01 -24.61
N GLY B 491 14.04 2.93 -25.65
CA GLY B 491 15.48 2.96 -25.48
C GLY B 491 16.21 4.04 -24.71
N TYR B 492 15.60 5.23 -24.56
CA TYR B 492 16.35 6.36 -23.93
C TYR B 492 16.41 6.18 -22.37
N ILE B 493 15.70 5.16 -21.82
CA ILE B 493 15.74 4.89 -20.39
C ILE B 493 16.24 3.49 -20.16
N SER B 494 17.17 3.35 -19.24
CA SER B 494 17.73 2.05 -18.88
C SER B 494 17.29 1.76 -17.41
N VAL B 495 16.58 0.66 -17.13
CA VAL B 495 16.27 0.24 -15.77
C VAL B 495 17.00 -1.05 -15.51
N ASP B 496 17.83 -1.02 -14.45
CA ASP B 496 18.68 -2.18 -14.09
C ASP B 496 19.52 -2.72 -15.29
N GLY B 497 20.01 -1.84 -16.16
CA GLY B 497 20.82 -2.27 -17.31
C GLY B 497 19.99 -2.78 -18.48
N ASN B 498 18.65 -2.71 -18.40
CA ASN B 498 17.82 -3.06 -19.59
C ASN B 498 17.63 -1.75 -20.37
N GLU B 499 18.43 -1.58 -21.43
CA GLU B 499 18.40 -0.37 -22.21
C GLU B 499 17.15 -0.43 -23.13
N GLY B 500 15.94 -0.21 -22.60
CA GLY B 500 14.69 -0.28 -23.42
C GLY B 500 14.31 -1.76 -23.64
N ASP B 501 14.98 -2.44 -24.55
CA ASP B 501 14.82 -3.89 -24.70
C ASP B 501 15.10 -4.59 -23.38
N ARG B 502 14.46 -5.74 -23.20
CA ARG B 502 14.66 -6.64 -22.05
C ARG B 502 15.93 -7.44 -22.26
N ASN B 503 16.82 -7.51 -21.27
CA ASN B 503 17.99 -8.39 -21.41
C ASN B 503 17.59 -9.87 -21.35
N ASN B 504 16.44 -10.18 -20.75
CA ASN B 504 16.00 -11.56 -20.72
C ASN B 504 14.48 -11.64 -20.55
N LEU B 505 13.94 -12.87 -20.52
CA LEU B 505 12.51 -13.03 -20.39
C LEU B 505 12.16 -13.59 -18.99
N THR B 506 13.09 -13.54 -18.03
CA THR B 506 12.88 -14.07 -16.68
C THR B 506 12.13 -13.03 -15.79
N LEU B 507 11.29 -13.48 -14.88
CA LEU B 507 10.55 -12.55 -13.96
C LEU B 507 11.60 -11.65 -13.23
N TRP B 508 11.35 -10.34 -13.13
CA TRP B 508 12.18 -9.42 -12.34
C TRP B 508 11.92 -9.63 -10.85
N LYS B 509 12.76 -8.99 -10.04
CA LYS B 509 12.61 -8.94 -8.56
C LYS B 509 12.36 -10.29 -7.95
N ASN B 510 13.18 -11.27 -8.28
CA ASN B 510 13.16 -12.57 -7.53
C ASN B 510 11.84 -13.34 -7.75
N GLY B 511 11.14 -13.04 -8.87
CA GLY B 511 9.78 -13.54 -9.13
C GLY B 511 9.78 -15.06 -9.04
N ASP B 512 10.69 -15.75 -9.74
CA ASP B 512 10.67 -17.24 -9.69
C ASP B 512 10.83 -17.84 -8.28
N ASN B 513 11.78 -17.30 -7.53
CA ASN B 513 12.02 -17.75 -6.18
C ASN B 513 10.88 -17.40 -5.29
N LEU B 514 10.24 -16.27 -5.55
CA LEU B 514 9.03 -15.96 -4.69
C LEU B 514 7.95 -16.98 -4.88
N ILE B 515 7.67 -17.32 -6.14
CA ILE B 515 6.54 -18.22 -6.44
C ILE B 515 6.93 -19.63 -5.79
N LYS B 516 8.18 -20.05 -5.94
CA LYS B 516 8.62 -21.39 -5.39
C LYS B 516 8.53 -21.40 -3.84
N ALA B 517 8.78 -20.27 -3.22
CA ALA B 517 8.71 -20.18 -1.72
C ALA B 517 7.24 -20.31 -1.29
N ALA B 518 6.36 -19.58 -1.97
CA ALA B 518 4.93 -19.71 -1.74
C ALA B 518 4.45 -21.12 -2.05
N ALA B 519 4.76 -21.63 -3.23
CA ALA B 519 4.14 -22.93 -3.62
C ALA B 519 4.71 -24.11 -2.80
N ASN B 520 5.91 -23.95 -2.22
CA ASN B 520 6.53 -24.97 -1.37
C ASN B 520 5.74 -25.09 -0.06
N ASN B 521 5.01 -24.02 0.27
CA ASN B 521 4.28 -23.94 1.54
C ASN B 521 2.78 -23.80 1.53
N CYS B 522 2.13 -23.72 0.35
CA CYS B 522 0.72 -23.40 0.27
C CYS B 522 0.24 -24.22 -0.94
N ASN B 523 -0.79 -25.01 -0.73
CA ASN B 523 -1.31 -25.95 -1.75
C ASN B 523 -2.34 -25.23 -2.67
N ASN B 524 -2.51 -23.90 -2.50
CA ASN B 524 -3.45 -23.17 -3.37
C ASN B 524 -2.79 -21.80 -3.77
N THR B 525 -1.68 -21.90 -4.52
CA THR B 525 -0.90 -20.82 -4.96
C THR B 525 -1.31 -20.39 -6.33
N ILE B 526 -1.69 -19.10 -6.40
CA ILE B 526 -2.22 -18.53 -7.66
C ILE B 526 -1.29 -17.39 -8.11
N VAL B 527 -0.74 -17.48 -9.34
CA VAL B 527 0.21 -16.50 -9.83
C VAL B 527 -0.45 -15.49 -10.79
N VAL B 528 -0.14 -14.23 -10.54
CA VAL B 528 -0.58 -13.15 -11.38
C VAL B 528 0.68 -12.46 -11.95
N ILE B 529 0.74 -12.40 -13.29
CA ILE B 529 1.86 -11.76 -13.96
C ILE B 529 1.43 -10.44 -14.56
N HIS B 530 2.17 -9.39 -14.21
CA HIS B 530 2.04 -8.12 -15.01
C HIS B 530 3.30 -8.00 -15.83
N SER B 531 3.16 -7.87 -17.16
CA SER B 531 4.36 -7.74 -17.95
C SER B 531 4.09 -7.20 -19.32
N VAL B 532 5.17 -6.75 -19.97
CA VAL B 532 5.14 -6.19 -21.31
C VAL B 532 4.99 -7.27 -22.42
N GLY B 533 5.07 -8.56 -22.09
CA GLY B 533 5.15 -9.59 -23.09
C GLY B 533 5.35 -10.91 -22.38
N PRO B 534 5.78 -11.95 -23.13
CA PRO B 534 5.85 -13.21 -22.43
C PRO B 534 7.04 -13.27 -21.50
N VAL B 535 6.92 -14.14 -20.52
CA VAL B 535 8.03 -14.42 -19.57
C VAL B 535 8.19 -15.92 -19.51
N LEU B 536 9.30 -16.39 -18.95
CA LEU B 536 9.57 -17.83 -18.80
C LEU B 536 8.92 -18.32 -17.51
N VAL B 537 8.06 -19.35 -17.61
CA VAL B 537 7.26 -19.85 -16.46
C VAL B 537 7.72 -21.30 -16.10
N ASP B 538 8.62 -21.82 -16.93
CA ASP B 538 8.97 -23.26 -16.91
C ASP B 538 9.42 -23.73 -15.57
N GLU B 539 10.09 -22.88 -14.75
CA GLU B 539 10.51 -23.36 -13.43
C GLU B 539 9.35 -23.65 -12.43
N TRP B 540 8.13 -23.22 -12.68
CA TRP B 540 7.08 -23.32 -11.63
C TRP B 540 5.68 -23.49 -12.17
N TYR B 541 5.47 -23.38 -13.48
CA TYR B 541 4.06 -23.37 -13.96
C TYR B 541 3.36 -24.68 -13.65
N ASP B 542 4.11 -25.77 -13.66
CA ASP B 542 3.52 -27.10 -13.49
C ASP B 542 3.72 -27.60 -12.05
N HIS B 543 4.13 -26.72 -11.15
CA HIS B 543 4.19 -27.10 -9.74
C HIS B 543 2.83 -27.57 -9.25
N PRO B 544 2.79 -28.69 -8.48
CA PRO B 544 1.46 -29.23 -8.12
C PRO B 544 0.74 -28.27 -7.19
N ASN B 545 1.46 -27.36 -6.51
CA ASN B 545 0.67 -26.46 -5.61
C ASN B 545 0.34 -25.14 -6.32
N VAL B 546 0.82 -25.03 -7.56
CA VAL B 546 0.39 -23.83 -8.35
C VAL B 546 -0.96 -24.16 -9.07
N THR B 547 -2.02 -23.61 -8.53
CA THR B 547 -3.33 -23.91 -8.93
C THR B 547 -3.96 -23.03 -10.01
N ALA B 548 -3.41 -21.84 -10.26
CA ALA B 548 -3.89 -21.02 -11.39
C ALA B 548 -2.86 -20.01 -11.72
N ILE B 549 -2.90 -19.54 -12.96
CA ILE B 549 -1.91 -18.59 -13.41
C ILE B 549 -2.66 -17.64 -14.32
N LEU B 550 -2.40 -16.34 -14.15
CA LEU B 550 -3.09 -15.33 -15.04
C LEU B 550 -2.06 -14.37 -15.54
N TRP B 551 -2.25 -13.88 -16.75
CA TRP B 551 -1.34 -12.79 -17.21
C TRP B 551 -2.23 -11.60 -17.49
N ALA B 552 -1.89 -10.49 -16.83
CA ALA B 552 -2.79 -9.30 -16.90
C ALA B 552 -2.19 -8.13 -17.59
N GLY B 553 -1.02 -8.30 -18.23
CA GLY B 553 -0.49 -7.22 -19.10
C GLY B 553 -0.20 -5.99 -18.26
N LEU B 554 -0.62 -4.82 -18.78
CA LEU B 554 -0.23 -3.49 -18.24
C LEU B 554 -1.55 -2.75 -18.17
N PRO B 555 -2.28 -2.93 -17.05
CA PRO B 555 -3.74 -2.58 -17.05
C PRO B 555 -4.07 -1.12 -16.84
N GLY B 556 -3.09 -0.24 -16.60
CA GLY B 556 -3.50 1.15 -16.41
C GLY B 556 -4.09 1.37 -14.99
N GLN B 557 -4.79 2.50 -14.81
CA GLN B 557 -5.12 3.08 -13.47
C GLN B 557 -6.02 2.21 -12.57
N GLU B 558 -6.85 1.31 -13.18
CA GLU B 558 -7.82 0.55 -12.41
C GLU B 558 -7.32 -0.89 -12.16
N SER B 559 -6.01 -1.11 -12.31
CA SER B 559 -5.41 -2.43 -12.25
C SER B 559 -5.97 -3.39 -11.18
N GLY B 560 -5.98 -2.94 -9.91
CA GLY B 560 -6.34 -3.87 -8.79
C GLY B 560 -7.83 -4.26 -9.02
N ASN B 561 -8.66 -3.30 -9.41
CA ASN B 561 -10.11 -3.55 -9.54
C ASN B 561 -10.39 -4.44 -10.74
N SER B 562 -9.71 -4.18 -11.87
CA SER B 562 -9.85 -5.05 -13.06
C SER B 562 -9.52 -6.51 -12.59
N LEU B 563 -8.41 -6.67 -11.85
CA LEU B 563 -8.03 -8.02 -11.44
C LEU B 563 -9.00 -8.64 -10.41
N ALA B 564 -9.44 -7.86 -9.41
CA ALA B 564 -10.32 -8.44 -8.38
C ALA B 564 -11.67 -8.89 -9.09
N ASP B 565 -12.09 -8.11 -10.08
CA ASP B 565 -13.37 -8.47 -10.78
C ASP B 565 -13.26 -9.90 -11.37
N VAL B 566 -12.08 -10.18 -11.95
CA VAL B 566 -11.80 -11.50 -12.52
C VAL B 566 -11.67 -12.57 -11.38
N LEU B 567 -10.79 -12.33 -10.38
CA LEU B 567 -10.58 -13.32 -9.37
C LEU B 567 -11.87 -13.65 -8.66
N TYR B 568 -12.75 -12.69 -8.42
CA TYR B 568 -13.91 -12.99 -7.57
C TYR B 568 -15.13 -13.28 -8.45
N GLY B 569 -14.91 -13.46 -9.76
CA GLY B 569 -16.03 -13.92 -10.62
C GLY B 569 -17.06 -12.87 -11.06
N ARG B 570 -16.86 -11.59 -10.79
CA ARG B 570 -17.70 -10.58 -11.38
C ARG B 570 -17.52 -10.57 -12.92
N VAL B 571 -16.33 -10.87 -13.39
CA VAL B 571 -16.06 -10.94 -14.82
C VAL B 571 -15.50 -12.34 -15.05
N ASN B 572 -16.07 -13.03 -16.02
CA ASN B 572 -15.61 -14.33 -16.48
C ASN B 572 -14.53 -14.04 -17.56
N PRO B 573 -13.22 -14.38 -17.24
CA PRO B 573 -12.16 -14.06 -18.19
C PRO B 573 -12.40 -14.64 -19.59
N GLY B 574 -12.23 -13.81 -20.63
CA GLY B 574 -12.42 -14.23 -22.03
C GLY B 574 -11.17 -13.96 -22.83
N ALA B 575 -10.20 -13.26 -22.24
CA ALA B 575 -8.99 -12.85 -22.99
C ALA B 575 -8.23 -14.09 -23.46
N LYS B 576 -7.42 -13.92 -24.50
CA LYS B 576 -6.58 -15.00 -25.06
C LYS B 576 -5.18 -14.48 -25.31
N SER B 577 -4.20 -15.36 -25.17
CA SER B 577 -2.82 -14.84 -25.30
C SER B 577 -2.58 -14.30 -26.72
N PRO B 578 -2.04 -13.05 -26.86
CA PRO B 578 -1.77 -12.47 -28.22
C PRO B 578 -0.31 -12.75 -28.70
N PHE B 579 0.39 -13.62 -27.98
CA PHE B 579 1.74 -14.04 -28.40
C PHE B 579 1.95 -15.45 -27.76
N THR B 580 3.13 -16.01 -27.98
CA THR B 580 3.44 -17.35 -27.59
C THR B 580 4.25 -17.31 -26.27
N TRP B 581 3.94 -18.29 -25.38
CA TRP B 581 4.73 -18.51 -24.16
C TRP B 581 5.63 -19.74 -24.36
N GLY B 582 6.92 -19.51 -24.63
CA GLY B 582 7.81 -20.64 -24.96
C GLY B 582 8.54 -21.15 -23.70
N LYS B 583 9.14 -22.35 -23.81
CA LYS B 583 9.95 -22.93 -22.72
C LYS B 583 11.22 -22.19 -22.47
N THR B 584 11.83 -21.62 -23.52
CA THR B 584 13.11 -20.98 -23.37
C THR B 584 13.13 -19.75 -24.30
N ARG B 585 14.07 -18.83 -24.09
CA ARG B 585 14.25 -17.69 -25.03
C ARG B 585 14.62 -18.24 -26.44
N GLU B 586 15.45 -19.28 -26.48
CA GLU B 586 15.91 -19.84 -27.77
C GLU B 586 14.72 -20.28 -28.66
N ALA B 587 13.65 -20.72 -28.03
CA ALA B 587 12.50 -21.23 -28.79
C ALA B 587 11.89 -20.15 -29.68
N TYR B 588 12.09 -18.87 -29.33
CA TYR B 588 11.48 -17.78 -30.17
C TYR B 588 12.43 -17.36 -31.35
N GLY B 589 13.74 -17.72 -31.29
CA GLY B 589 14.72 -17.24 -32.32
C GLY B 589 14.64 -15.72 -32.39
N ASP B 590 14.80 -15.13 -33.58
CA ASP B 590 14.66 -13.68 -33.81
C ASP B 590 15.46 -12.93 -32.69
N TYR B 591 16.77 -13.14 -32.63
CA TYR B 591 17.58 -12.46 -31.58
C TYR B 591 17.76 -10.96 -31.89
N LEU B 592 17.87 -10.16 -30.86
CA LEU B 592 18.02 -8.74 -31.00
C LEU B 592 19.47 -8.58 -31.45
N VAL B 593 19.72 -7.53 -32.20
CA VAL B 593 21.11 -7.17 -32.51
C VAL B 593 21.61 -6.33 -31.32
N ARG B 594 22.62 -6.84 -30.62
CA ARG B 594 23.06 -6.21 -29.33
C ARG B 594 24.54 -5.80 -29.39
N GLU B 595 25.21 -6.11 -30.50
CA GLU B 595 26.61 -5.72 -30.61
C GLU B 595 26.82 -5.14 -31.98
N LEU B 596 27.84 -4.28 -32.13
CA LEU B 596 28.11 -3.69 -33.48
C LEU B 596 28.52 -4.82 -34.44
N ASN B 597 27.95 -4.91 -35.64
CA ASN B 597 28.34 -5.98 -36.54
C ASN B 597 28.78 -5.43 -37.90
N ASN B 598 28.94 -4.11 -38.04
CA ASN B 598 29.33 -3.52 -39.27
C ASN B 598 30.33 -2.41 -38.92
N GLY B 599 31.28 -2.75 -38.02
CA GLY B 599 32.26 -1.79 -37.60
C GLY B 599 31.60 -0.68 -36.82
N ASN B 600 31.98 0.57 -37.16
CA ASN B 600 31.31 1.74 -36.63
C ASN B 600 30.31 2.37 -37.57
N GLY B 601 29.91 1.62 -38.60
CA GLY B 601 28.77 2.04 -39.46
C GLY B 601 27.45 1.59 -38.75
N ALA B 602 26.32 1.75 -39.46
CA ALA B 602 25.06 1.26 -39.02
C ALA B 602 25.07 -0.27 -38.78
N PRO B 603 24.71 -0.74 -37.57
CA PRO B 603 24.49 -2.16 -37.38
C PRO B 603 23.39 -2.64 -38.33
N GLN B 604 23.52 -3.89 -38.78
CA GLN B 604 22.67 -4.41 -39.85
C GLN B 604 21.81 -5.45 -39.19
N ASP B 605 20.49 -5.29 -39.31
CA ASP B 605 19.55 -6.22 -38.64
C ASP B 605 18.89 -7.02 -39.73
N ASP B 606 19.43 -8.18 -40.12
CA ASP B 606 18.81 -8.91 -41.25
C ASP B 606 17.62 -9.72 -40.72
N PHE B 607 16.40 -9.53 -41.27
CA PHE B 607 15.24 -10.27 -40.75
C PHE B 607 15.28 -11.62 -41.50
N SER B 608 16.29 -12.40 -41.20
CA SER B 608 16.54 -13.62 -42.03
C SER B 608 15.55 -14.74 -41.76
N GLU B 609 14.81 -14.71 -40.61
CA GLU B 609 13.69 -15.64 -40.42
C GLU B 609 12.52 -15.39 -41.44
N GLY B 610 12.46 -14.26 -42.15
CA GLY B 610 11.29 -14.02 -43.02
C GLY B 610 10.02 -13.82 -42.15
N VAL B 611 8.92 -14.46 -42.56
CA VAL B 611 7.63 -14.27 -41.83
C VAL B 611 7.62 -15.06 -40.54
N PHE B 612 8.66 -15.86 -40.29
CA PHE B 612 8.56 -16.85 -39.19
C PHE B 612 8.90 -16.30 -37.83
N ILE B 613 7.98 -15.46 -37.28
CA ILE B 613 8.12 -14.85 -35.97
C ILE B 613 6.97 -15.40 -35.10
N ASP B 614 7.24 -15.37 -33.79
CA ASP B 614 6.26 -15.86 -32.77
C ASP B 614 5.68 -17.24 -33.17
N TYR B 615 4.34 -17.41 -33.14
CA TYR B 615 3.84 -18.78 -33.34
C TYR B 615 4.29 -19.41 -34.69
N ARG B 616 4.44 -18.60 -35.72
CA ARG B 616 4.74 -19.12 -37.11
C ARG B 616 6.11 -19.80 -37.01
N GLY B 617 7.02 -19.22 -36.19
CA GLY B 617 8.38 -19.79 -35.95
C GLY B 617 8.34 -21.06 -35.08
N PHE B 618 7.59 -21.03 -33.97
CA PHE B 618 7.42 -22.27 -33.16
C PHE B 618 6.83 -23.39 -34.01
N ASP B 619 5.79 -23.09 -34.81
CA ASP B 619 5.12 -24.16 -35.57
C ASP B 619 6.12 -24.69 -36.60
N LYS B 620 6.86 -23.80 -37.23
CA LYS B 620 7.82 -24.23 -38.28
C LYS B 620 8.91 -25.11 -37.68
N ARG B 621 9.37 -24.82 -36.45
CA ARG B 621 10.38 -25.65 -35.81
C ARG B 621 9.76 -26.88 -35.05
N ASN B 622 8.47 -27.15 -35.25
CA ASN B 622 7.70 -28.12 -34.44
C ASN B 622 8.03 -28.02 -32.94
N GLU B 623 8.19 -26.81 -32.39
CA GLU B 623 8.28 -26.63 -30.92
C GLU B 623 6.89 -26.55 -30.31
N THR B 624 6.75 -27.06 -29.10
CA THR B 624 5.49 -26.99 -28.38
C THR B 624 5.61 -25.86 -27.38
N PRO B 625 4.78 -24.84 -27.56
CA PRO B 625 4.79 -23.81 -26.51
C PRO B 625 4.19 -24.32 -25.16
N ILE B 626 4.54 -23.68 -24.03
CA ILE B 626 3.77 -23.94 -22.79
C ILE B 626 2.31 -23.40 -22.99
N TYR B 627 2.17 -22.16 -23.50
CA TYR B 627 0.84 -21.58 -23.75
C TYR B 627 0.92 -21.01 -25.16
N GLU B 628 0.10 -21.56 -26.08
CA GLU B 628 0.18 -21.17 -27.49
C GLU B 628 -0.53 -19.79 -27.71
N PHE B 629 -0.15 -19.17 -28.81
CA PHE B 629 -0.88 -17.95 -29.31
C PHE B 629 -2.36 -18.31 -29.41
N GLY B 630 -3.23 -17.46 -28.84
CA GLY B 630 -4.66 -17.74 -28.87
C GLY B 630 -5.17 -18.53 -27.68
N HIS B 631 -4.27 -18.92 -26.73
CA HIS B 631 -4.71 -19.72 -25.59
C HIS B 631 -5.26 -18.84 -24.46
N GLY B 632 -6.44 -19.16 -23.95
CA GLY B 632 -6.86 -18.61 -22.67
C GLY B 632 -8.07 -19.41 -22.19
N LEU B 633 -8.18 -19.62 -20.87
CA LEU B 633 -9.31 -20.38 -20.27
C LEU B 633 -10.42 -19.45 -19.89
N SER B 634 -11.54 -20.04 -19.46
CA SER B 634 -12.74 -19.31 -19.09
C SER B 634 -13.31 -20.02 -17.81
N TYR B 635 -14.22 -19.37 -17.08
CA TYR B 635 -14.94 -20.05 -16.06
C TYR B 635 -16.05 -20.94 -16.67
N THR B 636 -16.18 -20.96 -17.99
CA THR B 636 -17.14 -21.92 -18.58
C THR B 636 -16.41 -22.67 -19.68
N THR B 637 -17.09 -23.52 -20.46
CA THR B 637 -16.49 -24.23 -21.57
C THR B 637 -17.29 -23.96 -22.78
N PHE B 638 -16.64 -24.11 -23.96
CA PHE B 638 -17.30 -23.88 -25.24
C PHE B 638 -17.08 -25.06 -26.16
N ASN B 639 -18.01 -25.26 -27.10
CA ASN B 639 -17.93 -26.33 -28.09
C ASN B 639 -18.07 -25.68 -29.48
N TYR B 640 -17.22 -26.10 -30.43
CA TYR B 640 -17.20 -25.60 -31.78
C TYR B 640 -17.57 -26.79 -32.64
N SER B 641 -18.54 -26.64 -33.52
CA SER B 641 -19.01 -27.77 -34.34
C SER B 641 -19.59 -27.22 -35.60
N GLY B 642 -19.88 -28.11 -36.55
CA GLY B 642 -20.71 -27.75 -37.74
C GLY B 642 -20.05 -26.74 -38.68
N LEU B 643 -18.82 -27.02 -39.10
CA LEU B 643 -18.12 -26.17 -40.08
C LEU B 643 -18.85 -26.21 -41.42
N HIS B 644 -19.24 -25.08 -42.01
CA HIS B 644 -19.84 -25.05 -43.36
C HIS B 644 -19.09 -23.99 -44.20
N ILE B 645 -18.80 -24.31 -45.45
CA ILE B 645 -18.01 -23.43 -46.31
C ILE B 645 -18.82 -23.14 -47.57
N GLN B 646 -18.83 -21.91 -48.05
CA GLN B 646 -19.63 -21.59 -49.22
C GLN B 646 -18.80 -20.65 -50.09
N VAL B 647 -18.70 -20.97 -51.38
CA VAL B 647 -18.03 -20.13 -52.36
C VAL B 647 -18.96 -19.01 -52.71
N LEU B 648 -18.48 -17.75 -52.70
CA LEU B 648 -19.31 -16.58 -52.95
C LEU B 648 -19.15 -16.15 -54.45
N ASN B 649 -20.18 -15.53 -55.02
CA ASN B 649 -20.11 -14.99 -56.38
C ASN B 649 -19.00 -13.94 -56.47
N ALA B 657 -8.65 2.75 -62.13
CA ALA B 657 -7.83 3.80 -62.76
C ALA B 657 -6.45 3.22 -63.03
N THR B 658 -5.90 3.46 -64.22
CA THR B 658 -4.57 2.92 -64.54
C THR B 658 -3.46 3.99 -64.55
N GLU B 659 -3.85 5.27 -64.56
CA GLU B 659 -2.94 6.40 -64.54
C GLU B 659 -3.43 7.41 -63.47
N THR B 660 -2.55 8.17 -62.84
CA THR B 660 -2.99 9.28 -61.98
C THR B 660 -3.23 10.58 -62.80
N GLY B 661 -3.78 11.62 -62.20
CA GLY B 661 -3.68 12.99 -62.75
C GLY B 661 -2.24 13.50 -62.68
N ALA B 662 -1.96 14.58 -63.44
CA ALA B 662 -0.70 15.36 -63.24
C ALA B 662 -0.68 15.99 -61.84
N ALA B 663 0.52 16.29 -61.30
CA ALA B 663 0.59 16.88 -59.96
C ALA B 663 0.03 18.34 -60.07
N PRO B 664 -0.92 18.74 -59.21
CA PRO B 664 -1.46 20.09 -59.29
C PRO B 664 -0.64 21.05 -58.44
N THR B 665 -0.71 22.35 -58.75
CA THR B 665 -0.24 23.34 -57.80
C THR B 665 -1.44 24.18 -57.33
N PHE B 666 -1.38 24.65 -56.09
CA PHE B 666 -2.53 25.37 -55.52
C PHE B 666 -2.00 26.73 -55.03
N GLY B 667 -2.47 27.84 -55.62
CA GLY B 667 -1.99 29.14 -55.15
C GLY B 667 -0.66 29.41 -55.86
N GLN B 668 -0.02 30.52 -55.51
CA GLN B 668 1.16 31.03 -56.27
C GLN B 668 2.33 31.26 -55.35
N VAL B 669 3.54 31.17 -55.94
CA VAL B 669 4.79 31.47 -55.26
C VAL B 669 5.35 32.79 -55.85
N GLY B 670 5.75 33.75 -55.01
CA GLY B 670 6.36 35.00 -55.51
C GLY B 670 7.89 35.04 -55.39
N ASN B 671 8.44 36.23 -55.14
CA ASN B 671 9.88 36.48 -55.14
C ASN B 671 10.43 36.18 -53.74
N ALA B 672 11.74 36.00 -53.58
CA ALA B 672 12.30 35.86 -52.22
C ALA B 672 11.78 36.95 -51.27
N SER B 673 11.65 38.17 -51.74
CA SER B 673 11.38 39.27 -50.83
C SER B 673 10.03 39.09 -50.14
N ASP B 674 9.07 38.39 -50.75
CA ASP B 674 7.83 38.07 -50.04
C ASP B 674 7.97 37.20 -48.72
N TYR B 675 9.13 36.57 -48.50
CA TYR B 675 9.28 35.52 -47.47
C TYR B 675 10.39 35.88 -46.46
N VAL B 676 10.80 37.17 -46.43
CA VAL B 676 11.80 37.67 -45.46
C VAL B 676 11.04 37.93 -44.16
N TYR B 677 11.67 37.75 -43.00
CA TYR B 677 10.98 37.92 -41.69
C TYR B 677 10.21 39.24 -41.72
N PRO B 678 8.94 39.25 -41.26
CA PRO B 678 8.24 40.55 -41.25
C PRO B 678 8.85 41.45 -40.21
N GLU B 679 8.80 42.75 -40.48
CA GLU B 679 9.58 43.72 -39.70
C GLU B 679 9.09 43.84 -38.25
N GLY B 680 7.79 43.80 -38.03
CA GLY B 680 7.33 44.02 -36.63
C GLY B 680 7.44 42.76 -35.74
N LEU B 681 8.08 41.70 -36.17
CA LEU B 681 7.87 40.45 -35.44
C LEU B 681 9.06 40.21 -34.53
N THR B 682 8.82 39.97 -33.25
CA THR B 682 9.94 39.55 -32.38
C THR B 682 10.23 38.06 -32.51
N ARG B 683 11.43 37.73 -32.93
CA ARG B 683 11.78 36.33 -33.09
C ARG B 683 12.12 35.69 -31.76
N ILE B 684 11.42 34.65 -31.35
CA ILE B 684 11.71 33.96 -30.10
C ILE B 684 12.95 33.05 -30.32
N SER B 685 13.90 33.02 -29.35
CA SER B 685 15.06 32.20 -29.50
C SER B 685 14.67 30.74 -29.60
N LYS B 686 15.42 30.02 -30.47
CA LYS B 686 15.23 28.58 -30.81
C LYS B 686 13.93 28.30 -31.51
N PHE B 687 13.09 29.34 -31.68
CA PHE B 687 11.79 29.06 -32.43
C PHE B 687 12.06 28.90 -33.94
N ILE B 688 11.45 27.87 -34.56
CA ILE B 688 11.66 27.59 -36.00
C ILE B 688 10.56 28.32 -36.80
N TYR B 689 11.00 29.18 -37.73
CA TYR B 689 10.07 29.97 -38.55
C TYR B 689 10.21 29.56 -40.03
N PRO B 690 9.27 29.99 -40.93
CA PRO B 690 9.33 29.66 -42.36
C PRO B 690 10.17 30.73 -43.20
N TRP B 691 10.58 31.82 -42.58
CA TRP B 691 11.04 33.03 -43.27
C TRP B 691 12.55 33.10 -43.46
N LEU B 692 12.98 34.03 -44.33
CA LEU B 692 14.36 34.14 -44.76
C LEU B 692 14.98 35.38 -44.13
N ASN B 693 16.24 35.31 -43.69
CA ASN B 693 16.81 36.52 -43.17
C ASN B 693 16.87 37.61 -44.25
N SER B 694 17.09 37.20 -45.50
CA SER B 694 17.25 38.21 -46.60
C SER B 694 16.93 37.54 -47.94
N THR B 695 16.98 38.29 -49.06
CA THR B 695 16.66 37.70 -50.40
C THR B 695 17.83 36.87 -50.91
N ASP B 696 18.97 36.91 -50.20
CA ASP B 696 20.12 36.07 -50.56
C ASP B 696 19.82 34.62 -50.00
N LEU B 697 19.46 33.72 -50.91
CA LEU B 697 19.04 32.35 -50.58
C LEU B 697 20.11 31.58 -49.84
N LYS B 698 21.28 31.59 -50.43
CA LYS B 698 22.37 30.90 -49.85
C LYS B 698 22.70 31.37 -48.46
N ALA B 699 22.76 32.68 -48.21
CA ALA B 699 23.24 33.13 -46.89
C ALA B 699 22.08 32.84 -45.91
N SER B 700 20.84 32.87 -46.39
CA SER B 700 19.68 32.71 -45.51
C SER B 700 19.50 31.21 -45.19
N SER B 701 19.95 30.30 -46.08
CA SER B 701 19.93 28.87 -45.74
C SER B 701 20.99 28.54 -44.68
N GLY B 702 22.21 29.10 -44.80
CA GLY B 702 23.26 28.70 -43.85
C GLY B 702 23.76 27.27 -44.12
N ASP B 703 23.31 26.60 -45.20
CA ASP B 703 23.71 25.22 -45.42
C ASP B 703 25.12 25.18 -46.09
N PRO B 704 26.10 24.52 -45.47
CA PRO B 704 27.44 24.39 -46.07
C PRO B 704 27.39 23.69 -47.40
N TYR B 705 26.33 22.90 -47.66
CA TYR B 705 26.21 22.28 -49.01
C TYR B 705 25.35 23.04 -49.98
N TYR B 706 24.89 24.25 -49.60
CA TYR B 706 23.90 24.93 -50.41
C TYR B 706 24.38 25.03 -51.88
N GLY B 707 23.52 24.61 -52.82
CA GLY B 707 23.75 24.81 -54.22
C GLY B 707 24.92 24.02 -54.81
N VAL B 708 25.44 23.01 -54.11
CA VAL B 708 26.57 22.23 -54.57
C VAL B 708 26.15 20.82 -55.01
N ASP B 709 26.41 20.45 -56.27
CA ASP B 709 26.05 19.15 -56.75
C ASP B 709 24.56 18.87 -56.64
N THR B 710 23.75 19.91 -56.64
CA THR B 710 22.32 19.69 -56.35
C THR B 710 21.67 18.63 -57.26
N ALA B 711 21.82 18.70 -58.57
CA ALA B 711 21.11 17.77 -59.42
C ALA B 711 21.60 16.31 -59.25
N GLU B 712 22.84 16.09 -58.86
CA GLU B 712 23.32 14.73 -58.75
C GLU B 712 22.82 14.21 -57.42
N HIS B 713 22.25 15.09 -56.58
CA HIS B 713 21.73 14.59 -55.28
C HIS B 713 20.16 14.46 -55.28
N VAL B 714 19.54 14.66 -56.43
CA VAL B 714 18.10 14.58 -56.61
C VAL B 714 17.87 13.36 -57.48
N PRO B 715 17.24 12.28 -56.93
CA PRO B 715 17.14 11.06 -57.68
C PRO B 715 16.33 11.28 -58.93
N GLU B 716 16.56 10.44 -59.90
CA GLU B 716 15.80 10.56 -61.12
C GLU B 716 14.26 10.37 -60.90
N GLY B 717 13.47 11.23 -61.50
CA GLY B 717 11.99 11.16 -61.40
C GLY B 717 11.48 11.91 -60.14
N ALA B 718 12.34 12.36 -59.25
CA ALA B 718 11.89 13.02 -58.01
C ALA B 718 11.16 14.35 -58.30
N THR B 719 11.37 15.00 -59.46
CA THR B 719 10.66 16.26 -59.67
C THR B 719 9.64 16.03 -60.83
N ASP B 720 9.39 14.78 -61.15
CA ASP B 720 8.43 14.51 -62.29
C ASP B 720 6.95 14.63 -61.87
N GLY B 721 6.28 15.73 -62.22
CA GLY B 721 4.90 15.95 -61.94
C GLY B 721 3.91 15.45 -62.99
N SER B 722 4.34 14.59 -63.92
CA SER B 722 3.37 14.11 -64.95
C SER B 722 2.52 12.94 -64.39
N PRO B 723 1.40 12.58 -65.07
CA PRO B 723 0.60 11.43 -64.70
C PRO B 723 1.48 10.22 -64.50
N GLN B 724 1.16 9.38 -63.49
CA GLN B 724 1.96 8.20 -63.25
C GLN B 724 1.16 6.96 -63.44
N PRO B 725 1.83 5.80 -63.72
CA PRO B 725 1.10 4.53 -63.70
C PRO B 725 0.56 4.22 -62.29
N VAL B 726 -0.62 3.61 -62.25
CA VAL B 726 -1.13 3.04 -60.99
C VAL B 726 -0.56 1.61 -60.81
N LEU B 727 0.06 1.32 -59.67
CA LEU B 727 0.61 -0.01 -59.45
C LEU B 727 -0.52 -1.10 -59.47
N PRO B 728 -0.17 -2.32 -59.95
CA PRO B 728 -1.09 -3.47 -59.97
C PRO B 728 -1.74 -3.66 -58.57
N ALA B 729 -0.93 -3.53 -57.52
CA ALA B 729 -1.46 -3.79 -56.18
C ALA B 729 -2.01 -2.56 -55.49
N GLY B 730 -2.04 -1.38 -56.17
CA GLY B 730 -2.60 -0.10 -55.57
C GLY B 730 -3.92 0.26 -56.24
N GLY B 731 -4.31 1.53 -56.17
CA GLY B 731 -5.52 1.98 -56.84
C GLY B 731 -6.72 2.00 -55.90
N GLY B 732 -6.49 1.82 -54.60
CA GLY B 732 -7.59 1.76 -53.63
C GLY B 732 -7.14 2.30 -52.28
N SER B 733 -7.81 1.97 -51.18
CA SER B 733 -7.31 2.44 -49.86
C SER B 733 -6.88 1.15 -49.13
N GLY B 734 -5.59 0.96 -48.83
CA GLY B 734 -5.15 -0.27 -48.25
C GLY B 734 -4.86 -1.26 -49.38
N GLY B 735 -4.75 -0.72 -50.60
CA GLY B 735 -4.39 -1.61 -51.73
C GLY B 735 -5.59 -1.69 -52.71
N ASN B 736 -5.33 -2.27 -53.88
CA ASN B 736 -6.37 -2.48 -54.96
C ASN B 736 -7.68 -2.97 -54.33
N PRO B 737 -8.84 -2.34 -54.66
CA PRO B 737 -10.15 -2.81 -54.13
C PRO B 737 -10.46 -4.27 -54.33
N ARG B 738 -9.99 -4.90 -55.40
CA ARG B 738 -10.33 -6.31 -55.68
C ARG B 738 -9.69 -7.21 -54.57
N LEU B 739 -8.69 -6.68 -53.84
CA LEU B 739 -8.15 -7.45 -52.75
C LEU B 739 -9.23 -7.70 -51.67
N TYR B 740 -10.24 -6.84 -51.62
CA TYR B 740 -11.22 -6.94 -50.52
C TYR B 740 -12.50 -7.61 -50.88
N ASP B 741 -12.58 -8.14 -52.11
CA ASP B 741 -13.71 -8.96 -52.55
C ASP B 741 -13.78 -10.19 -51.65
N GLU B 742 -14.96 -10.51 -51.20
CA GLU B 742 -15.12 -11.66 -50.32
C GLU B 742 -15.32 -12.92 -51.18
N LEU B 743 -14.51 -13.95 -50.99
CA LEU B 743 -14.50 -15.07 -51.94
C LEU B 743 -15.16 -16.32 -51.36
N ILE B 744 -15.02 -16.50 -50.02
CA ILE B 744 -15.50 -17.71 -49.34
C ILE B 744 -16.15 -17.28 -48.01
N ARG B 745 -17.34 -17.82 -47.74
CA ARG B 745 -17.97 -17.62 -46.44
C ARG B 745 -17.78 -18.89 -45.61
N VAL B 746 -17.38 -18.71 -44.32
CA VAL B 746 -17.14 -19.84 -43.41
C VAL B 746 -18.13 -19.67 -42.21
N SER B 747 -18.78 -20.74 -41.73
CA SER B 747 -19.66 -20.67 -40.55
C SER B 747 -19.37 -21.81 -39.62
N VAL B 748 -19.63 -21.64 -38.31
CA VAL B 748 -19.50 -22.74 -37.35
C VAL B 748 -20.55 -22.42 -36.29
N THR B 749 -20.93 -23.44 -35.54
CA THR B 749 -21.77 -23.26 -34.38
C THR B 749 -20.93 -23.27 -33.13
N VAL B 750 -21.24 -22.33 -32.24
CA VAL B 750 -20.45 -22.19 -31.01
C VAL B 750 -21.44 -22.31 -29.83
N LYS B 751 -21.20 -23.20 -28.85
CA LYS B 751 -22.16 -23.34 -27.75
C LYS B 751 -21.43 -23.16 -26.43
N ASN B 752 -22.03 -22.45 -25.49
CA ASN B 752 -21.49 -22.43 -24.13
C ASN B 752 -22.00 -23.70 -23.42
N THR B 753 -21.11 -24.66 -23.18
CA THR B 753 -21.54 -25.94 -22.58
C THR B 753 -21.28 -26.00 -21.10
N GLY B 754 -20.90 -24.86 -20.49
CA GLY B 754 -20.55 -24.83 -19.03
C GLY B 754 -21.70 -24.19 -18.30
N ARG B 755 -21.40 -23.60 -17.14
CA ARG B 755 -22.45 -23.19 -16.16
C ARG B 755 -22.36 -21.66 -15.92
N VAL B 756 -21.54 -20.96 -16.73
CA VAL B 756 -21.33 -19.50 -16.39
C VAL B 756 -21.43 -18.75 -17.71
N ALA B 757 -22.23 -17.69 -17.78
CA ALA B 757 -22.21 -16.82 -19.02
C ALA B 757 -20.80 -16.35 -19.29
N GLY B 758 -20.45 -16.23 -20.56
CA GLY B 758 -19.14 -15.67 -20.84
C GLY B 758 -18.83 -15.56 -22.30
N ASP B 759 -17.56 -15.25 -22.58
CA ASP B 759 -17.23 -14.96 -23.97
C ASP B 759 -16.38 -16.02 -24.55
N ALA B 760 -16.72 -16.42 -25.77
CA ALA B 760 -15.82 -17.29 -26.58
C ALA B 760 -15.08 -16.42 -27.57
N VAL B 761 -13.85 -16.83 -27.95
CA VAL B 761 -13.08 -16.16 -28.98
C VAL B 761 -12.83 -17.21 -30.04
N PRO B 762 -13.79 -17.42 -30.96
CA PRO B 762 -13.43 -18.36 -32.01
C PRO B 762 -12.35 -17.78 -32.91
N GLN B 763 -11.48 -18.63 -33.46
CA GLN B 763 -10.34 -18.19 -34.27
C GLN B 763 -10.35 -19.01 -35.50
N LEU B 764 -10.21 -18.32 -36.64
CA LEU B 764 -10.15 -19.03 -37.94
C LEU B 764 -8.77 -18.84 -38.50
N TYR B 765 -8.09 -19.94 -38.83
CA TYR B 765 -6.73 -19.92 -39.35
C TYR B 765 -6.86 -20.49 -40.78
N VAL B 766 -5.99 -20.06 -41.69
CA VAL B 766 -5.84 -20.81 -42.98
C VAL B 766 -4.49 -21.38 -43.09
N SER B 767 -4.35 -22.31 -44.03
CA SER B 767 -3.03 -22.85 -44.45
C SER B 767 -3.02 -22.49 -45.92
N LEU B 768 -2.16 -21.54 -46.31
CA LEU B 768 -2.09 -21.16 -47.72
C LEU B 768 -1.33 -22.16 -48.64
N GLY B 769 -0.52 -23.04 -48.05
CA GLY B 769 0.14 -24.14 -48.81
C GLY B 769 1.47 -23.68 -49.42
N GLY B 770 2.30 -24.64 -49.82
CA GLY B 770 3.56 -24.35 -50.52
C GLY B 770 4.68 -24.53 -49.48
N PRO B 771 5.90 -24.78 -49.96
CA PRO B 771 7.03 -25.17 -49.07
C PRO B 771 7.45 -24.03 -48.13
N ASN B 772 7.22 -22.78 -48.46
CA ASN B 772 7.73 -21.76 -47.53
C ASN B 772 6.68 -21.08 -46.63
N GLU B 773 5.44 -21.57 -46.65
CA GLU B 773 4.32 -20.95 -45.95
C GLU B 773 4.21 -21.50 -44.52
N PRO B 774 3.82 -20.64 -43.53
CA PRO B 774 3.53 -21.15 -42.20
C PRO B 774 2.45 -22.25 -42.25
N LYS B 775 2.48 -23.20 -41.31
CA LYS B 775 1.42 -24.26 -41.27
C LYS B 775 0.04 -23.68 -41.12
N VAL B 776 -0.09 -22.70 -40.20
CA VAL B 776 -1.41 -22.00 -40.08
C VAL B 776 -1.15 -20.48 -39.89
N VAL B 777 -2.07 -19.66 -40.36
CA VAL B 777 -2.01 -18.21 -40.11
C VAL B 777 -3.40 -17.73 -39.75
N LEU B 778 -3.52 -16.92 -38.69
CA LEU B 778 -4.83 -16.36 -38.31
C LEU B 778 -5.41 -15.46 -39.45
N ARG B 779 -6.72 -15.57 -39.70
CA ARG B 779 -7.38 -14.64 -40.60
C ARG B 779 -8.56 -13.99 -39.97
N LYS B 780 -9.39 -14.70 -39.18
CA LYS B 780 -10.63 -14.09 -38.62
C LYS B 780 -10.82 -14.45 -37.18
N PHE B 781 -11.57 -13.63 -36.44
CA PHE B 781 -11.81 -13.93 -35.07
C PHE B 781 -12.94 -13.04 -34.67
N ASP B 782 -13.59 -13.38 -33.56
CA ASP B 782 -14.59 -12.48 -32.97
C ASP B 782 -14.65 -12.82 -31.49
N ARG B 783 -15.38 -12.04 -30.71
CA ARG B 783 -15.50 -12.38 -29.31
C ARG B 783 -16.98 -12.38 -29.06
N LEU B 784 -17.56 -13.53 -28.72
CA LEU B 784 -19.01 -13.68 -28.74
C LEU B 784 -19.50 -14.08 -27.31
N THR B 785 -20.48 -13.36 -26.79
CA THR B 785 -21.01 -13.56 -25.49
C THR B 785 -22.14 -14.61 -25.54
N LEU B 786 -22.03 -15.66 -24.74
CA LEU B 786 -23.08 -16.72 -24.72
C LEU B 786 -23.43 -17.02 -23.23
N LYS B 787 -24.72 -17.07 -22.94
CA LYS B 787 -25.16 -17.53 -21.61
C LYS B 787 -24.99 -19.09 -21.58
N PRO B 788 -25.15 -19.71 -20.40
CA PRO B 788 -24.97 -21.19 -20.31
C PRO B 788 -26.01 -21.89 -21.17
N SER B 789 -25.56 -22.89 -21.96
CA SER B 789 -26.33 -23.64 -22.95
C SER B 789 -26.65 -22.88 -24.24
N GLU B 790 -26.38 -21.57 -24.28
CA GLU B 790 -26.76 -20.77 -25.46
C GLU B 790 -25.79 -21.09 -26.56
N GLU B 791 -26.28 -21.09 -27.80
CA GLU B 791 -25.47 -21.27 -28.99
C GLU B 791 -25.66 -20.11 -29.97
N THR B 792 -24.72 -19.99 -30.89
CA THR B 792 -24.87 -18.99 -31.92
C THR B 792 -24.09 -19.53 -33.17
N VAL B 793 -24.50 -19.10 -34.38
CA VAL B 793 -23.66 -19.38 -35.58
C VAL B 793 -22.64 -18.27 -35.78
N TRP B 794 -21.37 -18.58 -35.89
CA TRP B 794 -20.39 -17.48 -36.11
C TRP B 794 -20.14 -17.57 -37.63
N THR B 795 -20.34 -16.48 -38.35
CA THR B 795 -20.04 -16.50 -39.77
C THR B 795 -19.11 -15.45 -40.13
N THR B 796 -18.20 -15.77 -41.05
CA THR B 796 -17.19 -14.82 -41.43
C THR B 796 -16.84 -15.03 -42.95
N THR B 797 -16.07 -14.10 -43.55
CA THR B 797 -15.68 -14.27 -44.97
C THR B 797 -14.15 -14.15 -45.09
N LEU B 798 -13.61 -14.83 -46.11
CA LEU B 798 -12.25 -14.76 -46.55
C LEU B 798 -12.16 -13.90 -47.78
N THR B 799 -11.35 -12.85 -47.70
CA THR B 799 -11.13 -11.95 -48.83
C THR B 799 -10.12 -12.56 -49.80
N ARG B 800 -10.06 -11.98 -51.00
CA ARG B 800 -8.95 -12.27 -51.93
C ARG B 800 -7.59 -12.07 -51.18
N ARG B 801 -7.44 -10.97 -50.50
CA ARG B 801 -6.18 -10.78 -49.77
C ARG B 801 -5.87 -11.87 -48.72
N ASP B 802 -6.88 -12.26 -47.92
CA ASP B 802 -6.75 -13.34 -46.92
C ASP B 802 -6.24 -14.65 -47.50
N LEU B 803 -6.55 -14.94 -48.77
CA LEU B 803 -6.01 -16.19 -49.41
C LEU B 803 -4.75 -16.02 -50.32
N SER B 804 -4.11 -14.85 -50.34
CA SER B 804 -3.05 -14.52 -51.31
C SER B 804 -1.67 -14.54 -50.65
N ASN B 805 -0.63 -14.70 -51.46
CA ASN B 805 0.71 -14.42 -51.04
C ASN B 805 1.25 -13.27 -51.92
N TRP B 806 2.29 -12.61 -51.46
CA TRP B 806 2.80 -11.49 -52.19
C TRP B 806 3.79 -12.07 -53.18
N ASP B 807 3.63 -11.71 -54.43
CA ASP B 807 4.48 -12.34 -55.52
C ASP B 807 5.44 -11.27 -55.98
N VAL B 808 6.71 -11.39 -55.63
CA VAL B 808 7.67 -10.31 -55.91
C VAL B 808 7.88 -10.04 -57.43
N ALA B 809 7.83 -11.10 -58.27
CA ALA B 809 7.86 -11.00 -59.76
C ALA B 809 6.66 -10.17 -60.31
N ALA B 810 5.45 -10.41 -59.81
CA ALA B 810 4.30 -9.63 -60.30
C ALA B 810 4.11 -8.29 -59.57
N GLN B 811 4.81 -8.13 -58.46
CA GLN B 811 4.53 -6.96 -57.68
C GLN B 811 3.03 -6.92 -57.33
N ASP B 812 2.48 -8.06 -56.85
CA ASP B 812 1.05 -8.08 -56.58
C ASP B 812 0.75 -9.31 -55.68
N TRP B 813 -0.42 -9.31 -55.04
CA TRP B 813 -0.93 -10.46 -54.25
C TRP B 813 -1.45 -11.46 -55.23
N VAL B 814 -1.15 -12.73 -55.05
CA VAL B 814 -1.60 -13.74 -55.97
C VAL B 814 -2.13 -14.88 -55.09
N ILE B 815 -3.21 -15.51 -55.54
CA ILE B 815 -3.69 -16.72 -54.84
C ILE B 815 -2.90 -17.89 -55.46
N THR B 816 -1.92 -18.45 -54.74
CA THR B 816 -1.11 -19.48 -55.32
C THR B 816 -1.89 -20.78 -55.63
N SER B 817 -1.38 -21.61 -56.55
CA SER B 817 -2.07 -22.87 -56.87
C SER B 817 -1.96 -23.94 -55.78
N TYR B 818 -1.15 -23.79 -54.74
CA TYR B 818 -1.12 -24.87 -53.74
C TYR B 818 -2.49 -24.97 -53.05
N PRO B 819 -3.00 -26.17 -52.73
CA PRO B 819 -4.34 -26.34 -52.12
C PRO B 819 -4.34 -25.67 -50.75
N LYS B 820 -5.46 -25.05 -50.40
CA LYS B 820 -5.50 -24.30 -49.14
C LYS B 820 -6.43 -25.02 -48.16
N LYS B 821 -6.26 -24.79 -46.86
CA LYS B 821 -7.21 -25.38 -45.88
C LYS B 821 -7.65 -24.32 -44.93
N VAL B 822 -8.79 -24.53 -44.26
CA VAL B 822 -9.32 -23.61 -43.19
C VAL B 822 -9.45 -24.40 -41.88
N HIS B 823 -9.11 -23.77 -40.73
CA HIS B 823 -9.18 -24.42 -39.45
C HIS B 823 -9.92 -23.50 -38.52
N VAL B 824 -10.81 -24.04 -37.68
CA VAL B 824 -11.56 -23.19 -36.71
C VAL B 824 -11.47 -23.84 -35.34
N GLY B 825 -11.15 -23.03 -34.32
CA GLY B 825 -11.18 -23.61 -32.97
C GLY B 825 -10.92 -22.50 -31.96
N SER B 826 -10.26 -22.86 -30.85
CA SER B 826 -10.15 -21.95 -29.65
C SER B 826 -8.72 -21.43 -29.46
N SER B 827 -7.75 -21.91 -30.28
CA SER B 827 -6.37 -21.38 -30.24
C SER B 827 -5.59 -21.85 -31.48
N SER B 828 -4.33 -21.44 -31.59
CA SER B 828 -3.54 -21.82 -32.81
C SER B 828 -3.20 -23.30 -32.76
N ARG B 829 -3.42 -23.95 -31.60
CA ARG B 829 -3.14 -25.39 -31.47
C ARG B 829 -4.34 -26.25 -31.20
N GLN B 830 -5.55 -25.69 -31.01
CA GLN B 830 -6.73 -26.46 -30.62
C GLN B 830 -7.73 -26.11 -31.72
N LEU B 831 -7.67 -26.85 -32.84
CA LEU B 831 -8.47 -26.48 -34.01
C LEU B 831 -9.18 -27.78 -34.42
N PRO B 832 -10.28 -28.10 -33.76
CA PRO B 832 -10.88 -29.39 -34.09
C PRO B 832 -11.62 -29.31 -35.39
N LEU B 833 -11.96 -28.13 -35.93
CA LEU B 833 -12.70 -28.16 -37.21
C LEU B 833 -11.77 -27.76 -38.35
N HIS B 834 -11.75 -28.52 -39.45
CA HIS B 834 -10.89 -28.17 -40.59
C HIS B 834 -11.51 -28.70 -41.86
N ALA B 835 -11.29 -28.02 -42.97
CA ALA B 835 -11.71 -28.48 -44.30
C ALA B 835 -10.71 -27.96 -45.37
N ALA B 836 -10.66 -28.70 -46.48
CA ALA B 836 -10.02 -28.23 -47.71
C ALA B 836 -10.87 -27.05 -48.21
N LEU B 837 -10.26 -25.96 -48.69
CA LEU B 837 -11.03 -24.85 -49.26
C LEU B 837 -11.20 -25.15 -50.75
N PRO B 838 -12.35 -24.79 -51.34
CA PRO B 838 -12.43 -24.95 -52.80
C PRO B 838 -11.50 -23.95 -53.47
N LYS B 839 -11.10 -24.25 -54.70
CA LYS B 839 -10.24 -23.39 -55.49
C LYS B 839 -10.99 -22.11 -55.86
N VAL B 840 -10.36 -20.97 -55.62
CA VAL B 840 -11.00 -19.69 -55.99
C VAL B 840 -9.85 -18.81 -56.52
N GLN B 841 -10.14 -17.69 -57.17
CA GLN B 841 -9.05 -16.85 -57.72
C GLN B 841 -9.40 -15.36 -57.63
#